data_8CIA
#
_entry.id   8CIA
#
_cell.length_a   152.928
_cell.length_b   152.928
_cell.length_c   195.819
_cell.angle_alpha   90.000
_cell.angle_beta   90.000
_cell.angle_gamma   120.000
#
_symmetry.space_group_name_H-M   'P 32 2 1'
#
loop_
_entity.id
_entity.type
_entity.pdbx_description
1 polymer 'Kelch-like protein 20'
2 polymer 'Kelch like family member 20'
3 polymer 'Kelch like family member 20'
#
loop_
_entity_poly.entity_id
_entity_poly.type
_entity_poly.pdbx_seq_one_letter_code
_entity_poly.pdbx_strand_id
1 'polypeptide(L)'
;GHMSMQGPRTRPRKPIRAGEVLFAVGGWASGDAISSVERYDPQTNEWRMVASMSKRRCGVGVSVLDDLLYAVGGHDGSSY
LNSVERYDPKTNQWSSDVAPTSTARTSVGVAVLGGFLYAVGGQDGVSALNIVERYDPKENKWTRVASMSTRRLGVAVAVL
GGFLYAVGGSDGTSPLNTVERYNPQENRWHTIAPMGTRRKHLGCAVYQDMIYAVGGRDDTTELSSAERYNPRTNQWSPVV
AMTSRRSGVGLAVVNGQLMAVGGFDGTTYLKTIEVFDPDANTWRLYGGMNYRRLGGGVGVIKMTHAE
;
A,C,D
2 'polypeptide(L)'
;GHMSMQGPRTRPRKPIRAGEVLFAVGGWASGDAISSVERYDPQTNEWRMVASMSKRRCGVGVSVLDDLLYAVGGHDGSSY
LNSVERYDPKTNQWSSDVAPTSTARTSVGVAVLGGFLYAVGGQDGVSALNIVERYDPKKNKWTRVASMSTRRLGVAVAVL
GGFLYAVGGSDGTSPLNTVERYNPQENRWHTIAPMGTRRKHLGCAVYQDMIYAVGGRDDTTELSSAERYNPRTNQWSPVV
AMTSRRSGVGLAVVNGQLMAVGGFDGTTYLKTIEVFDPDANTWRLYGGMNYRRLGGGVGVIKMTHAE
;
B
3 'polypeptide(L)'
;GHMSMQGPRTRPRKPIRAGEVLFAVGGWASGDAISSVERYDPQTNEWRMVASMSKRRCGVGVSVLDDLLYAVGGHDGSSY
LNSVERYDPKTNQWSSDVAPTSTARTSVGVAVLGGFLYAVGGQDGVSALNIVERYDPKENKWTRVASMSTRRLGVAVAVL
GGFLYAVGGSDGTSPLNTVERYNPEENRWHTIAPMGTRRKHLGCAVYQDMIYAVGGRDDTTELSSAERYNPRTNQWSPVV
AMTSRRSGVGLAVVNGQLMAVGGFDGTTYLKTIEVFDPDANTWRLYGGMNYRRLGGGVGVIKMTHAE
;
E
#
# COMPACT_ATOMS: atom_id res chain seq x y z
N GLY A 19 -22.61 24.77 -8.16
CA GLY A 19 -22.45 23.34 -7.99
C GLY A 19 -21.05 22.82 -8.26
N GLU A 20 -20.21 22.85 -7.24
CA GLU A 20 -18.83 22.42 -7.32
C GLU A 20 -18.55 21.30 -6.32
N VAL A 21 -17.35 20.72 -6.41
CA VAL A 21 -16.88 19.72 -5.47
C VAL A 21 -15.42 20.02 -5.16
N LEU A 22 -15.01 19.72 -3.93
CA LEU A 22 -13.65 19.94 -3.47
C LEU A 22 -12.93 18.59 -3.36
N PHE A 23 -11.84 18.44 -4.10
CA PHE A 23 -10.95 17.29 -3.94
C PHE A 23 -9.86 17.63 -2.93
N ALA A 24 -9.33 16.59 -2.28
CA ALA A 24 -8.30 16.77 -1.28
C ALA A 24 -7.24 15.68 -1.46
N VAL A 25 -5.99 16.10 -1.65
CA VAL A 25 -4.91 15.18 -2.00
C VAL A 25 -3.81 15.38 -0.95
N GLY A 26 -3.90 14.65 0.17
CA GLY A 26 -3.04 14.93 1.31
C GLY A 26 -1.89 13.96 1.43
N GLY A 27 -0.90 14.35 2.24
CA GLY A 27 0.28 13.52 2.40
C GLY A 27 1.02 13.62 3.71
N TRP A 28 0.30 13.69 4.83
CA TRP A 28 0.92 13.70 6.14
C TRP A 28 -0.10 13.16 7.13
N ALA A 29 0.27 12.16 7.92
CA ALA A 29 -0.64 11.57 8.90
C ALA A 29 0.08 10.52 9.74
N SER A 30 -0.21 10.49 11.04
CA SER A 30 0.53 9.65 11.98
C SER A 30 2.03 9.89 11.83
N GLY A 31 2.65 9.27 10.83
CA GLY A 31 4.01 9.56 10.46
C GLY A 31 4.23 9.42 8.97
N ASP A 32 3.62 8.39 8.41
CA ASP A 32 3.79 8.05 7.00
C ASP A 32 3.04 9.03 6.11
N ALA A 33 3.64 9.40 4.98
CA ALA A 33 2.92 10.09 3.93
C ALA A 33 1.73 9.24 3.50
N ILE A 34 0.73 9.90 2.93
CA ILE A 34 -0.45 9.18 2.47
C ILE A 34 -0.71 9.48 1.01
N SER A 35 -1.39 8.55 0.34
CA SER A 35 -1.71 8.66 -1.08
C SER A 35 -3.21 8.59 -1.33
N SER A 36 -4.02 8.58 -0.28
CA SER A 36 -5.46 8.55 -0.44
C SER A 36 -5.98 9.91 -0.86
N VAL A 37 -6.97 9.91 -1.74
CA VAL A 37 -7.59 11.14 -2.24
C VAL A 37 -9.06 11.12 -1.86
N GLU A 38 -9.58 12.30 -1.51
CA GLU A 38 -10.92 12.47 -0.95
C GLU A 38 -11.68 13.51 -1.74
N ARG A 39 -12.99 13.31 -1.85
CA ARG A 39 -13.87 14.23 -2.55
C ARG A 39 -15.03 14.61 -1.64
N TYR A 40 -15.36 15.89 -1.62
CA TYR A 40 -16.54 16.37 -0.89
C TYR A 40 -17.50 16.96 -1.91
N ASP A 41 -18.72 16.43 -1.94
CA ASP A 41 -19.80 17.04 -2.71
C ASP A 41 -20.86 17.57 -1.76
N PRO A 42 -21.21 18.86 -1.83
CA PRO A 42 -22.17 19.41 -0.87
C PRO A 42 -23.57 18.93 -1.09
N GLN A 43 -23.86 18.36 -2.26
CA GLN A 43 -25.16 17.82 -2.61
C GLN A 43 -25.66 16.85 -1.53
N THR A 44 -24.98 15.71 -1.39
CA THR A 44 -25.27 14.80 -0.28
C THR A 44 -24.67 15.28 1.03
N ASN A 45 -23.67 16.17 0.96
CA ASN A 45 -22.83 16.54 2.10
C ASN A 45 -22.17 15.29 2.71
N GLU A 46 -21.31 14.68 1.91
CA GLU A 46 -20.54 13.51 2.32
C GLU A 46 -19.09 13.70 1.90
N TRP A 47 -18.19 13.06 2.63
CA TRP A 47 -16.77 13.06 2.29
C TRP A 47 -16.36 11.66 1.82
N ARG A 48 -16.84 11.28 0.64
CA ARG A 48 -16.55 9.95 0.13
C ARG A 48 -15.26 9.96 -0.67
N MET A 49 -14.57 8.83 -0.63
CA MET A 49 -13.24 8.71 -1.22
C MET A 49 -13.32 8.47 -2.72
N VAL A 50 -12.15 8.61 -3.36
CA VAL A 50 -11.97 8.25 -4.76
C VAL A 50 -10.65 7.49 -4.86
N ALA A 51 -10.24 7.18 -6.09
CA ALA A 51 -9.05 6.38 -6.31
C ALA A 51 -7.83 7.06 -5.72
N SER A 52 -7.11 6.35 -4.86
CA SER A 52 -5.91 6.91 -4.26
C SER A 52 -4.83 7.11 -5.32
N MET A 53 -3.85 7.94 -4.97
CA MET A 53 -2.79 8.27 -5.91
C MET A 53 -1.83 7.11 -6.05
N SER A 54 -1.33 6.91 -7.28
CA SER A 54 -0.47 5.77 -7.55
C SER A 54 0.82 5.81 -6.74
N LYS A 55 1.16 6.94 -6.12
CA LYS A 55 2.28 7.00 -5.19
C LYS A 55 2.03 8.09 -4.16
N ARG A 56 2.36 7.78 -2.91
CA ARG A 56 2.22 8.73 -1.80
C ARG A 56 2.91 10.05 -2.13
N ARG A 57 2.25 11.16 -1.78
CA ARG A 57 2.83 12.47 -1.97
C ARG A 57 2.66 13.29 -0.70
N CYS A 58 3.79 13.70 -0.13
CA CYS A 58 3.87 14.40 1.14
C CYS A 58 4.15 15.88 0.85
N GLY A 59 3.22 16.75 1.22
CA GLY A 59 3.37 18.15 0.88
C GLY A 59 3.15 18.38 -0.59
N VAL A 60 1.95 18.05 -1.06
CA VAL A 60 1.64 18.10 -2.48
C VAL A 60 1.33 19.53 -2.88
N GLY A 61 1.48 19.81 -4.17
CA GLY A 61 0.85 20.95 -4.81
C GLY A 61 -0.17 20.43 -5.80
N VAL A 62 -1.38 20.98 -5.73
CA VAL A 62 -2.43 20.63 -6.69
C VAL A 62 -3.23 21.88 -7.06
N SER A 63 -3.75 21.87 -8.28
CA SER A 63 -4.62 22.91 -8.83
C SER A 63 -5.24 22.38 -10.12
N VAL A 64 -6.57 22.49 -10.26
CA VAL A 64 -7.24 21.91 -11.41
C VAL A 64 -6.92 22.72 -12.67
N LEU A 65 -6.72 22.02 -13.78
CA LEU A 65 -6.44 22.64 -15.07
C LEU A 65 -7.42 22.08 -16.09
N ASP A 66 -8.19 22.98 -16.71
CA ASP A 66 -9.43 22.64 -17.42
C ASP A 66 -10.04 21.32 -16.94
N ASP A 67 -10.44 21.30 -15.66
CA ASP A 67 -11.26 20.24 -15.07
C ASP A 67 -10.53 18.90 -14.95
N LEU A 68 -9.21 18.93 -14.81
CA LEU A 68 -8.43 17.75 -14.47
C LEU A 68 -7.56 18.08 -13.28
N LEU A 69 -7.68 17.30 -12.21
CA LEU A 69 -6.86 17.53 -11.02
C LEU A 69 -5.41 17.16 -11.30
N TYR A 70 -4.50 18.11 -11.09
CA TYR A 70 -3.07 17.86 -11.26
C TYR A 70 -2.42 17.79 -9.89
N ALA A 71 -1.55 16.79 -9.71
CA ALA A 71 -0.83 16.60 -8.46
C ALA A 71 0.67 16.67 -8.75
N VAL A 72 1.29 17.78 -8.36
CA VAL A 72 2.72 17.99 -8.59
C VAL A 72 3.49 17.37 -7.44
N GLY A 73 4.56 16.64 -7.77
CA GLY A 73 5.25 15.76 -6.85
C GLY A 73 5.63 16.26 -5.48
N GLY A 74 5.98 15.32 -4.60
CA GLY A 74 6.42 15.64 -3.26
C GLY A 74 7.02 14.40 -2.64
N HIS A 75 7.40 14.54 -1.36
CA HIS A 75 7.98 13.42 -0.63
C HIS A 75 7.00 12.24 -0.59
N ASP A 76 7.53 11.02 -0.69
CA ASP A 76 6.70 9.83 -0.53
C ASP A 76 7.01 9.10 0.77
N GLY A 77 7.63 9.79 1.71
CA GLY A 77 8.19 9.15 2.88
C GLY A 77 9.69 8.98 2.84
N SER A 78 10.32 9.13 1.67
CA SER A 78 11.77 8.95 1.61
C SER A 78 12.47 9.54 0.39
N SER A 79 11.74 9.97 -0.65
CA SER A 79 12.38 10.23 -1.94
C SER A 79 12.17 11.62 -2.53
N TYR A 80 11.45 12.52 -1.87
CA TYR A 80 11.19 13.86 -2.38
C TYR A 80 10.51 13.90 -3.75
N LEU A 81 11.02 13.14 -4.73
CA LEU A 81 10.22 12.79 -5.91
C LEU A 81 10.05 13.96 -6.89
N ASN A 82 9.91 13.64 -8.18
CA ASN A 82 9.79 14.67 -9.21
C ASN A 82 8.70 14.38 -10.23
N SER A 83 7.90 13.34 -10.04
CA SER A 83 6.89 12.98 -11.02
C SER A 83 5.60 13.75 -10.76
N VAL A 84 4.68 13.63 -11.72
CA VAL A 84 3.41 14.35 -11.67
C VAL A 84 2.30 13.40 -12.09
N GLU A 85 1.14 13.52 -11.44
CA GLU A 85 0.00 12.66 -11.70
C GLU A 85 -1.25 13.52 -11.86
N ARG A 86 -2.01 13.27 -12.92
CA ARG A 86 -3.29 13.93 -13.09
C ARG A 86 -4.44 12.92 -12.95
N TYR A 87 -5.63 13.45 -12.73
CA TYR A 87 -6.79 12.66 -12.34
C TYR A 87 -8.02 13.18 -13.05
N ASP A 88 -8.68 12.31 -13.82
CA ASP A 88 -9.89 12.69 -14.53
C ASP A 88 -11.09 12.44 -13.61
N PRO A 89 -11.75 13.47 -13.09
CA PRO A 89 -12.75 13.25 -12.03
C PRO A 89 -13.98 12.52 -12.51
N LYS A 90 -14.33 12.66 -13.78
CA LYS A 90 -15.55 12.03 -14.28
C LYS A 90 -15.37 10.52 -14.43
N THR A 91 -14.17 10.05 -14.76
CA THR A 91 -13.94 8.62 -14.90
C THR A 91 -13.31 7.99 -13.67
N ASN A 92 -12.87 8.78 -12.70
CA ASN A 92 -12.12 8.29 -11.54
C ASN A 92 -10.91 7.49 -12.00
N GLN A 93 -9.87 8.17 -12.46
CA GLN A 93 -8.68 7.49 -12.96
C GLN A 93 -7.47 8.38 -12.76
N TRP A 94 -6.43 7.81 -12.18
CA TRP A 94 -5.15 8.50 -12.03
C TRP A 94 -4.18 7.99 -13.08
N SER A 95 -3.47 8.91 -13.72
CA SER A 95 -2.49 8.59 -14.76
C SER A 95 -1.17 9.24 -14.42
N SER A 96 -0.12 8.44 -14.24
CA SER A 96 1.23 8.95 -14.05
C SER A 96 1.92 9.28 -15.38
N ASP A 97 1.17 9.69 -16.40
CA ASP A 97 1.71 9.92 -17.74
C ASP A 97 2.24 11.34 -17.96
N VAL A 98 2.01 12.27 -17.04
CA VAL A 98 2.45 13.64 -17.24
C VAL A 98 3.96 13.73 -17.08
N ALA A 99 4.57 14.61 -17.89
CA ALA A 99 6.02 14.71 -17.92
C ALA A 99 6.55 15.14 -16.56
N PRO A 100 7.69 14.59 -16.13
CA PRO A 100 8.23 14.94 -14.80
C PRO A 100 8.66 16.40 -14.68
N THR A 101 9.26 16.76 -13.55
CA THR A 101 9.79 18.09 -13.34
C THR A 101 11.29 18.12 -13.60
N SER A 102 11.84 19.33 -13.63
CA SER A 102 13.27 19.49 -13.83
C SER A 102 14.06 18.87 -12.69
N THR A 103 13.73 19.25 -11.45
CA THR A 103 14.36 18.71 -10.27
C THR A 103 13.28 18.22 -9.31
N ALA A 104 13.66 17.29 -8.43
CA ALA A 104 12.75 16.73 -7.45
C ALA A 104 12.56 17.70 -6.29
N ARG A 105 11.32 18.07 -6.02
CA ARG A 105 11.03 19.07 -5.00
C ARG A 105 9.70 18.75 -4.33
N THR A 106 9.56 19.18 -3.08
CA THR A 106 8.33 18.96 -2.33
C THR A 106 7.96 20.23 -1.58
N SER A 107 6.78 20.20 -0.96
CA SER A 107 6.25 21.34 -0.21
C SER A 107 6.15 22.58 -1.11
N VAL A 108 5.63 22.38 -2.31
CA VAL A 108 5.57 23.40 -3.35
C VAL A 108 4.12 23.68 -3.69
N GLY A 109 3.78 24.96 -3.81
CA GLY A 109 2.47 25.34 -4.28
C GLY A 109 2.41 25.37 -5.80
N VAL A 110 1.23 25.08 -6.34
CA VAL A 110 1.00 25.19 -7.77
C VAL A 110 -0.33 25.87 -8.00
N ALA A 111 -0.45 26.52 -9.14
CA ALA A 111 -1.70 27.14 -9.55
C ALA A 111 -1.79 27.10 -11.07
N VAL A 112 -2.96 27.45 -11.57
CA VAL A 112 -3.25 27.40 -12.99
C VAL A 112 -3.57 28.81 -13.47
N LEU A 113 -3.12 29.12 -14.69
CA LEU A 113 -3.28 30.46 -15.23
C LEU A 113 -3.01 30.48 -16.73
N GLY A 114 -3.99 30.94 -17.51
CA GLY A 114 -3.82 30.99 -18.96
C GLY A 114 -3.58 29.63 -19.56
N GLY A 115 -4.26 28.61 -19.06
CA GLY A 115 -4.13 27.27 -19.60
C GLY A 115 -2.79 26.61 -19.40
N PHE A 116 -1.91 27.19 -18.60
CA PHE A 116 -0.60 26.65 -18.31
C PHE A 116 -0.47 26.37 -16.82
N LEU A 117 0.27 25.30 -16.48
CA LEU A 117 0.45 24.88 -15.10
C LEU A 117 1.77 25.44 -14.57
N TYR A 118 1.69 26.40 -13.66
CA TYR A 118 2.85 26.93 -12.98
C TYR A 118 3.06 26.19 -11.65
N ALA A 119 4.31 25.83 -11.37
CA ALA A 119 4.70 25.19 -10.12
C ALA A 119 5.82 26.02 -9.51
N VAL A 120 5.53 26.74 -8.43
CA VAL A 120 6.48 27.68 -7.85
C VAL A 120 7.60 26.94 -7.14
N GLY A 121 8.35 27.64 -6.30
CA GLY A 121 9.42 27.02 -5.56
C GLY A 121 8.90 26.14 -4.44
N GLY A 122 9.83 25.40 -3.83
CA GLY A 122 9.51 24.56 -2.70
C GLY A 122 10.72 24.19 -1.86
N GLN A 123 10.79 22.93 -1.47
CA GLN A 123 11.91 22.36 -0.72
C GLN A 123 12.39 21.13 -1.46
N ASP A 124 13.71 20.89 -1.45
CA ASP A 124 14.21 19.65 -2.05
C ASP A 124 15.28 19.02 -1.17
N GLY A 125 15.14 19.13 0.14
CA GLY A 125 16.13 18.63 1.06
C GLY A 125 17.44 19.38 1.02
N VAL A 126 17.54 20.47 0.25
CA VAL A 126 18.70 21.33 0.28
C VAL A 126 18.31 22.77 -0.09
N SER A 127 18.41 23.67 0.89
CA SER A 127 18.47 25.11 0.66
C SER A 127 17.22 25.68 0.00
N ALA A 128 16.05 25.17 0.36
CA ALA A 128 14.77 25.70 -0.14
C ALA A 128 14.84 25.70 -1.67
N LEU A 129 14.08 26.59 -2.32
CA LEU A 129 14.11 26.75 -3.77
C LEU A 129 13.29 27.97 -4.17
N ASN A 130 13.78 28.71 -5.15
CA ASN A 130 13.09 29.87 -5.69
C ASN A 130 12.71 29.70 -7.16
N ILE A 131 12.86 28.51 -7.72
CA ILE A 131 12.68 28.32 -9.15
C ILE A 131 11.20 28.12 -9.46
N VAL A 132 10.79 28.52 -10.65
CA VAL A 132 9.40 28.47 -11.07
C VAL A 132 9.35 27.94 -12.50
N GLU A 133 8.62 26.85 -12.72
CA GLU A 133 8.55 26.26 -14.05
C GLU A 133 7.10 26.04 -14.45
N ARG A 134 6.83 26.21 -15.74
CA ARG A 134 5.49 26.16 -16.30
C ARG A 134 5.20 24.75 -16.81
N TYR A 135 4.07 24.56 -17.49
CA TYR A 135 3.73 23.28 -18.09
C TYR A 135 2.74 23.51 -19.23
N ASP A 136 3.08 23.00 -20.40
CA ASP A 136 2.18 23.11 -21.54
C ASP A 136 1.35 21.83 -21.63
N PRO A 137 0.07 21.85 -21.30
CA PRO A 137 -0.72 20.61 -21.37
C PRO A 137 -0.92 20.14 -22.78
N LYS A 138 -0.88 21.06 -23.74
CA LYS A 138 -1.03 20.73 -25.14
C LYS A 138 0.22 20.06 -25.70
N GLU A 139 1.37 20.25 -25.05
CA GLU A 139 2.63 19.71 -25.57
C GLU A 139 3.46 18.91 -24.56
N ASN A 140 3.10 18.90 -23.28
CA ASN A 140 3.82 18.14 -22.25
C ASN A 140 5.29 18.57 -22.12
N LYS A 141 5.63 19.78 -22.56
CA LYS A 141 7.03 20.20 -22.52
C LYS A 141 7.51 20.41 -21.09
N TRP A 142 6.72 21.13 -20.30
CA TRP A 142 7.10 21.44 -18.92
C TRP A 142 8.40 22.24 -18.91
N THR A 143 8.30 23.55 -19.18
CA THR A 143 9.44 24.44 -19.33
C THR A 143 9.50 25.44 -18.18
N ARG A 144 10.72 25.93 -17.89
CA ARG A 144 10.94 26.78 -16.73
C ARG A 144 10.94 28.25 -17.10
N VAL A 145 10.23 29.07 -16.31
CA VAL A 145 10.21 30.52 -16.50
C VAL A 145 11.13 31.19 -15.49
N ALA A 146 10.81 32.44 -15.14
CA ALA A 146 11.71 33.25 -14.31
C ALA A 146 11.69 32.77 -12.87
N SER A 147 12.87 32.47 -12.33
CA SER A 147 13.00 32.15 -10.91
C SER A 147 12.49 33.31 -10.08
N MET A 148 12.24 33.03 -8.80
CA MET A 148 11.33 33.86 -8.03
C MET A 148 12.01 35.03 -7.32
N SER A 149 13.26 34.87 -6.89
CA SER A 149 13.94 35.77 -5.94
C SER A 149 13.28 35.64 -4.58
N THR A 150 14.09 35.49 -3.53
CA THR A 150 13.66 35.03 -2.22
C THR A 150 13.11 33.60 -2.32
N ARG A 151 13.91 32.64 -1.88
CA ARG A 151 13.51 31.24 -1.90
C ARG A 151 12.26 31.05 -1.05
N ARG A 152 11.36 30.16 -1.51
CA ARG A 152 10.09 29.94 -0.83
C ARG A 152 9.76 28.46 -0.82
N LEU A 153 9.83 27.85 0.36
CA LEU A 153 9.29 26.52 0.60
C LEU A 153 8.03 26.65 1.43
N GLY A 154 7.09 25.73 1.25
CA GLY A 154 5.84 25.79 1.98
C GLY A 154 5.04 27.04 1.68
N VAL A 155 5.20 27.58 0.48
CA VAL A 155 4.43 28.73 0.06
C VAL A 155 3.07 28.26 -0.45
N ALA A 156 2.04 29.07 -0.22
CA ALA A 156 0.78 28.89 -0.92
C ALA A 156 0.65 29.98 -1.97
N VAL A 157 -0.11 29.68 -3.02
CA VAL A 157 -0.25 30.57 -4.15
C VAL A 157 -1.74 30.84 -4.38
N ALA A 158 -1.99 31.81 -5.25
CA ALA A 158 -3.33 32.21 -5.67
C ALA A 158 -3.17 33.09 -6.89
N VAL A 159 -4.27 33.32 -7.59
CA VAL A 159 -4.27 34.08 -8.84
C VAL A 159 -5.44 35.04 -8.81
N LEU A 160 -5.15 36.33 -8.96
CA LEU A 160 -6.18 37.35 -9.02
C LEU A 160 -5.85 38.33 -10.13
N GLY A 161 -6.79 38.52 -11.05
CA GLY A 161 -6.58 39.40 -12.18
C GLY A 161 -5.56 38.86 -13.17
N GLY A 162 -5.68 37.59 -13.54
CA GLY A 162 -4.70 36.96 -14.41
C GLY A 162 -3.28 37.12 -13.92
N PHE A 163 -3.09 37.18 -12.60
CA PHE A 163 -1.80 37.58 -12.04
C PHE A 163 -1.47 36.61 -10.91
N LEU A 164 -0.35 35.88 -11.05
CA LEU A 164 -0.03 34.76 -10.17
C LEU A 164 0.75 35.23 -8.94
N TYR A 165 0.13 35.10 -7.76
CA TYR A 165 0.72 35.61 -6.52
C TYR A 165 1.38 34.47 -5.77
N ALA A 166 2.55 34.74 -5.20
CA ALA A 166 3.23 33.82 -4.29
C ALA A 166 3.25 34.44 -2.90
N VAL A 167 2.56 33.80 -1.97
CA VAL A 167 2.26 34.39 -0.66
C VAL A 167 3.08 33.67 0.40
N GLY A 168 3.94 34.42 1.08
CA GLY A 168 4.64 33.93 2.26
C GLY A 168 5.60 32.79 1.99
N GLY A 169 5.63 31.85 2.93
CA GLY A 169 6.52 30.71 2.85
C GLY A 169 7.73 30.87 3.75
N SER A 170 8.69 29.97 3.55
CA SER A 170 9.94 29.99 4.31
C SER A 170 11.12 30.00 3.35
N ASP A 171 12.09 30.89 3.61
CA ASP A 171 13.37 30.82 2.91
C ASP A 171 14.23 29.75 3.56
N GLY A 172 15.54 29.82 3.37
CA GLY A 172 16.41 28.82 3.95
C GLY A 172 16.43 28.80 5.47
N THR A 173 15.98 29.87 6.13
CA THR A 173 16.21 30.01 7.58
C THR A 173 15.01 30.47 8.39
N SER A 174 14.10 31.29 7.87
CA SER A 174 13.01 31.84 8.67
C SER A 174 11.76 31.96 7.83
N PRO A 175 10.58 31.99 8.46
CA PRO A 175 9.36 32.15 7.69
C PRO A 175 9.13 33.59 7.29
N LEU A 176 8.46 33.75 6.14
CA LEU A 176 8.40 35.03 5.45
C LEU A 176 7.04 35.69 5.62
N ASN A 177 7.03 37.03 5.57
CA ASN A 177 5.80 37.79 5.42
C ASN A 177 5.67 38.45 4.06
N THR A 178 6.69 38.37 3.22
CA THR A 178 6.74 39.05 1.94
C THR A 178 5.91 38.30 0.89
N VAL A 179 5.45 39.05 -0.11
CA VAL A 179 4.59 38.52 -1.17
C VAL A 179 5.13 38.98 -2.52
N GLU A 180 5.25 38.05 -3.46
CA GLU A 180 5.71 38.35 -4.81
C GLU A 180 4.65 37.92 -5.82
N ARG A 181 4.31 38.82 -6.73
CA ARG A 181 3.32 38.57 -7.76
C ARG A 181 3.99 38.50 -9.13
N TYR A 182 3.38 37.77 -10.06
CA TYR A 182 4.02 37.41 -11.31
C TYR A 182 3.13 37.74 -12.50
N ASN A 183 3.72 38.38 -13.52
CA ASN A 183 3.01 38.68 -14.76
C ASN A 183 3.50 37.73 -15.85
N PRO A 184 2.66 36.80 -16.31
CA PRO A 184 3.12 35.81 -17.30
C PRO A 184 3.63 36.44 -18.58
N GLN A 185 3.01 37.53 -19.03
CA GLN A 185 3.34 38.08 -20.33
C GLN A 185 4.72 38.72 -20.33
N GLU A 186 5.08 39.43 -19.25
CA GLU A 186 6.41 40.03 -19.17
C GLU A 186 7.43 39.11 -18.50
N ASN A 187 6.99 37.97 -17.95
CA ASN A 187 7.89 36.97 -17.36
C ASN A 187 8.90 37.59 -16.39
N ARG A 188 8.37 38.15 -15.31
CA ARG A 188 9.22 38.68 -14.26
C ARG A 188 8.39 38.85 -13.00
N TRP A 189 9.08 38.85 -11.86
CA TRP A 189 8.45 38.91 -10.56
C TRP A 189 8.50 40.33 -10.01
N HIS A 190 7.44 40.70 -9.30
CA HIS A 190 7.34 42.03 -8.69
C HIS A 190 6.86 41.87 -7.25
N THR A 191 7.76 42.11 -6.31
CA THR A 191 7.38 42.09 -4.91
C THR A 191 6.30 43.13 -4.63
N ILE A 192 5.32 42.75 -3.79
CA ILE A 192 4.26 43.66 -3.38
C ILE A 192 4.13 43.63 -1.86
N ALA A 193 2.98 44.09 -1.36
CA ALA A 193 2.80 44.41 0.06
C ALA A 193 3.09 43.22 0.97
N PRO A 194 4.03 43.34 1.92
CA PRO A 194 4.24 42.26 2.88
C PRO A 194 3.00 42.00 3.72
N MET A 195 2.86 40.76 4.16
CA MET A 195 1.77 40.39 5.04
C MET A 195 1.98 40.99 6.42
N GLY A 196 0.97 40.81 7.28
CA GLY A 196 1.11 41.22 8.66
C GLY A 196 2.12 40.38 9.41
N THR A 197 1.87 39.07 9.51
CA THR A 197 2.71 38.15 10.26
C THR A 197 3.42 37.18 9.32
N ARG A 198 4.57 36.68 9.79
CA ARG A 198 5.33 35.70 9.03
C ARG A 198 4.60 34.36 9.04
N ARG A 199 4.47 33.73 7.87
CA ARG A 199 3.63 32.54 7.73
C ARG A 199 4.28 31.56 6.77
N LYS A 200 4.63 30.38 7.25
CA LYS A 200 5.07 29.27 6.41
C LYS A 200 4.04 28.15 6.49
N HIS A 201 3.79 27.51 5.35
CA HIS A 201 2.75 26.49 5.23
C HIS A 201 1.37 27.08 5.56
N LEU A 202 0.99 28.09 4.79
CA LEU A 202 -0.29 28.73 4.96
C LEU A 202 -1.24 28.23 3.86
N GLY A 203 -2.42 28.82 3.78
CA GLY A 203 -3.38 28.47 2.74
C GLY A 203 -4.00 29.72 2.14
N CYS A 204 -4.27 29.64 0.84
CA CYS A 204 -4.79 30.78 0.11
C CYS A 204 -5.84 30.37 -0.90
N ALA A 205 -6.85 31.23 -1.07
CA ALA A 205 -7.70 31.21 -2.26
C ALA A 205 -8.11 32.65 -2.56
N VAL A 206 -9.09 32.80 -3.45
CA VAL A 206 -9.39 34.10 -4.04
C VAL A 206 -10.83 34.51 -3.77
N TYR A 207 -11.29 34.30 -2.54
CA TYR A 207 -12.66 34.65 -2.16
C TYR A 207 -12.91 36.14 -2.34
N GLN A 208 -14.11 36.46 -2.83
CA GLN A 208 -14.65 37.82 -2.75
C GLN A 208 -13.72 38.83 -3.43
N ASP A 209 -13.13 38.41 -4.56
CA ASP A 209 -12.22 39.25 -5.35
C ASP A 209 -11.09 39.85 -4.52
N MET A 210 -10.74 39.18 -3.43
CA MET A 210 -9.54 39.49 -2.67
C MET A 210 -8.82 38.19 -2.39
N ILE A 211 -7.57 38.29 -1.95
CA ILE A 211 -6.74 37.12 -1.67
C ILE A 211 -6.73 36.92 -0.16
N TYR A 212 -7.34 35.83 0.29
CA TYR A 212 -7.34 35.48 1.70
C TYR A 212 -6.22 34.49 1.95
N ALA A 213 -5.50 34.69 3.05
CA ALA A 213 -4.47 33.77 3.51
C ALA A 213 -4.72 33.47 4.98
N VAL A 214 -4.75 32.20 5.34
CA VAL A 214 -5.03 31.78 6.71
C VAL A 214 -3.99 30.78 7.17
N GLY A 215 -3.90 30.64 8.49
CA GLY A 215 -3.11 29.63 9.15
C GLY A 215 -1.63 29.64 8.78
N GLY A 216 -0.98 28.57 9.19
CA GLY A 216 0.45 28.41 9.01
C GLY A 216 1.17 28.36 10.34
N ARG A 217 2.49 28.43 10.25
CA ARG A 217 3.38 28.44 11.40
C ARG A 217 4.32 29.62 11.24
N ASP A 218 4.39 30.48 12.27
CA ASP A 218 5.34 31.58 12.18
C ASP A 218 6.70 31.12 12.71
N ASP A 219 7.48 32.06 13.25
CA ASP A 219 8.82 31.74 13.74
C ASP A 219 8.77 30.78 14.93
N THR A 220 7.62 30.70 15.61
CA THR A 220 7.47 29.82 16.77
C THR A 220 6.41 28.74 16.55
N THR A 221 5.14 29.09 16.75
CA THR A 221 4.06 28.11 16.87
C THR A 221 3.03 28.28 15.76
N GLU A 222 2.32 27.19 15.44
CA GLU A 222 1.14 27.20 14.59
C GLU A 222 0.21 28.33 15.01
N LEU A 223 -0.71 28.71 14.13
CA LEU A 223 -1.48 29.92 14.38
C LEU A 223 -2.77 29.89 13.59
N SER A 224 -3.72 30.74 14.00
CA SER A 224 -5.06 30.75 13.42
C SER A 224 -5.46 32.08 12.82
N SER A 225 -4.61 33.11 12.89
CA SER A 225 -4.99 34.40 12.33
C SER A 225 -5.18 34.29 10.82
N ALA A 226 -5.79 35.31 10.22
CA ALA A 226 -6.04 35.33 8.79
C ALA A 226 -5.91 36.76 8.27
N GLU A 227 -5.57 36.88 6.99
CA GLU A 227 -5.39 38.18 6.36
C GLU A 227 -5.98 38.16 4.96
N ARG A 228 -6.45 39.32 4.52
CA ARG A 228 -6.93 39.52 3.16
C ARG A 228 -6.10 40.60 2.49
N TYR A 229 -5.78 40.41 1.22
CA TYR A 229 -5.02 41.39 0.46
C TYR A 229 -5.92 42.02 -0.58
N ASN A 230 -5.98 43.36 -0.58
CA ASN A 230 -6.85 44.06 -1.52
C ASN A 230 -6.06 44.31 -2.80
N PRO A 231 -6.42 43.66 -3.92
CA PRO A 231 -5.64 43.85 -5.15
C PRO A 231 -5.64 45.27 -5.65
N ARG A 232 -6.62 46.07 -5.22
CA ARG A 232 -6.83 47.38 -5.80
C ARG A 232 -6.32 48.51 -4.91
N THR A 233 -6.02 48.22 -3.65
CA THR A 233 -5.31 49.16 -2.79
C THR A 233 -3.88 48.73 -2.51
N ASN A 234 -3.51 47.49 -2.83
CA ASN A 234 -2.17 46.95 -2.57
C ASN A 234 -1.82 47.02 -1.08
N GLN A 235 -2.68 46.46 -0.24
CA GLN A 235 -2.40 46.45 1.19
C GLN A 235 -3.17 45.30 1.84
N TRP A 236 -2.50 44.63 2.77
CA TRP A 236 -3.10 43.52 3.49
C TRP A 236 -3.95 44.02 4.65
N SER A 237 -5.09 43.36 4.86
CA SER A 237 -6.01 43.73 5.92
C SER A 237 -6.22 42.53 6.84
N PRO A 238 -5.91 42.64 8.12
CA PRO A 238 -6.19 41.53 9.06
C PRO A 238 -7.62 41.04 8.96
N VAL A 239 -7.81 39.73 9.13
CA VAL A 239 -9.12 39.10 9.07
C VAL A 239 -9.33 38.29 10.35
N VAL A 240 -10.60 38.08 10.71
CA VAL A 240 -10.98 37.30 11.88
C VAL A 240 -10.28 35.95 11.84
N ALA A 241 -9.98 35.40 13.00
CA ALA A 241 -9.17 34.19 13.10
C ALA A 241 -10.04 32.94 13.12
N MET A 242 -9.39 31.80 12.91
CA MET A 242 -10.07 30.51 12.79
C MET A 242 -10.38 29.95 14.19
N THR A 243 -11.06 28.80 14.22
CA THR A 243 -11.41 28.17 15.49
C THR A 243 -10.17 27.62 16.19
N SER A 244 -9.38 26.82 15.48
CA SER A 244 -8.13 26.28 16.02
C SER A 244 -6.97 26.66 15.11
N ARG A 245 -5.77 26.69 15.70
CA ARG A 245 -4.57 26.88 14.90
C ARG A 245 -4.51 25.82 13.81
N ARG A 246 -4.07 26.20 12.62
CA ARG A 246 -4.09 25.26 11.50
C ARG A 246 -2.88 25.55 10.60
N SER A 247 -1.79 24.84 10.86
CA SER A 247 -0.59 24.95 10.03
C SER A 247 -0.59 23.87 8.97
N GLY A 248 0.06 24.16 7.84
CA GLY A 248 0.12 23.23 6.73
C GLY A 248 -1.25 22.88 6.20
N VAL A 249 -2.09 23.88 5.96
CA VAL A 249 -3.46 23.67 5.55
C VAL A 249 -3.62 24.02 4.07
N GLY A 250 -4.81 23.77 3.56
CA GLY A 250 -5.20 24.24 2.26
C GLY A 250 -6.44 25.10 2.41
N LEU A 251 -6.74 25.90 1.39
CA LEU A 251 -7.92 26.74 1.42
C LEU A 251 -8.42 26.89 -0.01
N ALA A 252 -9.72 26.69 -0.20
CA ALA A 252 -10.32 26.83 -1.51
C ALA A 252 -11.76 27.29 -1.33
N VAL A 253 -12.28 27.98 -2.34
CA VAL A 253 -13.65 28.45 -2.34
C VAL A 253 -14.48 27.47 -3.17
N VAL A 254 -15.51 26.90 -2.55
CA VAL A 254 -16.37 25.90 -3.18
C VAL A 254 -17.75 26.50 -3.34
N ASN A 255 -18.33 26.30 -4.54
CA ASN A 255 -19.58 26.89 -5.02
C ASN A 255 -20.11 28.04 -4.15
N GLY A 256 -19.24 28.97 -3.78
CA GLY A 256 -19.65 30.14 -3.04
C GLY A 256 -18.90 30.41 -1.75
N GLN A 257 -18.57 29.36 -1.01
CA GLN A 257 -18.13 29.48 0.37
C GLN A 257 -16.62 29.23 0.48
N LEU A 258 -15.94 30.04 1.30
CA LEU A 258 -14.54 29.82 1.58
C LEU A 258 -14.38 28.82 2.72
N MET A 259 -13.50 27.85 2.54
CA MET A 259 -13.19 26.93 3.62
C MET A 259 -11.72 26.52 3.61
N ALA A 260 -11.16 26.37 4.80
CA ALA A 260 -9.84 25.80 5.00
C ALA A 260 -9.99 24.35 5.42
N VAL A 261 -8.96 23.54 5.13
CA VAL A 261 -9.02 22.11 5.38
C VAL A 261 -7.80 21.64 6.15
N GLY A 262 -8.00 20.61 6.98
CA GLY A 262 -6.93 19.86 7.62
C GLY A 262 -5.91 20.68 8.38
N GLY A 263 -4.71 20.13 8.54
CA GLY A 263 -3.58 20.84 9.11
C GLY A 263 -3.16 20.29 10.46
N PHE A 264 -2.36 21.10 11.16
CA PHE A 264 -1.79 20.77 12.45
C PHE A 264 -2.07 21.92 13.41
N ASP A 265 -2.06 21.62 14.71
CA ASP A 265 -2.29 22.67 15.70
C ASP A 265 -1.45 22.48 16.96
N GLY A 266 -0.31 21.79 16.87
CA GLY A 266 0.52 21.58 18.03
C GLY A 266 0.11 20.43 18.90
N THR A 267 -0.84 19.60 18.46
CA THR A 267 -1.21 18.39 19.18
C THR A 267 -1.40 17.22 18.22
N THR A 268 -2.40 17.30 17.34
CA THR A 268 -2.71 16.19 16.45
C THR A 268 -2.99 16.70 15.04
N TYR A 269 -2.85 15.79 14.08
CA TYR A 269 -3.24 16.05 12.70
C TYR A 269 -4.75 16.28 12.64
N LEU A 270 -5.16 17.29 11.87
CA LEU A 270 -6.55 17.68 11.81
C LEU A 270 -7.24 17.04 10.60
N LYS A 271 -8.53 16.78 10.74
CA LYS A 271 -9.34 16.33 9.62
C LYS A 271 -10.59 17.17 9.45
N THR A 272 -10.75 18.22 10.24
CA THR A 272 -11.94 19.07 10.22
C THR A 272 -11.72 20.28 9.30
N ILE A 273 -12.83 20.88 8.88
CA ILE A 273 -12.80 22.07 8.04
C ILE A 273 -13.62 23.17 8.68
N GLU A 274 -13.26 24.41 8.39
CA GLU A 274 -14.02 25.57 8.83
C GLU A 274 -14.39 26.39 7.62
N VAL A 275 -15.56 27.03 7.68
CA VAL A 275 -16.09 27.83 6.58
C VAL A 275 -16.28 29.26 7.08
N PHE A 276 -15.87 30.23 6.25
CA PHE A 276 -16.03 31.64 6.58
C PHE A 276 -17.46 32.09 6.25
N ASP A 277 -18.15 32.63 7.25
CA ASP A 277 -19.39 33.34 7.01
C ASP A 277 -19.12 34.83 7.05
N PRO A 278 -19.13 35.53 5.91
CA PRO A 278 -18.82 36.96 5.95
C PRO A 278 -19.89 37.78 6.64
N ASP A 279 -21.17 37.48 6.41
CA ASP A 279 -22.24 38.26 7.00
C ASP A 279 -22.21 38.16 8.52
N ALA A 280 -21.71 37.05 9.07
CA ALA A 280 -21.55 36.89 10.51
C ALA A 280 -20.12 37.13 10.96
N ASN A 281 -19.17 37.25 10.03
CA ASN A 281 -17.75 37.51 10.32
C ASN A 281 -17.22 36.57 11.39
N THR A 282 -17.26 35.27 11.07
CA THR A 282 -16.71 34.25 11.95
C THR A 282 -16.50 32.98 11.13
N TRP A 283 -15.90 31.97 11.76
CA TRP A 283 -15.69 30.66 11.17
C TRP A 283 -16.56 29.63 11.87
N ARG A 284 -17.15 28.73 11.09
CA ARG A 284 -17.98 27.67 11.63
C ARG A 284 -17.36 26.32 11.31
N LEU A 285 -17.05 25.55 12.35
CA LEU A 285 -16.52 24.21 12.17
C LEU A 285 -17.57 23.31 11.55
N TYR A 286 -17.20 22.59 10.50
CA TYR A 286 -18.06 21.55 9.96
C TYR A 286 -17.46 20.18 10.28
N GLY A 287 -18.15 19.13 9.82
CA GLY A 287 -17.78 17.78 10.21
C GLY A 287 -16.37 17.42 9.81
N GLY A 288 -15.97 17.77 8.59
CA GLY A 288 -14.63 17.51 8.13
C GLY A 288 -14.51 16.17 7.43
N MET A 289 -13.31 15.94 6.90
CA MET A 289 -13.01 14.82 6.03
C MET A 289 -12.64 13.59 6.86
N ASN A 290 -12.40 12.46 6.17
CA ASN A 290 -12.10 11.23 6.89
C ASN A 290 -10.63 11.19 7.32
N TYR A 291 -9.73 11.23 6.35
CA TYR A 291 -8.31 11.24 6.65
C TYR A 291 -7.92 12.51 7.39
N ARG A 292 -7.00 12.37 8.34
CA ARG A 292 -6.38 13.53 8.97
C ARG A 292 -5.21 13.98 8.08
N ARG A 293 -5.35 15.16 7.48
CA ARG A 293 -4.44 15.63 6.44
C ARG A 293 -3.62 16.80 6.96
N LEU A 294 -2.31 16.67 6.89
CA LEU A 294 -1.41 17.80 7.05
C LEU A 294 -0.73 18.05 5.71
N GLY A 295 -0.47 19.34 5.42
CA GLY A 295 0.18 19.73 4.18
C GLY A 295 -0.38 19.05 2.95
N GLY A 296 -1.70 19.08 2.79
CA GLY A 296 -2.32 18.37 1.69
C GLY A 296 -3.11 19.27 0.77
N GLY A 297 -2.74 19.28 -0.51
CA GLY A 297 -3.37 20.16 -1.47
C GLY A 297 -4.86 19.90 -1.62
N VAL A 298 -5.53 20.88 -2.24
CA VAL A 298 -6.95 20.80 -2.56
C VAL A 298 -7.18 21.27 -3.99
N GLY A 299 -8.18 20.68 -4.64
CA GLY A 299 -8.64 21.14 -5.93
C GLY A 299 -10.15 21.27 -5.94
N VAL A 300 -10.64 22.09 -6.85
CA VAL A 300 -12.07 22.38 -6.97
C VAL A 300 -12.47 22.21 -8.44
N ILE A 301 -13.59 21.52 -8.68
CA ILE A 301 -14.07 21.26 -10.03
C ILE A 301 -15.59 21.46 -10.07
N LYS A 302 -16.08 21.94 -11.23
CA LYS A 302 -17.50 22.16 -11.43
C LYS A 302 -18.08 21.03 -12.29
N MET A 303 -19.10 20.35 -11.75
CA MET A 303 -19.75 19.25 -12.47
C MET A 303 -21.25 19.23 -12.20
N GLY B 19 26.35 16.52 6.76
CA GLY B 19 26.47 17.07 8.10
C GLY B 19 25.92 16.15 9.17
N GLU B 20 25.34 16.73 10.22
CA GLU B 20 24.72 16.01 11.33
C GLU B 20 23.26 16.43 11.43
N VAL B 21 22.38 15.49 11.76
CA VAL B 21 20.96 15.79 11.98
C VAL B 21 20.50 15.14 13.28
N LEU B 22 19.49 15.74 13.88
CA LEU B 22 19.00 15.35 15.20
C LEU B 22 17.60 14.80 15.11
N PHE B 23 17.30 13.79 15.92
CA PHE B 23 15.99 13.16 16.00
C PHE B 23 15.45 13.28 17.43
N ALA B 24 14.14 13.51 17.54
CA ALA B 24 13.42 13.45 18.79
C ALA B 24 12.40 12.32 18.71
N VAL B 25 12.30 11.53 19.77
CA VAL B 25 11.48 10.33 19.76
C VAL B 25 10.71 10.23 21.07
N GLY B 26 9.47 9.76 20.98
CA GLY B 26 8.72 9.43 22.18
C GLY B 26 8.39 10.65 23.03
N GLY B 27 8.00 10.37 24.27
CA GLY B 27 7.69 11.39 25.25
C GLY B 27 6.21 11.41 25.58
N TRP B 28 5.83 12.41 26.37
CA TRP B 28 4.46 12.60 26.82
C TRP B 28 3.93 13.95 26.37
N ALA B 29 2.65 14.00 25.98
CA ALA B 29 2.04 15.24 25.52
C ALA B 29 0.53 15.15 25.73
N SER B 30 0.06 15.68 26.86
CA SER B 30 -1.36 15.80 27.17
C SER B 30 -2.08 14.45 27.04
N GLY B 31 -1.82 13.60 28.02
CA GLY B 31 -2.57 12.36 28.16
C GLY B 31 -2.30 11.30 27.13
N ASP B 32 -1.26 11.44 26.32
CA ASP B 32 -0.91 10.46 25.30
C ASP B 32 0.59 10.24 25.31
N ALA B 33 1.00 8.98 25.15
CA ALA B 33 2.41 8.69 24.93
C ALA B 33 2.75 8.90 23.46
N ILE B 34 3.93 9.45 23.21
CA ILE B 34 4.30 9.86 21.86
C ILE B 34 4.94 8.69 21.12
N SER B 35 4.30 8.26 20.04
CA SER B 35 4.84 7.25 19.14
C SER B 35 5.45 7.86 17.89
N SER B 36 5.33 9.17 17.72
CA SER B 36 5.80 9.87 16.53
C SER B 36 7.28 10.21 16.66
N VAL B 37 7.92 10.38 15.49
CA VAL B 37 9.33 10.71 15.40
C VAL B 37 9.47 11.86 14.40
N GLU B 38 10.46 12.72 14.63
CA GLU B 38 10.71 13.79 13.68
C GLU B 38 12.18 14.14 13.67
N ARG B 39 12.61 14.73 12.55
CA ARG B 39 14.00 15.04 12.27
C ARG B 39 14.15 16.54 12.04
N TYR B 40 15.30 17.06 12.49
CA TYR B 40 15.70 18.44 12.22
C TYR B 40 16.66 18.46 11.05
N ASP B 41 16.35 19.30 10.06
CA ASP B 41 17.22 19.44 8.89
C ASP B 41 17.95 20.77 9.00
N PRO B 42 19.23 20.78 9.37
CA PRO B 42 19.97 22.05 9.46
C PRO B 42 19.85 22.91 8.22
N GLN B 43 19.81 22.27 7.04
CA GLN B 43 19.68 22.98 5.77
C GLN B 43 18.41 23.81 5.75
N THR B 44 17.26 23.15 5.58
CA THR B 44 15.99 23.87 5.52
C THR B 44 15.68 24.60 6.82
N ASN B 45 16.37 24.26 7.92
CA ASN B 45 16.06 24.75 9.27
C ASN B 45 14.59 24.45 9.62
N GLU B 46 14.14 23.25 9.31
CA GLU B 46 12.76 22.88 9.55
C GLU B 46 12.71 21.46 10.07
N TRP B 47 11.72 21.21 10.94
CA TRP B 47 11.57 19.94 11.65
C TRP B 47 10.66 19.02 10.84
N ARG B 48 11.27 18.26 9.92
CA ARG B 48 10.49 17.37 9.09
C ARG B 48 10.09 16.12 9.86
N MET B 49 8.97 15.52 9.47
CA MET B 49 8.49 14.33 10.15
C MET B 49 9.21 13.08 9.64
N VAL B 50 9.03 12.00 10.37
CA VAL B 50 9.66 10.71 10.10
C VAL B 50 8.64 9.63 10.42
N ALA B 51 8.82 8.45 9.81
CA ALA B 51 7.98 7.30 10.15
C ALA B 51 7.96 7.09 11.66
N SER B 52 6.76 6.90 12.20
CA SER B 52 6.57 6.84 13.64
C SER B 52 6.97 5.49 14.21
N MET B 53 7.20 5.47 15.53
CA MET B 53 7.69 4.29 16.21
C MET B 53 6.66 3.16 16.18
N SER B 54 7.12 1.94 16.50
CA SER B 54 6.20 0.81 16.56
C SER B 54 5.17 1.00 17.67
N LYS B 55 5.57 1.60 18.78
CA LYS B 55 4.75 1.64 19.97
C LYS B 55 4.92 2.98 20.66
N ARG B 56 3.81 3.55 21.14
CA ARG B 56 3.87 4.71 22.01
C ARG B 56 4.86 4.44 23.13
N ARG B 57 5.79 5.37 23.35
CA ARG B 57 6.77 5.18 24.42
C ARG B 57 7.05 6.51 25.13
N CYS B 58 6.73 6.54 26.42
CA CYS B 58 6.95 7.70 27.28
C CYS B 58 8.22 7.49 28.12
N GLY B 59 9.06 8.52 28.18
CA GLY B 59 10.28 8.40 28.96
C GLY B 59 11.30 7.44 28.38
N VAL B 60 11.38 7.35 27.06
CA VAL B 60 12.34 6.51 26.35
C VAL B 60 13.75 6.95 26.72
N GLY B 61 14.73 6.16 26.30
CA GLY B 61 16.12 6.56 26.35
C GLY B 61 16.79 6.11 25.08
N VAL B 62 17.26 7.06 24.26
CA VAL B 62 17.78 6.72 22.93
C VAL B 62 19.18 7.28 22.76
N SER B 63 19.93 6.58 21.93
CA SER B 63 21.26 7.00 21.50
C SER B 63 21.43 6.50 20.07
N VAL B 64 22.69 6.36 19.64
CA VAL B 64 22.94 5.88 18.28
C VAL B 64 24.24 5.09 18.29
N LEU B 65 24.21 3.91 17.66
CA LEU B 65 25.37 3.06 17.48
C LEU B 65 25.55 2.82 15.99
N ASP B 66 26.82 2.80 15.56
CA ASP B 66 27.27 2.95 14.18
C ASP B 66 26.17 3.48 13.25
N ASP B 67 25.71 4.70 13.54
CA ASP B 67 24.80 5.47 12.68
C ASP B 67 23.46 4.77 12.48
N LEU B 68 23.05 3.93 13.43
CA LEU B 68 21.70 3.37 13.49
C LEU B 68 21.05 3.79 14.80
N LEU B 69 19.90 4.45 14.69
CA LEU B 69 19.20 4.96 15.87
C LEU B 69 18.58 3.83 16.68
N TYR B 70 18.80 3.85 17.99
CA TYR B 70 18.22 2.85 18.89
C TYR B 70 17.32 3.53 19.91
N ALA B 71 16.17 2.92 20.18
CA ALA B 71 15.22 3.43 21.18
C ALA B 71 14.98 2.33 22.21
N VAL B 72 15.43 2.57 23.45
CA VAL B 72 15.45 1.55 24.50
C VAL B 72 14.37 1.84 25.54
N GLY B 73 13.82 0.77 26.10
CA GLY B 73 12.88 0.92 27.19
C GLY B 73 11.60 1.60 26.75
N GLY B 74 10.91 2.18 27.73
CA GLY B 74 9.69 2.92 27.44
C GLY B 74 8.47 2.47 28.20
N HIS B 75 7.59 3.42 28.52
CA HIS B 75 6.33 3.18 29.21
C HIS B 75 5.22 3.70 28.31
N ASP B 76 4.42 2.81 27.75
CA ASP B 76 3.43 3.20 26.74
C ASP B 76 2.18 3.82 27.34
N GLY B 77 2.16 4.07 28.63
CA GLY B 77 1.01 4.68 29.29
C GLY B 77 0.20 3.68 30.09
N SER B 78 -0.04 2.50 29.52
CA SER B 78 -0.77 1.45 30.20
C SER B 78 0.15 0.49 30.95
N SER B 79 1.34 0.24 30.40
CA SER B 79 2.30 -0.65 31.05
C SER B 79 3.70 -0.25 30.61
N TYR B 80 4.69 -1.00 31.11
CA TYR B 80 6.08 -0.79 30.73
C TYR B 80 6.38 -1.53 29.44
N LEU B 81 7.63 -1.47 29.00
CA LEU B 81 8.07 -2.25 27.86
C LEU B 81 9.53 -2.67 28.04
N ASN B 82 9.82 -3.90 27.62
CA ASN B 82 11.17 -4.45 27.64
C ASN B 82 11.82 -4.46 26.26
N SER B 83 11.05 -4.50 25.18
CA SER B 83 11.62 -4.62 23.85
C SER B 83 12.02 -3.26 23.30
N VAL B 84 13.01 -3.29 22.42
CA VAL B 84 13.56 -2.08 21.81
C VAL B 84 13.46 -2.22 20.29
N GLU B 85 13.42 -1.07 19.62
CA GLU B 85 13.43 -1.03 18.17
C GLU B 85 14.48 -0.04 17.69
N ARG B 86 15.05 -0.32 16.53
CA ARG B 86 16.03 0.56 15.93
C ARG B 86 15.49 1.14 14.62
N TYR B 87 16.05 2.29 14.25
CA TYR B 87 15.60 3.06 13.09
C TYR B 87 16.78 3.27 12.14
N ASP B 88 16.66 2.76 10.92
CA ASP B 88 17.64 3.04 9.88
C ASP B 88 17.26 4.35 9.21
N PRO B 89 18.14 5.36 9.19
CA PRO B 89 17.72 6.65 8.65
C PRO B 89 17.59 6.64 7.15
N LYS B 90 18.55 6.04 6.44
CA LYS B 90 18.55 6.12 4.99
C LYS B 90 17.28 5.53 4.38
N THR B 91 16.70 4.53 5.03
CA THR B 91 15.48 3.90 4.53
C THR B 91 14.22 4.39 5.23
N ASN B 92 14.34 5.09 6.35
CA ASN B 92 13.19 5.56 7.12
C ASN B 92 12.27 4.38 7.47
N GLN B 93 12.80 3.48 8.29
CA GLN B 93 12.03 2.32 8.72
C GLN B 93 12.38 1.99 10.17
N TRP B 94 11.36 1.65 10.95
CA TRP B 94 11.50 1.25 12.33
C TRP B 94 11.51 -0.27 12.39
N SER B 95 12.65 -0.85 12.72
CA SER B 95 12.85 -2.29 12.57
C SER B 95 12.13 -3.08 13.65
N SER B 96 12.51 -2.86 14.92
CA SER B 96 12.11 -3.72 16.04
C SER B 96 12.65 -5.14 15.89
N ASP B 97 13.84 -5.26 15.31
CA ASP B 97 14.55 -6.54 15.18
C ASP B 97 15.69 -6.67 16.18
N VAL B 98 15.58 -6.03 17.34
CA VAL B 98 16.64 -6.02 18.35
C VAL B 98 16.17 -6.80 19.56
N ALA B 99 17.09 -7.59 20.13
CA ALA B 99 16.76 -8.44 21.27
C ALA B 99 16.25 -7.59 22.43
N PRO B 100 15.10 -7.95 23.02
CA PRO B 100 14.61 -7.22 24.19
C PRO B 100 15.62 -7.18 25.33
N THR B 101 15.27 -6.40 26.35
CA THR B 101 16.07 -6.25 27.54
C THR B 101 15.66 -7.28 28.59
N SER B 102 16.47 -7.38 29.65
CA SER B 102 16.21 -8.36 30.70
C SER B 102 14.92 -8.05 31.43
N THR B 103 14.69 -6.79 31.78
CA THR B 103 13.49 -6.37 32.47
C THR B 103 12.86 -5.18 31.77
N ALA B 104 11.53 -5.15 31.79
CA ALA B 104 10.79 -4.03 31.21
C ALA B 104 10.92 -2.81 32.11
N ARG B 105 11.62 -1.79 31.65
CA ARG B 105 11.85 -0.59 32.44
C ARG B 105 11.79 0.65 31.56
N THR B 106 11.39 1.76 32.18
CA THR B 106 11.35 3.07 31.54
C THR B 106 12.29 4.01 32.29
N SER B 107 12.40 5.24 31.78
CA SER B 107 13.24 6.27 32.39
C SER B 107 14.69 5.80 32.49
N VAL B 108 15.24 5.39 31.35
CA VAL B 108 16.56 4.78 31.27
C VAL B 108 17.51 5.75 30.58
N GLY B 109 18.79 5.66 30.95
CA GLY B 109 19.85 6.34 30.23
C GLY B 109 20.62 5.36 29.36
N VAL B 110 21.05 5.82 28.19
CA VAL B 110 21.75 4.97 27.23
C VAL B 110 22.84 5.78 26.54
N ALA B 111 23.85 5.08 26.06
CA ALA B 111 24.97 5.67 25.33
C ALA B 111 25.78 4.52 24.74
N VAL B 112 26.81 4.87 23.97
CA VAL B 112 27.66 3.87 23.30
C VAL B 112 29.12 4.24 23.52
N LEU B 113 29.98 3.22 23.50
CA LEU B 113 31.42 3.40 23.54
C LEU B 113 32.08 2.07 23.22
N GLY B 114 33.21 2.14 22.50
CA GLY B 114 33.96 0.94 22.17
C GLY B 114 33.17 -0.10 21.41
N GLY B 115 32.18 0.33 20.62
CA GLY B 115 31.31 -0.58 19.91
C GLY B 115 30.17 -1.15 20.73
N PHE B 116 30.12 -0.85 22.03
CA PHE B 116 29.15 -1.44 22.95
C PHE B 116 28.04 -0.45 23.25
N LEU B 117 26.80 -0.92 23.21
CA LEU B 117 25.64 -0.12 23.61
C LEU B 117 25.25 -0.47 25.03
N TYR B 118 25.22 0.53 25.91
CA TYR B 118 24.97 0.35 27.33
C TYR B 118 23.59 0.85 27.68
N ALA B 119 23.02 0.31 28.76
CA ALA B 119 21.69 0.68 29.24
C ALA B 119 21.76 0.82 30.75
N VAL B 120 21.81 2.05 31.23
CA VAL B 120 22.11 2.36 32.62
C VAL B 120 20.83 2.66 33.38
N GLY B 121 20.71 2.06 34.58
CA GLY B 121 19.67 2.42 35.52
C GLY B 121 18.27 2.31 34.96
N GLY B 122 17.29 2.98 35.57
CA GLY B 122 15.94 2.97 35.05
C GLY B 122 14.91 2.98 36.17
N GLN B 123 13.75 2.41 35.86
CA GLN B 123 12.63 2.31 36.80
C GLN B 123 11.95 0.97 36.62
N ASP B 124 11.86 0.21 37.70
CA ASP B 124 11.27 -1.12 37.66
C ASP B 124 9.75 -1.09 37.71
N GLY B 125 9.16 0.05 38.03
CA GLY B 125 7.76 0.10 38.42
C GLY B 125 7.51 -0.34 39.84
N VAL B 126 8.54 -0.85 40.53
CA VAL B 126 8.44 -1.26 41.92
C VAL B 126 9.52 -0.54 42.72
N SER B 127 10.68 -0.33 42.11
CA SER B 127 11.79 0.36 42.76
C SER B 127 12.74 0.88 41.69
N ALA B 128 13.45 1.95 42.04
CA ALA B 128 14.50 2.44 41.15
C ALA B 128 15.54 1.36 40.93
N LEU B 129 16.15 1.37 39.75
CA LEU B 129 17.04 0.30 39.33
C LEU B 129 18.50 0.74 39.35
N ASN B 130 19.37 -0.19 39.73
CA ASN B 130 20.82 0.00 39.73
C ASN B 130 21.51 -1.04 38.86
N ILE B 131 20.79 -1.61 37.90
CA ILE B 131 21.30 -2.67 37.03
C ILE B 131 21.78 -2.06 35.73
N VAL B 132 22.77 -2.71 35.12
CA VAL B 132 23.38 -2.23 33.88
C VAL B 132 23.61 -3.41 32.96
N GLU B 133 22.98 -3.40 31.79
CA GLU B 133 23.17 -4.43 30.79
C GLU B 133 23.60 -3.79 29.47
N ARG B 134 24.67 -4.30 28.87
CA ARG B 134 25.11 -3.83 27.56
C ARG B 134 24.51 -4.68 26.45
N TYR B 135 24.87 -4.34 25.22
CA TYR B 135 24.35 -5.03 24.04
C TYR B 135 25.44 -5.04 22.97
N ASP B 136 25.83 -6.23 22.53
CA ASP B 136 26.78 -6.38 21.45
C ASP B 136 26.02 -6.57 20.14
N PRO B 137 26.14 -5.68 19.17
CA PRO B 137 25.33 -5.82 17.96
C PRO B 137 25.79 -6.94 17.05
N LYS B 138 27.07 -7.31 17.11
CA LYS B 138 27.58 -8.37 16.25
C LYS B 138 27.01 -9.73 16.63
N LYS B 139 26.54 -9.90 17.86
CA LYS B 139 25.86 -11.12 18.29
C LYS B 139 24.45 -10.87 18.79
N ASN B 140 24.02 -9.61 18.88
CA ASN B 140 22.65 -9.25 19.23
C ASN B 140 22.17 -9.96 20.49
N LYS B 141 23.04 -10.03 21.49
CA LYS B 141 22.67 -10.58 22.79
C LYS B 141 22.97 -9.54 23.87
N TRP B 142 22.00 -9.34 24.75
CA TRP B 142 22.14 -8.40 25.87
C TRP B 142 22.89 -9.10 27.00
N THR B 143 24.19 -8.84 27.10
CA THR B 143 25.02 -9.45 28.13
C THR B 143 24.98 -8.57 29.38
N ARG B 144 24.43 -9.11 30.47
CA ARG B 144 24.42 -8.40 31.75
C ARG B 144 25.85 -8.07 32.17
N VAL B 145 26.03 -6.91 32.79
CA VAL B 145 27.34 -6.45 33.23
C VAL B 145 27.19 -5.82 34.61
N ALA B 146 28.33 -5.39 35.17
CA ALA B 146 28.39 -4.87 36.53
C ALA B 146 27.30 -3.84 36.79
N SER B 147 26.64 -3.98 37.94
CA SER B 147 25.52 -3.09 38.28
C SER B 147 26.03 -1.73 38.72
N MET B 148 25.22 -0.98 39.48
CA MET B 148 25.63 0.31 40.00
C MET B 148 25.42 0.34 41.51
N SER B 149 26.15 1.25 42.16
CA SER B 149 26.09 1.38 43.61
C SER B 149 24.75 1.97 44.04
N THR B 150 24.43 3.15 43.55
CA THR B 150 23.17 3.80 43.85
C THR B 150 22.16 3.54 42.74
N ARG B 151 20.89 3.46 43.13
CA ARG B 151 19.82 3.33 42.16
C ARG B 151 19.60 4.68 41.47
N ARG B 152 19.32 4.64 40.16
CA ARG B 152 19.22 5.85 39.37
C ARG B 152 18.00 5.78 38.46
N LEU B 153 16.92 6.44 38.90
CA LEU B 153 15.69 6.56 38.13
C LEU B 153 15.72 7.86 37.35
N GLY B 154 15.40 7.78 36.05
CA GLY B 154 15.46 8.97 35.22
C GLY B 154 16.85 9.57 35.17
N VAL B 155 17.87 8.73 35.03
CA VAL B 155 19.26 9.18 35.01
C VAL B 155 19.58 9.72 33.62
N ALA B 156 20.73 10.39 33.49
CA ALA B 156 21.30 10.74 32.21
C ALA B 156 22.75 10.34 32.19
N VAL B 157 23.25 9.99 31.00
CA VAL B 157 24.57 9.41 30.86
C VAL B 157 25.28 10.02 29.65
N ALA B 158 26.60 10.05 29.69
CA ALA B 158 27.39 10.49 28.55
C ALA B 158 28.70 9.70 28.53
N VAL B 159 29.44 9.87 27.44
CA VAL B 159 30.66 9.11 27.20
C VAL B 159 31.79 10.09 26.86
N LEU B 160 32.94 9.91 27.51
CA LEU B 160 34.08 10.80 27.34
C LEU B 160 35.34 10.13 27.90
N GLY B 161 36.42 10.18 27.12
CA GLY B 161 37.71 9.69 27.59
C GLY B 161 37.75 8.20 27.89
N GLY B 162 36.92 7.42 27.20
CA GLY B 162 36.85 5.98 27.41
C GLY B 162 35.92 5.54 28.51
N PHE B 163 35.59 6.42 29.45
CA PHE B 163 34.72 6.11 30.57
C PHE B 163 33.32 6.66 30.29
N LEU B 164 32.30 5.95 30.73
CA LEU B 164 30.95 6.49 30.71
C LEU B 164 30.59 7.00 32.10
N TYR B 165 29.73 8.01 32.14
CA TYR B 165 29.33 8.66 33.38
C TYR B 165 27.83 8.55 33.54
N ALA B 166 27.37 8.39 34.77
CA ALA B 166 25.95 8.38 35.11
C ALA B 166 25.67 9.56 36.03
N VAL B 167 24.67 10.38 35.68
CA VAL B 167 24.48 11.68 36.31
C VAL B 167 23.10 11.74 36.93
N GLY B 168 23.06 11.87 38.27
CA GLY B 168 21.86 12.32 38.96
C GLY B 168 20.72 11.33 38.89
N GLY B 169 19.52 11.85 38.65
CA GLY B 169 18.32 11.04 38.58
C GLY B 169 17.60 10.95 39.91
N SER B 170 16.90 9.83 40.12
CA SER B 170 16.21 9.55 41.36
C SER B 170 16.50 8.13 41.79
N ASP B 171 16.30 7.83 43.07
CA ASP B 171 16.46 6.48 43.58
C ASP B 171 15.21 6.04 44.32
N GLY B 172 14.04 6.41 43.80
CA GLY B 172 12.77 6.03 44.38
C GLY B 172 12.48 6.65 45.73
N THR B 173 13.31 7.56 46.20
CA THR B 173 13.17 8.20 47.50
C THR B 173 13.32 9.72 47.41
N SER B 174 14.26 10.21 46.62
CA SER B 174 14.58 11.63 46.54
C SER B 174 15.54 11.82 45.37
N PRO B 175 15.64 13.02 44.83
CA PRO B 175 16.61 13.26 43.77
C PRO B 175 18.02 13.25 44.33
N LEU B 176 18.97 12.83 43.49
CA LEU B 176 20.36 12.72 43.88
C LEU B 176 21.24 13.52 42.94
N ASN B 177 22.33 14.07 43.49
CA ASN B 177 23.25 14.91 42.72
C ASN B 177 24.65 14.31 42.68
N THR B 178 24.80 13.05 43.02
CA THR B 178 26.09 12.39 42.88
C THR B 178 26.23 11.78 41.50
N VAL B 179 27.46 11.66 41.04
CA VAL B 179 27.76 11.14 39.71
C VAL B 179 28.70 9.96 39.84
N GLU B 180 28.38 8.87 39.15
CA GLU B 180 29.25 7.73 39.00
C GLU B 180 29.96 7.77 37.66
N ARG B 181 31.08 7.06 37.56
CA ARG B 181 31.69 6.73 36.29
C ARG B 181 31.82 5.22 36.24
N TYR B 182 31.77 4.67 35.03
CA TYR B 182 31.92 3.24 34.84
C TYR B 182 33.10 2.96 33.92
N ASN B 183 33.78 1.84 34.18
CA ASN B 183 34.95 1.45 33.42
C ASN B 183 34.63 0.21 32.60
N PRO B 184 34.81 0.24 31.28
CA PRO B 184 34.63 -0.98 30.50
C PRO B 184 35.74 -1.98 30.78
N GLN B 185 36.99 -1.49 30.78
CA GLN B 185 38.13 -2.39 30.95
C GLN B 185 38.11 -3.06 32.32
N GLU B 186 37.95 -2.28 33.38
CA GLU B 186 38.03 -2.80 34.74
C GLU B 186 36.71 -3.31 35.28
N ASN B 187 35.63 -3.23 34.50
CA ASN B 187 34.32 -3.79 34.88
C ASN B 187 33.83 -3.28 36.23
N ARG B 188 34.46 -2.25 36.78
CA ARG B 188 34.01 -1.66 38.03
C ARG B 188 33.83 -0.16 37.85
N TRP B 189 33.15 0.44 38.82
CA TRP B 189 32.66 1.80 38.71
C TRP B 189 32.70 2.44 40.09
N HIS B 190 33.13 3.70 40.15
CA HIS B 190 33.26 4.41 41.41
C HIS B 190 32.79 5.85 41.25
N THR B 191 32.55 6.50 42.39
CA THR B 191 31.87 7.79 42.42
C THR B 191 32.81 8.91 41.97
N ILE B 192 32.20 9.97 41.42
CA ILE B 192 32.89 11.18 40.96
C ILE B 192 32.27 12.37 41.68
N ALA B 193 33.06 13.46 41.82
CA ALA B 193 32.68 14.72 42.46
C ALA B 193 31.24 15.10 42.14
N PRO B 194 30.41 15.36 43.14
CA PRO B 194 28.97 15.48 42.90
C PRO B 194 28.61 16.82 42.28
N MET B 195 27.34 16.94 41.91
CA MET B 195 26.85 18.13 41.24
C MET B 195 26.36 19.15 42.27
N GLY B 196 26.19 20.38 41.82
CA GLY B 196 25.71 21.43 42.69
C GLY B 196 24.24 21.32 43.04
N THR B 197 23.46 20.61 42.23
CA THR B 197 22.02 20.52 42.45
C THR B 197 21.54 19.10 42.21
N ARG B 198 20.59 18.66 43.03
CA ARG B 198 19.88 17.41 42.77
C ARG B 198 18.96 17.60 41.56
N ARG B 199 19.05 16.69 40.58
CA ARG B 199 18.23 16.79 39.38
C ARG B 199 17.66 15.43 39.00
N LYS B 200 16.33 15.34 39.00
CA LYS B 200 15.62 14.21 38.43
C LYS B 200 15.37 14.47 36.95
N HIS B 201 15.31 13.41 36.15
CA HIS B 201 14.83 13.49 34.76
C HIS B 201 15.71 14.37 33.87
N LEU B 202 16.94 14.68 34.29
CA LEU B 202 17.76 15.67 33.61
C LEU B 202 18.26 15.15 32.26
N GLY B 203 19.06 15.96 31.57
CA GLY B 203 19.66 15.57 30.32
C GLY B 203 21.13 15.96 30.18
N CYS B 204 21.93 15.11 29.54
CA CYS B 204 23.35 15.38 29.37
C CYS B 204 23.85 14.84 28.04
N ALA B 205 25.01 15.36 27.65
CA ALA B 205 25.81 14.88 26.53
C ALA B 205 27.16 15.58 26.60
N VAL B 206 28.15 14.96 25.97
CA VAL B 206 29.49 15.53 25.96
C VAL B 206 29.53 16.74 25.04
N TYR B 207 30.34 17.74 25.42
CA TYR B 207 30.53 18.93 24.61
C TYR B 207 31.87 19.54 24.97
N GLN B 208 32.73 19.75 23.97
CA GLN B 208 34.00 20.44 24.16
C GLN B 208 34.89 19.71 25.17
N ASP B 209 34.86 18.37 25.09
CA ASP B 209 35.61 17.49 25.99
C ASP B 209 35.26 17.74 27.46
N MET B 210 33.98 18.04 27.71
CA MET B 210 33.47 18.35 29.05
C MET B 210 31.99 17.98 29.08
N ILE B 211 31.61 17.10 30.00
CA ILE B 211 30.22 16.67 30.07
C ILE B 211 29.37 17.77 30.68
N TYR B 212 28.34 18.20 29.96
CA TYR B 212 27.45 19.26 30.38
C TYR B 212 26.17 18.62 30.93
N ALA B 213 25.57 19.29 31.91
CA ALA B 213 24.34 18.81 32.53
C ALA B 213 23.37 19.96 32.70
N VAL B 214 22.08 19.68 32.44
CA VAL B 214 21.05 20.71 32.41
C VAL B 214 19.73 20.16 32.94
N GLY B 215 18.86 21.08 33.35
CA GLY B 215 17.46 20.90 33.74
C GLY B 215 17.11 19.77 34.71
N GLY B 216 15.79 19.53 34.80
CA GLY B 216 15.25 18.47 35.62
C GLY B 216 14.37 18.94 36.76
N ARG B 217 14.30 18.16 37.84
CA ARG B 217 13.57 18.53 39.06
C ARG B 217 14.48 18.36 40.28
N ASP B 218 14.41 19.33 41.18
CA ASP B 218 15.18 19.30 42.43
C ASP B 218 14.27 19.02 43.62
N ASP B 219 13.36 18.06 43.47
CA ASP B 219 12.39 17.71 44.50
C ASP B 219 11.36 18.83 44.71
N THR B 220 11.83 20.08 44.75
CA THR B 220 10.97 21.22 45.07
C THR B 220 10.19 21.69 43.84
N THR B 221 10.90 22.23 42.86
CA THR B 221 10.31 22.70 41.61
C THR B 221 11.13 22.14 40.44
N GLU B 222 10.70 22.49 39.24
CA GLU B 222 11.43 22.09 38.05
C GLU B 222 12.61 23.01 37.84
N LEU B 223 13.63 22.50 37.16
CA LEU B 223 14.92 23.14 37.15
C LEU B 223 15.19 23.78 35.79
N SER B 224 16.08 24.78 35.79
CA SER B 224 16.53 25.44 34.56
C SER B 224 18.02 25.71 34.53
N SER B 225 18.71 25.77 35.66
CA SER B 225 20.14 26.03 35.71
C SER B 225 20.91 24.89 35.02
N ALA B 226 22.22 25.08 34.88
CA ALA B 226 23.02 24.08 34.20
C ALA B 226 24.45 24.10 34.75
N GLU B 227 25.14 22.98 34.57
CA GLU B 227 26.48 22.78 35.12
C GLU B 227 27.31 21.98 34.13
N ARG B 228 28.62 22.20 34.16
CA ARG B 228 29.56 21.48 33.32
C ARG B 228 30.66 20.86 34.17
N TYR B 229 31.08 19.66 33.80
CA TYR B 229 32.07 18.90 34.56
C TYR B 229 33.36 18.78 33.76
N ASN B 230 34.44 19.27 34.36
CA ASN B 230 35.78 19.11 33.79
C ASN B 230 36.36 17.79 34.28
N PRO B 231 36.70 16.85 33.39
CA PRO B 231 37.24 15.57 33.87
C PRO B 231 38.62 15.68 34.48
N ARG B 232 39.46 16.59 34.00
CA ARG B 232 40.80 16.73 34.56
C ARG B 232 40.75 17.28 35.98
N THR B 233 40.17 18.47 36.17
CA THR B 233 40.11 19.03 37.52
C THR B 233 39.13 18.28 38.42
N ASN B 234 38.29 17.41 37.86
CA ASN B 234 37.32 16.65 38.65
C ASN B 234 36.46 17.57 39.50
N GLN B 235 36.04 18.70 38.91
CA GLN B 235 35.23 19.67 39.61
C GLN B 235 34.09 20.15 38.72
N TRP B 236 32.91 20.27 39.31
CA TRP B 236 31.71 20.71 38.60
C TRP B 236 31.66 22.23 38.55
N SER B 237 31.83 22.77 37.36
CA SER B 237 31.70 24.22 37.24
C SER B 237 30.28 24.58 36.82
N PRO B 238 29.69 25.62 37.41
CA PRO B 238 28.36 26.04 36.96
C PRO B 238 28.47 26.73 35.62
N VAL B 239 27.42 26.58 34.81
CA VAL B 239 27.39 27.16 33.47
C VAL B 239 26.10 27.96 33.31
N VAL B 240 26.08 28.81 32.29
CA VAL B 240 25.02 29.76 32.00
C VAL B 240 23.65 29.12 32.09
N ALA B 241 22.66 29.86 32.54
CA ALA B 241 21.34 29.29 32.78
C ALA B 241 20.52 29.22 31.49
N MET B 242 19.55 28.31 31.49
CA MET B 242 18.59 28.15 30.41
C MET B 242 17.55 29.26 30.43
N THR B 243 16.81 29.39 29.32
CA THR B 243 15.79 30.41 29.18
C THR B 243 14.46 30.02 29.79
N SER B 244 14.12 28.73 29.78
CA SER B 244 12.93 28.25 30.45
C SER B 244 13.27 27.00 31.25
N ARG B 245 12.49 26.76 32.31
CA ARG B 245 12.65 25.53 33.08
C ARG B 245 12.31 24.33 32.21
N ARG B 246 13.19 23.34 32.22
CA ARG B 246 13.00 22.13 31.42
C ARG B 246 13.30 20.92 32.31
N SER B 247 12.34 20.01 32.43
CA SER B 247 12.46 18.89 33.35
C SER B 247 12.71 17.57 32.64
N GLY B 248 11.93 17.23 31.61
CA GLY B 248 12.17 16.01 30.85
C GLY B 248 13.04 16.27 29.64
N VAL B 249 14.27 16.72 29.88
CA VAL B 249 15.10 17.33 28.85
C VAL B 249 15.77 16.26 28.02
N GLY B 250 15.89 16.53 26.72
CA GLY B 250 16.83 15.84 25.87
C GLY B 250 17.92 16.80 25.44
N LEU B 251 19.18 16.47 25.71
CA LEU B 251 20.28 17.33 25.34
C LEU B 251 21.28 16.52 24.51
N ALA B 252 21.78 17.14 23.44
CA ALA B 252 22.73 16.51 22.54
C ALA B 252 23.44 17.63 21.78
N VAL B 253 24.44 17.25 20.98
CA VAL B 253 25.22 18.20 20.21
C VAL B 253 25.09 17.83 18.74
N VAL B 254 24.80 18.83 17.91
CA VAL B 254 24.67 18.65 16.46
C VAL B 254 25.53 19.70 15.78
N ASN B 255 26.34 19.26 14.80
CA ASN B 255 27.08 20.15 13.94
C ASN B 255 27.97 21.13 14.71
N GLY B 256 28.16 20.88 16.01
CA GLY B 256 29.07 21.65 16.83
C GLY B 256 28.42 22.51 17.89
N GLN B 257 27.11 22.71 17.81
CA GLN B 257 26.38 23.52 18.79
C GLN B 257 25.59 22.62 19.73
N LEU B 258 25.55 22.99 21.01
CA LEU B 258 24.89 22.18 22.02
C LEU B 258 23.43 22.59 22.12
N MET B 259 22.53 21.63 21.94
CA MET B 259 21.09 21.87 21.88
C MET B 259 20.41 21.14 23.02
N ALA B 260 19.29 21.70 23.49
CA ALA B 260 18.42 21.03 24.46
C ALA B 260 16.98 21.15 23.99
N VAL B 261 16.20 20.10 24.23
CA VAL B 261 14.94 19.90 23.53
C VAL B 261 13.80 19.71 24.53
N GLY B 262 12.64 20.25 24.20
CA GLY B 262 11.40 19.91 24.89
C GLY B 262 11.46 20.07 26.40
N GLY B 263 10.83 19.13 27.10
CA GLY B 263 10.84 19.08 28.55
C GLY B 263 9.53 19.53 29.16
N PHE B 264 9.62 19.97 30.41
CA PHE B 264 8.48 20.51 31.14
C PHE B 264 8.94 21.73 31.94
N ASP B 265 8.10 22.78 31.98
CA ASP B 265 8.44 23.98 32.72
C ASP B 265 7.61 24.23 33.96
N GLY B 266 6.51 23.50 34.14
CA GLY B 266 5.61 23.73 35.26
C GLY B 266 4.24 24.18 34.87
N THR B 267 4.02 24.45 33.58
CA THR B 267 2.70 24.85 33.11
C THR B 267 2.19 23.90 32.04
N THR B 268 2.87 23.79 30.90
CA THR B 268 2.53 22.80 29.88
C THR B 268 3.80 22.16 29.38
N TYR B 269 3.63 21.07 28.61
CA TYR B 269 4.77 20.35 28.07
C TYR B 269 5.43 21.18 26.97
N LEU B 270 6.75 21.28 27.03
CA LEU B 270 7.48 22.15 26.13
C LEU B 270 7.77 21.48 24.80
N LYS B 271 7.72 22.26 23.72
CA LYS B 271 8.22 21.83 22.43
C LYS B 271 9.35 22.70 21.91
N THR B 272 9.65 23.80 22.59
CA THR B 272 10.70 24.70 22.17
C THR B 272 12.07 24.12 22.52
N ILE B 273 13.04 24.41 21.66
CA ILE B 273 14.41 23.99 21.85
C ILE B 273 15.27 25.24 21.99
N GLU B 274 16.48 25.06 22.53
CA GLU B 274 17.36 26.20 22.66
C GLU B 274 18.81 25.76 22.60
N VAL B 275 19.65 26.62 22.02
CA VAL B 275 21.03 26.31 21.66
C VAL B 275 21.97 27.04 22.61
N PHE B 276 23.07 26.38 22.94
CA PHE B 276 24.10 26.99 23.78
C PHE B 276 24.86 28.01 22.95
N ASP B 277 24.67 29.29 23.24
CA ASP B 277 25.45 30.33 22.61
C ASP B 277 26.38 30.89 23.67
N PRO B 278 27.53 30.25 23.91
CA PRO B 278 28.42 30.75 24.96
C PRO B 278 29.01 32.11 24.63
N ASP B 279 29.30 32.37 23.36
CA ASP B 279 29.88 33.65 22.97
C ASP B 279 28.98 34.82 23.33
N ALA B 280 27.68 34.59 23.52
CA ALA B 280 26.73 35.62 23.88
C ALA B 280 26.24 35.51 25.32
N ASN B 281 26.73 34.52 26.06
CA ASN B 281 26.36 34.31 27.47
C ASN B 281 24.84 34.15 27.62
N THR B 282 24.22 33.46 26.66
CA THR B 282 22.79 33.23 26.66
C THR B 282 22.52 31.92 25.93
N TRP B 283 21.43 31.26 26.31
CA TRP B 283 20.91 30.15 25.54
C TRP B 283 19.91 30.74 24.55
N ARG B 284 20.26 30.73 23.26
CA ARG B 284 19.38 31.26 22.23
C ARG B 284 18.18 30.33 22.07
N LEU B 285 16.98 30.84 22.38
CA LEU B 285 15.76 30.04 22.33
C LEU B 285 15.09 30.21 20.97
N TYR B 286 14.69 29.09 20.37
CA TYR B 286 14.07 29.06 19.06
C TYR B 286 12.67 28.45 19.16
N GLY B 287 11.93 28.54 18.05
CA GLY B 287 10.54 28.08 18.05
C GLY B 287 10.41 26.63 18.49
N GLY B 288 11.27 25.77 17.96
CA GLY B 288 11.29 24.39 18.41
C GLY B 288 10.63 23.39 17.48
N MET B 289 10.17 22.29 18.05
CA MET B 289 9.73 21.12 17.31
C MET B 289 8.29 21.30 16.82
N ASN B 290 7.79 20.26 16.13
CA ASN B 290 6.36 20.17 15.83
C ASN B 290 5.61 19.67 17.06
N TYR B 291 5.87 18.43 17.43
CA TYR B 291 5.24 17.81 18.57
C TYR B 291 5.81 18.38 19.87
N ARG B 292 5.00 18.32 20.92
CA ARG B 292 5.45 18.63 22.27
C ARG B 292 5.96 17.36 22.93
N ARG B 293 7.17 17.41 23.47
CA ARG B 293 7.84 16.20 23.94
C ARG B 293 8.40 16.38 25.35
N LEU B 294 7.75 15.72 26.30
CA LEU B 294 8.22 15.63 27.68
C LEU B 294 8.88 14.29 27.91
N GLY B 295 10.16 14.31 28.27
CA GLY B 295 10.87 13.06 28.49
C GLY B 295 11.13 12.26 27.24
N GLY B 296 11.19 12.91 26.08
CA GLY B 296 11.53 12.23 24.85
C GLY B 296 13.04 12.26 24.65
N GLY B 297 13.62 11.09 24.42
CA GLY B 297 15.03 11.01 24.14
C GLY B 297 15.39 11.57 22.77
N VAL B 298 16.68 11.89 22.61
CA VAL B 298 17.17 12.49 21.38
C VAL B 298 18.46 11.80 20.96
N GLY B 299 18.63 11.70 19.64
CA GLY B 299 19.84 11.13 19.07
C GLY B 299 20.22 11.88 17.81
N VAL B 300 21.50 11.81 17.48
CA VAL B 300 22.07 12.54 16.34
C VAL B 300 22.96 11.60 15.54
N ILE B 301 22.92 11.74 14.21
CA ILE B 301 23.63 10.87 13.27
C ILE B 301 24.28 11.72 12.20
N LYS B 302 24.95 11.07 11.25
CA LYS B 302 25.51 11.75 10.07
C LYS B 302 24.77 11.32 8.82
N MET B 303 24.28 12.29 8.06
CA MET B 303 23.52 12.04 6.83
C MET B 303 22.26 11.21 7.11
N ARG C 17 -24.39 -21.85 21.16
CA ARG C 17 -25.76 -21.87 20.65
C ARG C 17 -25.78 -21.99 19.13
N ALA C 18 -26.19 -23.16 18.63
CA ALA C 18 -26.34 -23.44 17.20
C ALA C 18 -25.03 -23.37 16.43
N GLY C 19 -25.11 -23.43 15.10
CA GLY C 19 -23.94 -23.34 14.26
C GLY C 19 -24.22 -22.60 12.97
N GLU C 20 -23.79 -21.34 12.91
CA GLU C 20 -24.00 -20.49 11.75
C GLU C 20 -22.73 -19.71 11.44
N VAL C 21 -22.50 -19.44 10.16
CA VAL C 21 -21.34 -18.67 9.72
C VAL C 21 -21.82 -17.36 9.09
N LEU C 22 -20.91 -16.40 9.02
CA LEU C 22 -21.20 -15.11 8.42
C LEU C 22 -20.30 -14.87 7.21
N PHE C 23 -20.71 -13.91 6.39
CA PHE C 23 -19.95 -13.48 5.23
C PHE C 23 -19.74 -11.98 5.28
N ALA C 24 -18.59 -11.54 4.81
CA ALA C 24 -18.31 -10.13 4.58
C ALA C 24 -18.28 -9.89 3.08
N VAL C 25 -18.84 -8.78 2.63
CA VAL C 25 -19.00 -8.56 1.20
C VAL C 25 -18.94 -7.07 0.89
N GLY C 26 -18.04 -6.71 -0.04
CA GLY C 26 -18.02 -5.37 -0.61
C GLY C 26 -17.32 -4.35 0.27
N GLY C 27 -17.51 -3.09 -0.11
CA GLY C 27 -17.04 -1.96 0.67
C GLY C 27 -15.94 -1.19 -0.05
N TRP C 28 -15.32 -0.29 0.71
CA TRP C 28 -14.18 0.50 0.25
C TRP C 28 -12.89 0.02 0.89
N ALA C 29 -11.79 0.21 0.16
CA ALA C 29 -10.47 -0.10 0.70
C ALA C 29 -9.36 0.47 -0.17
N SER C 30 -8.53 1.33 0.41
CA SER C 30 -7.25 1.73 -0.18
C SER C 30 -7.43 2.38 -1.55
N GLY C 31 -8.56 3.02 -1.79
CA GLY C 31 -8.78 3.73 -3.03
C GLY C 31 -9.43 2.92 -4.14
N ASP C 32 -9.99 1.75 -3.83
CA ASP C 32 -10.73 0.95 -4.79
C ASP C 32 -11.96 0.37 -4.11
N ALA C 33 -13.00 0.10 -4.89
CA ALA C 33 -14.17 -0.57 -4.35
C ALA C 33 -13.88 -2.06 -4.23
N ILE C 34 -14.60 -2.72 -3.33
CA ILE C 34 -14.35 -4.12 -3.00
C ILE C 34 -15.32 -5.01 -3.76
N SER C 35 -14.79 -6.06 -4.37
CA SER C 35 -15.61 -7.09 -4.98
C SER C 35 -15.47 -8.44 -4.31
N SER C 36 -14.52 -8.58 -3.38
CA SER C 36 -14.26 -9.87 -2.76
C SER C 36 -15.26 -10.20 -1.67
N VAL C 37 -15.46 -11.50 -1.42
CA VAL C 37 -16.39 -11.99 -0.40
C VAL C 37 -15.63 -12.91 0.55
N GLU C 38 -15.82 -12.70 1.84
CA GLU C 38 -15.04 -13.36 2.88
C GLU C 38 -15.95 -14.18 3.79
N ARG C 39 -15.59 -15.46 3.99
CA ARG C 39 -16.33 -16.36 4.85
C ARG C 39 -15.53 -16.61 6.12
N TYR C 40 -16.23 -16.67 7.25
CA TYR C 40 -15.65 -17.09 8.52
C TYR C 40 -16.40 -18.31 9.03
N ASP C 41 -15.73 -19.46 9.02
CA ASP C 41 -16.33 -20.62 9.67
C ASP C 41 -15.74 -20.77 11.07
N PRO C 42 -16.58 -20.95 12.09
CA PRO C 42 -16.05 -21.05 13.46
C PRO C 42 -15.26 -22.32 13.72
N GLN C 43 -15.37 -23.32 12.83
CA GLN C 43 -14.71 -24.61 13.06
C GLN C 43 -13.19 -24.47 12.99
N THR C 44 -12.69 -23.70 12.02
CA THR C 44 -11.26 -23.50 11.88
C THR C 44 -10.78 -22.20 12.53
N ASN C 45 -11.69 -21.29 12.87
CA ASN C 45 -11.37 -19.92 13.22
C ASN C 45 -10.48 -19.29 12.16
N GLU C 46 -10.93 -19.38 10.91
CA GLU C 46 -10.14 -18.97 9.77
C GLU C 46 -11.01 -18.17 8.82
N TRP C 47 -10.44 -17.12 8.24
CA TRP C 47 -11.15 -16.26 7.30
C TRP C 47 -10.84 -16.75 5.89
N ARG C 48 -11.76 -17.52 5.32
CA ARG C 48 -11.57 -18.17 4.03
C ARG C 48 -12.18 -17.31 2.93
N MET C 49 -11.50 -17.27 1.78
CA MET C 49 -11.97 -16.47 0.67
C MET C 49 -13.07 -17.17 -0.10
N VAL C 50 -13.92 -16.38 -0.74
CA VAL C 50 -15.09 -16.90 -1.43
C VAL C 50 -15.14 -16.27 -2.82
N ALA C 51 -15.84 -16.95 -3.73
CA ALA C 51 -16.12 -16.46 -5.08
C ALA C 51 -16.47 -14.98 -5.08
N SER C 52 -15.73 -14.21 -5.86
CA SER C 52 -15.88 -12.76 -5.84
C SER C 52 -17.18 -12.32 -6.51
N MET C 53 -17.79 -11.32 -5.90
CA MET C 53 -18.94 -10.62 -6.46
C MET C 53 -18.65 -10.10 -7.86
N SER C 54 -19.62 -10.26 -8.77
CA SER C 54 -19.52 -9.62 -10.07
C SER C 54 -19.73 -8.13 -9.89
N LYS C 55 -18.78 -7.34 -10.41
CA LYS C 55 -18.78 -5.89 -10.30
C LYS C 55 -18.62 -5.43 -8.85
N ARG C 56 -17.51 -4.71 -8.59
CA ARG C 56 -17.22 -4.18 -7.27
C ARG C 56 -18.40 -3.41 -6.71
N ARG C 57 -18.51 -3.38 -5.38
CA ARG C 57 -19.61 -2.66 -4.74
C ARG C 57 -19.14 -2.03 -3.43
N CYS C 58 -19.32 -0.72 -3.33
CA CYS C 58 -19.01 0.05 -2.13
C CYS C 58 -20.30 0.62 -1.54
N GLY C 59 -20.34 0.70 -0.21
CA GLY C 59 -21.53 1.17 0.48
C GLY C 59 -22.74 0.32 0.11
N VAL C 60 -22.70 -0.94 0.52
CA VAL C 60 -23.58 -1.97 -0.02
C VAL C 60 -24.59 -2.37 1.04
N GLY C 61 -25.83 -2.60 0.60
CA GLY C 61 -26.80 -3.28 1.43
C GLY C 61 -26.66 -4.77 1.25
N VAL C 62 -26.68 -5.50 2.36
CA VAL C 62 -26.60 -6.95 2.33
C VAL C 62 -27.52 -7.51 3.42
N SER C 63 -28.06 -8.69 3.15
CA SER C 63 -28.90 -9.43 4.08
C SER C 63 -29.13 -10.82 3.49
N VAL C 64 -29.73 -11.70 4.29
CA VAL C 64 -29.96 -13.08 3.91
C VAL C 64 -31.46 -13.33 3.77
N LEU C 65 -31.87 -13.86 2.62
CA LEU C 65 -33.26 -14.14 2.30
C LEU C 65 -33.36 -15.49 1.61
N ASP C 66 -34.20 -16.38 2.16
CA ASP C 66 -34.33 -17.75 1.66
C ASP C 66 -32.98 -18.46 1.73
N ASP C 67 -32.24 -18.21 2.82
CA ASP C 67 -30.89 -18.74 3.03
C ASP C 67 -29.94 -18.37 1.91
N LEU C 68 -30.19 -17.21 1.29
CA LEU C 68 -29.39 -16.71 0.17
C LEU C 68 -28.85 -15.33 0.52
N LEU C 69 -27.56 -15.10 0.27
CA LEU C 69 -26.94 -13.80 0.47
C LEU C 69 -27.33 -12.89 -0.69
N TYR C 70 -28.14 -11.88 -0.42
CA TYR C 70 -28.48 -10.86 -1.39
C TYR C 70 -27.64 -9.63 -1.12
N ALA C 71 -27.25 -8.92 -2.19
CA ALA C 71 -26.57 -7.64 -2.03
C ALA C 71 -27.15 -6.65 -3.03
N VAL C 72 -27.53 -5.47 -2.53
CA VAL C 72 -28.32 -4.50 -3.28
C VAL C 72 -27.53 -3.21 -3.43
N GLY C 73 -27.60 -2.61 -4.62
CA GLY C 73 -27.01 -1.31 -4.84
C GLY C 73 -25.49 -1.32 -4.78
N GLY C 74 -24.93 -0.17 -4.42
CA GLY C 74 -23.50 -0.02 -4.28
C GLY C 74 -22.95 0.98 -5.29
N HIS C 75 -21.61 1.05 -5.32
CA HIS C 75 -20.90 1.98 -6.20
C HIS C 75 -19.53 1.40 -6.46
N ASP C 76 -19.26 1.04 -7.72
CA ASP C 76 -17.96 0.46 -8.09
C ASP C 76 -16.89 1.52 -8.33
N GLY C 77 -17.15 2.76 -7.93
CA GLY C 77 -16.21 3.83 -8.16
C GLY C 77 -16.40 4.58 -9.47
N SER C 78 -17.27 4.08 -10.36
CA SER C 78 -17.57 4.76 -11.62
C SER C 78 -18.93 5.43 -11.57
N SER C 79 -19.99 4.65 -11.35
CA SER C 79 -21.34 5.18 -11.20
C SER C 79 -22.07 4.38 -10.13
N TYR C 80 -23.11 4.99 -9.57
CA TYR C 80 -23.90 4.30 -8.56
C TYR C 80 -24.66 3.15 -9.20
N LEU C 81 -24.96 2.13 -8.41
CA LEU C 81 -25.44 0.87 -8.93
C LEU C 81 -26.89 0.64 -8.54
N ASN C 82 -27.68 0.14 -9.50
CA ASN C 82 -28.99 -0.44 -9.22
C ASN C 82 -28.97 -1.96 -9.27
N SER C 83 -27.95 -2.55 -9.89
CA SER C 83 -27.85 -3.99 -10.05
C SER C 83 -27.88 -4.69 -8.71
N VAL C 84 -28.59 -5.82 -8.66
CA VAL C 84 -28.65 -6.69 -7.49
C VAL C 84 -28.17 -8.08 -7.90
N GLU C 85 -27.57 -8.80 -6.95
CA GLU C 85 -27.08 -10.14 -7.23
C GLU C 85 -27.01 -10.91 -5.90
N ARG C 86 -27.29 -12.20 -5.98
CA ARG C 86 -27.43 -13.05 -4.79
C ARG C 86 -26.43 -14.19 -4.81
N TYR C 87 -26.15 -14.73 -3.63
CA TYR C 87 -25.10 -15.73 -3.42
C TYR C 87 -25.69 -17.03 -2.89
N ASP C 88 -25.28 -18.14 -3.49
CA ASP C 88 -25.69 -19.49 -3.09
C ASP C 88 -24.54 -20.18 -2.36
N PRO C 89 -24.50 -20.13 -1.03
CA PRO C 89 -23.30 -20.63 -0.31
C PRO C 89 -23.01 -22.08 -0.57
N LYS C 90 -23.99 -22.82 -1.06
CA LYS C 90 -23.87 -24.25 -1.30
C LYS C 90 -23.01 -24.52 -2.53
N THR C 91 -23.39 -23.90 -3.65
CA THR C 91 -22.75 -24.08 -4.92
C THR C 91 -21.61 -23.10 -5.16
N ASN C 92 -21.37 -22.18 -4.22
CA ASN C 92 -20.33 -21.16 -4.36
C ASN C 92 -20.50 -20.39 -5.67
N GLN C 93 -21.73 -19.99 -5.94
CA GLN C 93 -22.07 -19.33 -7.19
C GLN C 93 -22.76 -18.00 -6.90
N TRP C 94 -22.31 -16.94 -7.59
CA TRP C 94 -22.89 -15.61 -7.45
C TRP C 94 -23.85 -15.37 -8.61
N SER C 95 -25.08 -15.87 -8.45
CA SER C 95 -26.10 -15.65 -9.46
C SER C 95 -26.55 -14.20 -9.46
N SER C 96 -26.54 -13.58 -10.64
CA SER C 96 -26.88 -12.17 -10.77
C SER C 96 -28.09 -11.98 -11.67
N ASP C 97 -29.14 -12.76 -11.43
CA ASP C 97 -30.35 -12.76 -12.26
C ASP C 97 -31.54 -12.19 -11.50
N VAL C 98 -31.34 -11.07 -10.82
CA VAL C 98 -32.35 -10.49 -9.96
C VAL C 98 -32.87 -9.20 -10.59
N ALA C 99 -34.04 -8.77 -10.13
CA ALA C 99 -34.62 -7.53 -10.62
C ALA C 99 -33.88 -6.33 -10.03
N PRO C 100 -33.58 -5.32 -10.84
CA PRO C 100 -32.79 -4.19 -10.36
C PRO C 100 -33.65 -3.11 -9.72
N THR C 101 -33.03 -2.40 -8.78
CA THR C 101 -33.67 -1.26 -8.13
C THR C 101 -34.03 -0.21 -9.17
N SER C 102 -35.14 0.50 -8.92
CA SER C 102 -35.57 1.56 -9.83
C SER C 102 -34.53 2.67 -9.93
N THR C 103 -33.95 3.08 -8.80
CA THR C 103 -32.97 4.15 -8.74
C THR C 103 -31.62 3.58 -8.33
N ALA C 104 -30.60 3.81 -9.15
CA ALA C 104 -29.24 3.39 -8.82
C ALA C 104 -28.75 4.08 -7.55
N ARG C 105 -28.67 3.32 -6.45
CA ARG C 105 -28.36 3.89 -5.14
C ARG C 105 -27.29 3.06 -4.43
N THR C 106 -26.58 3.73 -3.52
CA THR C 106 -25.56 3.12 -2.69
C THR C 106 -25.76 3.54 -1.24
N SER C 107 -24.92 2.99 -0.36
CA SER C 107 -25.07 3.18 1.08
C SER C 107 -26.53 3.02 1.48
N VAL C 108 -27.12 1.93 1.01
CA VAL C 108 -28.54 1.64 1.19
C VAL C 108 -28.67 0.58 2.26
N GLY C 109 -29.60 0.77 3.19
CA GLY C 109 -29.91 -0.27 4.15
C GLY C 109 -30.85 -1.30 3.53
N VAL C 110 -30.67 -2.55 3.95
CA VAL C 110 -31.50 -3.64 3.46
C VAL C 110 -31.63 -4.68 4.56
N ALA C 111 -32.83 -5.26 4.66
CA ALA C 111 -33.10 -6.29 5.66
C ALA C 111 -34.33 -7.06 5.24
N VAL C 112 -34.50 -8.23 5.82
CA VAL C 112 -35.57 -9.16 5.48
C VAL C 112 -36.54 -9.23 6.65
N LEU C 113 -37.84 -9.33 6.33
CA LEU C 113 -38.87 -9.59 7.33
C LEU C 113 -39.79 -10.69 6.82
N GLY C 114 -39.93 -11.75 7.60
CA GLY C 114 -40.77 -12.87 7.24
C GLY C 114 -40.36 -13.53 5.94
N GLY C 115 -40.66 -12.88 4.81
CA GLY C 115 -40.28 -13.38 3.50
C GLY C 115 -40.10 -12.27 2.49
N PHE C 116 -39.99 -11.03 2.96
CA PHE C 116 -39.88 -9.87 2.10
C PHE C 116 -38.53 -9.19 2.30
N LEU C 117 -38.01 -8.60 1.23
CA LEU C 117 -36.74 -7.89 1.26
C LEU C 117 -36.97 -6.41 0.96
N TYR C 118 -36.64 -5.55 1.92
CA TYR C 118 -36.87 -4.12 1.80
C TYR C 118 -35.54 -3.38 1.61
N ALA C 119 -35.49 -2.48 0.62
CA ALA C 119 -34.35 -1.61 0.40
C ALA C 119 -34.70 -0.21 0.89
N VAL C 120 -33.99 0.26 1.92
CA VAL C 120 -34.36 1.44 2.67
C VAL C 120 -33.38 2.57 2.38
N GLY C 121 -33.89 3.69 1.88
CA GLY C 121 -33.19 4.95 1.70
C GLY C 121 -31.88 4.78 0.97
N GLY C 122 -30.93 5.64 1.31
CA GLY C 122 -29.57 5.57 0.79
C GLY C 122 -29.18 6.81 0.03
N GLN C 123 -28.01 6.74 -0.60
CA GLN C 123 -27.43 7.84 -1.35
C GLN C 123 -27.78 7.68 -2.82
N ASP C 124 -28.42 8.70 -3.39
CA ASP C 124 -28.80 8.69 -4.81
C ASP C 124 -28.15 9.89 -5.48
N GLY C 125 -26.84 9.80 -5.69
CA GLY C 125 -26.08 10.77 -6.46
C GLY C 125 -26.20 12.21 -6.05
N VAL C 126 -27.42 12.76 -6.13
CA VAL C 126 -27.65 14.19 -5.98
C VAL C 126 -28.23 14.50 -4.60
N SER C 127 -29.00 13.58 -4.04
CA SER C 127 -29.68 13.81 -2.77
C SER C 127 -29.49 12.61 -1.86
N ALA C 128 -29.76 12.82 -0.57
CA ALA C 128 -29.91 11.72 0.38
C ALA C 128 -31.30 11.14 0.18
N LEU C 129 -31.36 9.94 -0.40
CA LEU C 129 -32.63 9.40 -0.83
C LEU C 129 -33.42 8.87 0.37
N ASN C 130 -34.74 8.97 0.27
CA ASN C 130 -35.64 8.56 1.34
C ASN C 130 -36.68 7.54 0.90
N ILE C 131 -36.64 7.10 -0.35
CA ILE C 131 -37.66 6.20 -0.87
C ILE C 131 -37.34 4.76 -0.50
N VAL C 132 -38.38 3.96 -0.29
CA VAL C 132 -38.25 2.57 0.14
C VAL C 132 -38.79 1.66 -0.96
N GLU C 133 -38.20 0.48 -1.07
CA GLU C 133 -38.64 -0.53 -2.03
C GLU C 133 -38.58 -1.90 -1.37
N ARG C 134 -39.52 -2.77 -1.74
CA ARG C 134 -39.56 -4.13 -1.25
C ARG C 134 -39.43 -5.12 -2.40
N TYR C 135 -38.79 -6.25 -2.11
CA TYR C 135 -38.50 -7.28 -3.11
C TYR C 135 -39.27 -8.54 -2.76
N ASP C 136 -40.15 -8.97 -3.68
CA ASP C 136 -40.88 -10.22 -3.53
C ASP C 136 -40.11 -11.31 -4.27
N PRO C 137 -39.43 -12.23 -3.58
CA PRO C 137 -38.60 -13.21 -4.28
C PRO C 137 -39.40 -14.21 -5.09
N LYS C 138 -40.68 -14.39 -4.77
CA LYS C 138 -41.51 -15.35 -5.49
C LYS C 138 -41.73 -14.90 -6.93
N GLU C 139 -42.16 -13.65 -7.13
CA GLU C 139 -42.37 -13.13 -8.48
C GLU C 139 -41.16 -12.45 -9.07
N ASN C 140 -40.17 -12.06 -8.25
CA ASN C 140 -38.98 -11.32 -8.69
C ASN C 140 -39.37 -9.95 -9.26
N LYS C 141 -39.77 -9.07 -8.34
CA LYS C 141 -40.18 -7.72 -8.69
C LYS C 141 -39.95 -6.79 -7.52
N TRP C 142 -39.52 -5.57 -7.83
CA TRP C 142 -39.37 -4.50 -6.86
C TRP C 142 -40.64 -3.66 -6.90
N THR C 143 -41.44 -3.73 -5.85
CA THR C 143 -42.63 -2.89 -5.72
C THR C 143 -42.35 -1.79 -4.71
N ARG C 144 -42.56 -0.54 -5.12
CA ARG C 144 -42.32 0.59 -4.24
C ARG C 144 -43.36 0.62 -3.12
N VAL C 145 -42.90 0.96 -1.92
CA VAL C 145 -43.78 1.05 -0.76
C VAL C 145 -43.76 2.48 -0.23
N ALA C 146 -44.55 2.75 0.81
CA ALA C 146 -44.63 4.10 1.37
C ALA C 146 -43.26 4.59 1.78
N SER C 147 -42.82 5.68 1.16
CA SER C 147 -41.51 6.25 1.48
C SER C 147 -41.49 6.72 2.93
N MET C 148 -40.32 6.60 3.55
CA MET C 148 -40.15 6.92 4.96
C MET C 148 -40.07 8.42 5.17
N SER C 149 -40.50 8.86 6.35
CA SER C 149 -40.39 10.27 6.70
C SER C 149 -38.92 10.66 6.85
N THR C 150 -38.65 11.96 6.71
CA THR C 150 -37.30 12.47 6.63
C THR C 150 -36.52 11.78 5.52
N ARG C 151 -35.19 11.90 5.55
CA ARG C 151 -34.32 11.23 4.59
C ARG C 151 -33.22 10.53 5.39
N ARG C 152 -32.76 9.39 4.90
CA ARG C 152 -31.71 8.65 5.60
C ARG C 152 -30.74 8.03 4.62
N LEU C 153 -29.51 8.56 4.63
CA LEU C 153 -28.39 8.05 3.86
C LEU C 153 -27.47 7.27 4.78
N GLY C 154 -26.89 6.19 4.26
CA GLY C 154 -26.03 5.35 5.08
C GLY C 154 -26.72 4.82 6.33
N VAL C 155 -28.03 4.67 6.28
CA VAL C 155 -28.80 4.16 7.41
C VAL C 155 -28.71 2.65 7.42
N ALA C 156 -28.47 2.07 8.59
CA ALA C 156 -28.54 0.63 8.76
C ALA C 156 -29.85 0.26 9.45
N VAL C 157 -30.35 -0.93 9.13
CA VAL C 157 -31.68 -1.36 9.57
C VAL C 157 -31.57 -2.73 10.22
N ALA C 158 -32.61 -3.07 11.00
CA ALA C 158 -32.68 -4.35 11.70
C ALA C 158 -34.13 -4.59 12.09
N VAL C 159 -34.60 -5.82 11.89
CA VAL C 159 -36.01 -6.16 12.08
C VAL C 159 -36.21 -6.82 13.43
N LEU C 160 -37.27 -6.41 14.13
CA LEU C 160 -37.58 -6.96 15.46
C LEU C 160 -39.09 -6.92 15.63
N GLY C 161 -39.74 -8.08 15.54
CA GLY C 161 -41.17 -8.17 15.63
C GLY C 161 -41.85 -7.26 14.62
N GLY C 162 -42.34 -6.11 15.10
CA GLY C 162 -42.94 -5.14 14.21
C GLY C 162 -41.90 -4.30 13.49
N PHE C 163 -41.74 -4.55 12.18
CA PHE C 163 -40.95 -3.71 11.28
C PHE C 163 -39.44 -3.85 11.46
N LEU C 164 -38.70 -3.51 10.39
CA LEU C 164 -37.25 -3.39 10.40
C LEU C 164 -36.87 -1.94 10.69
N TYR C 165 -36.68 -1.64 11.97
CA TYR C 165 -36.46 -0.26 12.43
C TYR C 165 -35.33 0.42 11.65
N ALA C 166 -35.60 1.64 11.20
CA ALA C 166 -34.61 2.44 10.45
C ALA C 166 -33.87 3.34 11.43
N VAL C 167 -32.62 2.99 11.72
CA VAL C 167 -31.85 3.59 12.80
C VAL C 167 -30.79 4.52 12.22
N GLY C 168 -30.77 5.76 12.71
CA GLY C 168 -29.71 6.70 12.38
C GLY C 168 -29.68 7.09 10.91
N GLY C 169 -28.50 7.55 10.49
CA GLY C 169 -28.28 8.01 9.14
C GLY C 169 -28.16 9.52 9.07
N SER C 170 -28.15 10.03 7.84
CA SER C 170 -28.04 11.46 7.61
C SER C 170 -28.81 11.83 6.35
N ASP C 171 -29.47 12.98 6.38
CA ASP C 171 -30.03 13.55 5.16
C ASP C 171 -28.94 14.30 4.42
N GLY C 172 -29.30 15.13 3.46
CA GLY C 172 -28.29 15.95 2.82
C GLY C 172 -27.67 17.02 3.69
N THR C 173 -27.98 17.04 4.99
CA THR C 173 -27.60 18.15 5.86
C THR C 173 -26.62 17.70 6.93
N SER C 174 -27.03 16.84 7.85
CA SER C 174 -26.22 16.44 8.99
C SER C 174 -26.61 15.02 9.39
N PRO C 175 -25.77 14.34 10.16
CA PRO C 175 -26.19 13.05 10.73
C PRO C 175 -27.34 13.22 11.71
N LEU C 176 -28.17 12.19 11.81
CA LEU C 176 -29.38 12.24 12.61
C LEU C 176 -29.37 11.15 13.67
N ASN C 177 -30.36 11.22 14.57
CA ASN C 177 -30.54 10.22 15.59
C ASN C 177 -31.96 9.71 15.67
N THR C 178 -32.84 10.16 14.78
CA THR C 178 -34.23 9.74 14.80
C THR C 178 -34.40 8.33 14.24
N VAL C 179 -35.34 7.58 14.82
CA VAL C 179 -35.63 6.21 14.43
C VAL C 179 -37.09 6.14 14.00
N GLU C 180 -37.41 5.15 13.17
CA GLU C 180 -38.75 5.04 12.60
C GLU C 180 -39.21 3.58 12.59
N ARG C 181 -40.50 3.37 12.80
CA ARG C 181 -41.11 2.05 12.68
C ARG C 181 -42.18 2.06 11.60
N TYR C 182 -42.69 0.87 11.28
CA TYR C 182 -43.63 0.68 10.17
C TYR C 182 -44.15 -0.76 10.13
N ASN C 183 -45.27 -1.02 10.79
CA ASN C 183 -45.89 -2.34 10.67
C ASN C 183 -46.34 -2.56 9.22
N PRO C 184 -45.95 -3.68 8.59
CA PRO C 184 -46.19 -3.82 7.15
C PRO C 184 -47.65 -3.66 6.75
N GLN C 185 -48.59 -4.06 7.62
CA GLN C 185 -50.00 -3.92 7.28
C GLN C 185 -50.44 -2.48 7.30
N GLU C 186 -49.81 -1.65 8.15
CA GLU C 186 -50.25 -0.27 8.33
C GLU C 186 -49.83 0.63 7.18
N ASN C 187 -48.75 0.28 6.50
CA ASN C 187 -48.24 0.98 5.31
C ASN C 187 -47.87 2.43 5.60
N ARG C 188 -47.58 2.78 6.85
CA ARG C 188 -47.10 4.12 7.20
C ARG C 188 -46.07 4.03 8.31
N TRP C 189 -45.22 5.06 8.39
CA TRP C 189 -44.05 5.06 9.25
C TRP C 189 -44.32 5.88 10.50
N HIS C 190 -43.98 5.32 11.66
CA HIS C 190 -44.13 5.98 12.95
C HIS C 190 -42.76 6.20 13.57
N THR C 191 -42.44 7.46 13.89
CA THR C 191 -41.14 7.80 14.44
C THR C 191 -41.03 7.38 15.90
N ILE C 192 -39.85 6.87 16.27
CA ILE C 192 -39.66 6.26 17.59
C ILE C 192 -38.69 7.12 18.40
N ALA C 193 -38.18 6.56 19.50
CA ALA C 193 -37.27 7.28 20.38
C ALA C 193 -35.96 7.59 19.66
N PRO C 194 -35.32 8.70 19.99
CA PRO C 194 -34.04 9.05 19.36
C PRO C 194 -32.87 8.43 20.08
N MET C 195 -31.77 8.29 19.35
CA MET C 195 -30.55 7.77 19.93
C MET C 195 -29.87 8.83 20.78
N GLY C 196 -28.97 8.37 21.66
CA GLY C 196 -28.24 9.30 22.50
C GLY C 196 -27.34 10.22 21.71
N THR C 197 -26.87 9.77 20.55
CA THR C 197 -26.02 10.57 19.67
C THR C 197 -26.45 10.35 18.23
N ARG C 198 -26.23 11.38 17.41
CA ARG C 198 -26.45 11.27 15.98
C ARG C 198 -25.37 10.40 15.36
N ARG C 199 -25.76 9.56 14.40
CA ARG C 199 -24.85 8.55 13.86
C ARG C 199 -24.96 8.47 12.33
N LYS C 200 -23.83 8.11 11.72
CA LYS C 200 -23.64 8.20 10.28
C LYS C 200 -22.92 6.92 9.85
N HIS C 201 -23.59 6.09 9.04
CA HIS C 201 -23.08 4.77 8.66
C HIS C 201 -22.77 3.94 9.90
N LEU C 202 -23.84 3.47 10.55
CA LEU C 202 -23.73 2.66 11.75
C LEU C 202 -23.99 1.20 11.42
N GLY C 203 -23.99 0.36 12.46
CA GLY C 203 -24.27 -1.06 12.31
C GLY C 203 -25.25 -1.58 13.34
N CYS C 204 -26.30 -2.27 12.89
CA CYS C 204 -27.41 -2.64 13.75
C CYS C 204 -27.84 -4.07 13.49
N ALA C 205 -28.03 -4.84 14.57
CA ALA C 205 -28.66 -6.15 14.46
C ALA C 205 -29.21 -6.55 15.82
N VAL C 206 -30.25 -7.38 15.79
CA VAL C 206 -30.96 -7.75 17.01
C VAL C 206 -30.10 -8.73 17.81
N TYR C 207 -29.96 -8.45 19.11
CA TYR C 207 -29.21 -9.32 20.01
C TYR C 207 -29.94 -9.35 21.35
N GLN C 208 -30.38 -10.54 21.76
CA GLN C 208 -31.07 -10.74 23.04
C GLN C 208 -32.42 -10.04 23.05
N ASP C 209 -33.10 -10.03 21.90
CA ASP C 209 -34.41 -9.41 21.73
C ASP C 209 -34.37 -7.92 22.09
N MET C 210 -33.25 -7.27 21.76
CA MET C 210 -33.12 -5.83 21.91
C MET C 210 -32.03 -5.35 20.94
N ILE C 211 -32.31 -4.25 20.26
CA ILE C 211 -31.47 -3.81 19.16
C ILE C 211 -30.22 -3.10 19.68
N TYR C 212 -29.08 -3.44 19.11
CA TYR C 212 -27.81 -2.79 19.39
C TYR C 212 -27.42 -1.93 18.20
N ALA C 213 -27.00 -0.70 18.46
CA ALA C 213 -26.50 0.21 17.43
C ALA C 213 -25.09 0.64 17.82
N VAL C 214 -24.15 0.51 16.90
CA VAL C 214 -22.74 0.69 17.22
C VAL C 214 -22.07 1.60 16.21
N GLY C 215 -20.95 2.18 16.64
CA GLY C 215 -20.04 2.91 15.77
C GLY C 215 -20.64 4.04 14.97
N GLY C 216 -20.00 4.38 13.86
CA GLY C 216 -20.49 5.41 12.96
C GLY C 216 -19.68 6.69 13.05
N ARG C 217 -20.24 7.74 12.45
CA ARG C 217 -19.63 9.06 12.38
C ARG C 217 -20.49 10.06 13.14
N ASP C 218 -19.89 10.69 14.16
CA ASP C 218 -20.52 11.81 14.88
C ASP C 218 -20.78 12.96 13.91
N ASP C 219 -21.35 14.05 14.40
CA ASP C 219 -21.34 15.26 13.59
C ASP C 219 -19.92 15.68 13.28
N THR C 220 -18.96 15.23 14.10
CA THR C 220 -17.56 15.61 13.97
C THR C 220 -16.69 14.42 13.58
N THR C 221 -16.47 13.47 14.48
CA THR C 221 -15.47 12.42 14.33
C THR C 221 -16.12 11.05 14.31
N GLU C 222 -15.30 10.03 13.99
CA GLU C 222 -15.77 8.65 14.04
C GLU C 222 -16.07 8.25 15.47
N LEU C 223 -17.03 7.34 15.60
CA LEU C 223 -17.59 6.95 16.89
C LEU C 223 -17.10 5.56 17.29
N SER C 224 -17.00 5.35 18.61
CA SER C 224 -16.63 4.06 19.17
C SER C 224 -17.62 3.51 20.18
N SER C 225 -18.40 4.37 20.84
CA SER C 225 -19.38 3.87 21.81
C SER C 225 -20.63 3.38 21.09
N ALA C 226 -21.42 2.58 21.81
CA ALA C 226 -22.61 1.96 21.26
C ALA C 226 -23.79 2.17 22.20
N GLU C 227 -24.99 1.94 21.68
CA GLU C 227 -26.23 2.16 22.42
C GLU C 227 -27.16 0.97 22.28
N ARG C 228 -27.73 0.54 23.40
CA ARG C 228 -28.67 -0.57 23.45
C ARG C 228 -30.10 -0.06 23.60
N TYR C 229 -31.05 -0.77 22.98
CA TYR C 229 -32.43 -0.31 22.88
C TYR C 229 -33.38 -1.48 23.06
N ASN C 230 -34.37 -1.33 23.94
CA ASN C 230 -35.45 -2.30 24.14
C ASN C 230 -36.73 -1.85 23.44
N PRO C 231 -37.46 -2.75 22.80
CA PRO C 231 -38.65 -2.33 22.06
C PRO C 231 -39.86 -2.06 22.96
N ARG C 232 -39.92 -2.76 24.09
CA ARG C 232 -40.98 -2.51 25.06
C ARG C 232 -40.71 -1.22 25.82
N THR C 233 -39.49 -1.09 26.37
CA THR C 233 -39.15 0.08 27.18
C THR C 233 -39.17 1.36 26.35
N ASN C 234 -38.92 1.24 25.04
CA ASN C 234 -38.95 2.38 24.11
C ASN C 234 -37.88 3.41 24.44
N GLN C 235 -36.78 2.97 25.05
CA GLN C 235 -35.70 3.87 25.44
C GLN C 235 -34.36 3.22 25.11
N TRP C 236 -33.32 4.05 25.10
CA TRP C 236 -31.97 3.61 24.79
C TRP C 236 -31.14 3.46 26.05
N SER C 237 -30.05 2.69 25.94
CA SER C 237 -29.16 2.41 27.06
C SER C 237 -27.73 2.32 26.55
N PRO C 238 -26.86 3.26 26.93
CA PRO C 238 -25.47 3.22 26.47
C PRO C 238 -24.71 2.00 26.96
N VAL C 239 -23.98 1.35 26.04
CA VAL C 239 -23.11 0.23 26.36
C VAL C 239 -21.65 0.65 26.14
N VAL C 240 -20.75 -0.17 26.67
CA VAL C 240 -19.32 0.18 26.66
C VAL C 240 -18.83 0.35 25.23
N ALA C 241 -17.84 1.21 25.06
CA ALA C 241 -17.28 1.50 23.74
C ALA C 241 -16.33 0.40 23.29
N MET C 242 -16.12 0.33 21.97
CA MET C 242 -15.26 -0.68 21.39
C MET C 242 -13.80 -0.39 21.68
N THR C 243 -12.95 -1.36 21.33
CA THR C 243 -11.51 -1.18 21.42
C THR C 243 -10.98 -0.23 20.35
N SER C 244 -11.80 0.10 19.36
CA SER C 244 -11.39 0.97 18.27
C SER C 244 -12.63 1.61 17.66
N ARG C 245 -12.48 2.84 17.18
CA ARG C 245 -13.59 3.55 16.55
C ARG C 245 -13.98 2.87 15.25
N ARG C 246 -15.27 2.61 15.07
CA ARG C 246 -15.77 1.89 13.89
C ARG C 246 -16.78 2.76 13.17
N SER C 247 -16.40 3.28 12.00
CA SER C 247 -17.30 4.02 11.13
C SER C 247 -17.42 3.27 9.82
N GLY C 248 -18.64 3.21 9.29
CA GLY C 248 -18.92 2.39 8.13
C GLY C 248 -18.78 0.92 8.46
N VAL C 249 -19.39 0.53 9.57
CA VAL C 249 -19.22 -0.79 10.19
C VAL C 249 -20.56 -1.52 10.18
N GLY C 250 -20.50 -2.84 10.09
CA GLY C 250 -21.67 -3.67 10.21
C GLY C 250 -21.49 -4.71 11.30
N LEU C 251 -22.63 -5.19 11.82
CA LEU C 251 -22.61 -6.26 12.81
C LEU C 251 -23.80 -7.18 12.62
N ALA C 252 -23.67 -8.38 13.15
CA ALA C 252 -24.76 -9.34 13.26
C ALA C 252 -24.50 -10.20 14.49
N VAL C 253 -25.28 -11.26 14.64
CA VAL C 253 -25.10 -12.22 15.73
C VAL C 253 -24.70 -13.56 15.12
N VAL C 254 -23.71 -14.21 15.74
CA VAL C 254 -23.10 -15.43 15.22
C VAL C 254 -22.91 -16.40 16.37
N ASN C 255 -23.57 -17.56 16.30
CA ASN C 255 -23.59 -18.53 17.39
C ASN C 255 -23.96 -17.85 18.71
N GLY C 256 -24.86 -16.87 18.63
CA GLY C 256 -25.26 -16.13 19.81
C GLY C 256 -24.24 -15.12 20.29
N GLN C 257 -23.46 -14.53 19.38
CA GLN C 257 -22.44 -13.57 19.74
C GLN C 257 -22.57 -12.34 18.85
N LEU C 258 -22.61 -11.16 19.47
CA LEU C 258 -22.63 -9.91 18.72
C LEU C 258 -21.22 -9.59 18.26
N MET C 259 -21.08 -9.28 16.97
CA MET C 259 -19.77 -9.14 16.34
C MET C 259 -19.72 -7.86 15.52
N ALA C 260 -18.90 -6.90 15.96
CA ALA C 260 -18.56 -5.77 15.12
C ALA C 260 -17.49 -6.17 14.12
N VAL C 261 -17.65 -5.74 12.87
CA VAL C 261 -16.80 -6.19 11.77
C VAL C 261 -16.32 -4.98 10.98
N GLY C 262 -14.99 -4.85 10.84
CA GLY C 262 -14.35 -3.85 9.99
C GLY C 262 -14.77 -2.42 10.29
N GLY C 263 -14.40 -1.54 9.37
CA GLY C 263 -14.79 -0.14 9.50
C GLY C 263 -13.65 0.83 9.26
N PHE C 264 -13.67 1.96 9.96
CA PHE C 264 -12.67 3.00 9.74
C PHE C 264 -12.49 3.77 11.05
N ASP C 265 -11.22 4.03 11.41
CA ASP C 265 -10.87 4.59 12.72
C ASP C 265 -10.40 6.04 12.62
N GLY C 266 -10.77 6.75 11.56
CA GLY C 266 -10.29 8.11 11.35
C GLY C 266 -8.93 8.20 10.70
N THR C 267 -8.16 7.12 10.68
CA THR C 267 -6.81 7.15 10.14
C THR C 267 -6.58 6.09 9.07
N THR C 268 -7.16 4.90 9.20
CA THR C 268 -6.91 3.83 8.23
C THR C 268 -8.08 2.86 8.19
N TYR C 269 -8.07 1.99 7.19
CA TYR C 269 -9.16 1.05 6.94
C TYR C 269 -9.02 -0.17 7.83
N LEU C 270 -10.06 -0.45 8.63
CA LEU C 270 -9.98 -1.47 9.68
C LEU C 270 -10.40 -2.83 9.14
N LYS C 271 -9.50 -3.81 9.31
CA LYS C 271 -9.77 -5.19 8.98
C LYS C 271 -10.04 -6.05 10.21
N THR C 272 -9.87 -5.50 11.41
CA THR C 272 -10.08 -6.24 12.64
C THR C 272 -11.55 -6.28 13.02
N ILE C 273 -11.91 -7.28 13.82
CA ILE C 273 -13.28 -7.48 14.27
C ILE C 273 -13.27 -7.69 15.78
N GLU C 274 -14.40 -7.36 16.41
CA GLU C 274 -14.55 -7.54 17.84
C GLU C 274 -15.87 -8.22 18.16
N VAL C 275 -15.98 -8.68 19.40
CA VAL C 275 -17.14 -9.40 19.90
C VAL C 275 -17.59 -8.76 21.20
N PHE C 276 -18.89 -8.77 21.44
CA PHE C 276 -19.44 -8.31 22.71
C PHE C 276 -19.36 -9.45 23.72
N ASP C 277 -18.57 -9.25 24.77
CA ASP C 277 -18.52 -10.14 25.92
C ASP C 277 -19.53 -9.60 26.94
N PRO C 278 -20.80 -10.01 26.86
CA PRO C 278 -21.83 -9.33 27.65
C PRO C 278 -21.74 -9.59 29.13
N ASP C 279 -21.14 -10.71 29.54
CA ASP C 279 -21.02 -11.01 30.96
C ASP C 279 -19.88 -10.22 31.59
N ALA C 280 -18.78 -10.04 30.87
CA ALA C 280 -17.68 -9.20 31.34
C ALA C 280 -17.87 -7.73 30.97
N ASN C 281 -18.87 -7.42 30.15
CA ASN C 281 -19.16 -6.05 29.70
C ASN C 281 -17.92 -5.38 29.11
N THR C 282 -17.28 -6.10 28.18
CA THR C 282 -16.04 -5.65 27.56
C THR C 282 -16.08 -6.01 26.08
N TRP C 283 -15.46 -5.16 25.26
CA TRP C 283 -15.24 -5.46 23.86
C TRP C 283 -13.88 -6.14 23.69
N ARG C 284 -13.88 -7.28 23.00
CA ARG C 284 -12.68 -8.08 22.83
C ARG C 284 -12.38 -8.24 21.35
N LEU C 285 -11.16 -7.92 20.96
CA LEU C 285 -10.71 -7.98 19.57
C LEU C 285 -10.44 -9.44 19.21
N TYR C 286 -11.41 -10.08 18.56
CA TYR C 286 -11.29 -11.48 18.15
C TYR C 286 -10.64 -11.56 16.78
N GLY C 287 -9.31 -11.42 16.76
CA GLY C 287 -8.55 -11.51 15.53
C GLY C 287 -9.01 -10.49 14.50
N GLY C 288 -8.95 -10.89 13.23
CA GLY C 288 -9.34 -9.98 12.17
C GLY C 288 -9.46 -10.71 10.85
N MET C 289 -10.07 -10.02 9.89
CA MET C 289 -10.28 -10.54 8.54
C MET C 289 -8.96 -10.55 7.77
N ASN C 290 -9.05 -10.85 6.48
CA ASN C 290 -7.96 -10.68 5.54
C ASN C 290 -8.07 -9.37 4.78
N TYR C 291 -9.28 -9.05 4.32
CA TYR C 291 -9.54 -7.83 3.58
C TYR C 291 -9.88 -6.72 4.57
N ARG C 292 -9.27 -5.55 4.38
CA ARG C 292 -9.71 -4.36 5.09
C ARG C 292 -11.00 -3.86 4.45
N ARG C 293 -12.05 -3.71 5.26
CA ARG C 293 -13.39 -3.49 4.74
C ARG C 293 -14.04 -2.28 5.40
N LEU C 294 -14.66 -1.43 4.59
CA LEU C 294 -15.25 -0.18 5.04
C LEU C 294 -16.61 -0.03 4.36
N GLY C 295 -17.68 -0.07 5.15
CA GLY C 295 -19.02 0.10 4.62
C GLY C 295 -19.59 -1.10 3.89
N GLY C 296 -18.78 -2.09 3.56
CA GLY C 296 -19.32 -3.32 3.02
C GLY C 296 -20.08 -4.08 4.09
N GLY C 297 -21.24 -4.60 3.71
CA GLY C 297 -22.12 -5.24 4.67
C GLY C 297 -21.70 -6.66 5.03
N VAL C 298 -22.38 -7.20 6.03
CA VAL C 298 -22.17 -8.58 6.47
C VAL C 298 -23.53 -9.27 6.58
N GLY C 299 -23.52 -10.59 6.45
CA GLY C 299 -24.73 -11.39 6.55
C GLY C 299 -24.42 -12.75 7.13
N VAL C 300 -25.39 -13.30 7.85
CA VAL C 300 -25.24 -14.57 8.57
C VAL C 300 -26.11 -15.62 7.88
N ILE C 301 -25.60 -16.84 7.82
CA ILE C 301 -26.30 -17.96 7.17
C ILE C 301 -26.01 -19.24 7.96
N LYS C 302 -27.06 -20.01 8.24
CA LYS C 302 -26.89 -21.24 9.01
C LYS C 302 -26.43 -22.37 8.10
N MET C 303 -25.45 -23.14 8.57
CA MET C 303 -25.04 -24.36 7.89
C MET C 303 -25.28 -25.53 8.85
N THR C 304 -24.25 -26.31 9.15
CA THR C 304 -24.35 -27.45 10.06
C THR C 304 -25.57 -28.33 9.79
N GLY D 19 20.79 -26.07 -15.50
CA GLY D 19 20.56 -24.95 -14.59
C GLY D 19 19.49 -25.22 -13.55
N GLU D 20 19.25 -24.22 -12.69
CA GLU D 20 18.24 -24.30 -11.64
C GLU D 20 17.13 -23.31 -11.97
N VAL D 21 15.91 -23.82 -12.18
CA VAL D 21 14.76 -22.99 -12.49
C VAL D 21 13.71 -23.15 -11.39
N LEU D 22 12.69 -22.29 -11.45
CA LEU D 22 11.67 -22.20 -10.42
C LEU D 22 10.29 -22.33 -11.03
N PHE D 23 9.42 -23.07 -10.34
CA PHE D 23 8.05 -23.31 -10.77
C PHE D 23 7.07 -22.72 -9.77
N ALA D 24 5.96 -22.18 -10.29
CA ALA D 24 4.89 -21.60 -9.47
C ALA D 24 3.63 -22.41 -9.70
N VAL D 25 3.12 -23.03 -8.64
CA VAL D 25 2.03 -23.98 -8.73
C VAL D 25 0.87 -23.51 -7.86
N GLY D 26 -0.32 -23.40 -8.47
CA GLY D 26 -1.57 -23.20 -7.75
C GLY D 26 -1.64 -21.94 -6.90
N GLY D 27 -2.70 -21.87 -6.13
CA GLY D 27 -2.99 -20.74 -5.26
C GLY D 27 -4.35 -20.16 -5.56
N TRP D 28 -4.63 -19.03 -4.92
CA TRP D 28 -5.92 -18.35 -5.02
C TRP D 28 -5.75 -17.04 -5.78
N ALA D 29 -6.59 -16.84 -6.80
CA ALA D 29 -6.56 -15.64 -7.63
C ALA D 29 -7.43 -14.53 -7.04
N SER D 30 -8.48 -14.14 -7.76
CA SER D 30 -9.41 -13.14 -7.25
C SER D 30 -10.63 -13.82 -6.65
N GLY D 31 -11.44 -14.48 -7.48
CA GLY D 31 -12.61 -15.16 -6.98
C GLY D 31 -12.57 -16.65 -7.17
N ASP D 32 -11.49 -17.13 -7.79
CA ASP D 32 -11.36 -18.53 -8.16
C ASP D 32 -10.03 -19.05 -7.65
N ALA D 33 -10.01 -20.34 -7.30
CA ALA D 33 -8.74 -21.02 -7.14
C ALA D 33 -8.09 -21.16 -8.51
N ILE D 34 -6.77 -21.15 -8.54
CA ILE D 34 -6.06 -21.12 -9.81
C ILE D 34 -5.57 -22.52 -10.16
N SER D 35 -5.62 -22.85 -11.44
CA SER D 35 -5.05 -24.07 -11.96
C SER D 35 -3.82 -23.82 -12.81
N SER D 36 -3.56 -22.57 -13.18
CA SER D 36 -2.42 -22.23 -14.01
C SER D 36 -1.10 -22.56 -13.29
N VAL D 37 -0.04 -22.68 -14.08
CA VAL D 37 1.30 -22.90 -13.58
C VAL D 37 2.26 -21.98 -14.32
N GLU D 38 3.19 -21.38 -13.57
CA GLU D 38 4.15 -20.42 -14.11
C GLU D 38 5.57 -20.93 -13.89
N ARG D 39 6.41 -20.70 -14.88
CA ARG D 39 7.80 -21.11 -14.85
C ARG D 39 8.69 -19.87 -14.86
N TYR D 40 9.64 -19.82 -13.94
CA TYR D 40 10.63 -18.75 -13.91
C TYR D 40 11.92 -19.24 -14.55
N ASP D 41 12.33 -18.60 -15.65
CA ASP D 41 13.59 -18.90 -16.31
C ASP D 41 14.62 -17.87 -15.89
N PRO D 42 15.65 -18.24 -15.10
CA PRO D 42 16.65 -17.25 -14.70
C PRO D 42 17.39 -16.62 -15.87
N GLN D 43 17.77 -17.41 -16.87
CA GLN D 43 18.53 -16.88 -18.00
C GLN D 43 17.79 -15.73 -18.66
N THR D 44 16.59 -15.99 -19.17
CA THR D 44 15.81 -14.93 -19.79
C THR D 44 15.23 -13.96 -18.77
N ASN D 45 15.27 -14.32 -17.49
CA ASN D 45 14.64 -13.54 -16.41
C ASN D 45 13.23 -13.13 -16.81
N GLU D 46 12.49 -14.12 -17.31
CA GLU D 46 11.14 -13.94 -17.79
C GLU D 46 10.29 -15.08 -17.25
N TRP D 47 9.00 -14.82 -17.11
CA TRP D 47 8.05 -15.80 -16.60
C TRP D 47 7.24 -16.38 -17.77
N ARG D 48 7.54 -17.62 -18.14
CA ARG D 48 6.78 -18.32 -19.16
C ARG D 48 5.64 -19.10 -18.51
N MET D 49 4.74 -19.60 -19.34
CA MET D 49 3.58 -20.34 -18.87
C MET D 49 3.61 -21.77 -19.38
N VAL D 50 3.53 -22.72 -18.45
CA VAL D 50 3.50 -24.14 -18.78
C VAL D 50 2.06 -24.65 -18.67
N ALA D 51 1.88 -25.96 -18.79
CA ALA D 51 0.55 -26.54 -18.77
C ALA D 51 -0.07 -26.47 -17.38
N SER D 52 -1.36 -26.19 -17.34
CA SER D 52 -2.08 -26.04 -16.08
C SER D 52 -2.42 -27.42 -15.49
N MET D 53 -2.77 -27.40 -14.20
CA MET D 53 -3.15 -28.62 -13.50
C MET D 53 -4.55 -29.07 -13.89
N SER D 54 -4.84 -30.34 -13.61
CA SER D 54 -6.14 -30.89 -13.96
C SER D 54 -7.25 -30.33 -13.07
N LYS D 55 -6.98 -30.17 -11.78
CA LYS D 55 -7.93 -29.58 -10.85
C LYS D 55 -7.32 -28.32 -10.25
N ARG D 56 -8.19 -27.34 -9.97
CA ARG D 56 -7.75 -26.11 -9.33
C ARG D 56 -7.26 -26.40 -7.92
N ARG D 57 -6.16 -25.75 -7.52
CA ARG D 57 -5.50 -26.07 -6.25
C ARG D 57 -5.26 -24.81 -5.42
N CYS D 58 -6.18 -24.54 -4.49
CA CYS D 58 -5.98 -23.49 -3.49
C CYS D 58 -5.24 -24.07 -2.28
N GLY D 59 -4.13 -23.44 -1.92
CA GLY D 59 -3.38 -23.91 -0.77
C GLY D 59 -2.74 -25.27 -1.00
N VAL D 60 -2.16 -25.48 -2.14
CA VAL D 60 -1.55 -26.76 -2.48
C VAL D 60 -0.16 -26.84 -1.87
N GLY D 61 0.22 -28.04 -1.43
CA GLY D 61 1.59 -28.31 -1.06
C GLY D 61 2.38 -28.80 -2.26
N VAL D 62 3.59 -28.27 -2.41
CA VAL D 62 4.42 -28.59 -3.56
C VAL D 62 5.85 -28.82 -3.10
N SER D 63 6.49 -29.86 -3.62
CA SER D 63 7.91 -30.12 -3.41
C SER D 63 8.49 -30.72 -4.69
N VAL D 64 9.73 -31.20 -4.60
CA VAL D 64 10.47 -31.68 -5.76
C VAL D 64 11.10 -33.02 -5.40
N LEU D 65 10.53 -34.10 -5.94
CA LEU D 65 10.97 -35.47 -5.68
C LEU D 65 11.51 -36.08 -6.97
N ASP D 66 12.83 -36.25 -7.02
CA ASP D 66 13.51 -36.89 -8.14
C ASP D 66 13.26 -36.12 -9.44
N ASP D 67 13.51 -34.80 -9.37
CA ASP D 67 13.35 -33.88 -10.50
C ASP D 67 11.95 -33.93 -11.10
N LEU D 68 10.95 -34.22 -10.27
CA LEU D 68 9.55 -34.24 -10.64
C LEU D 68 8.76 -33.35 -9.70
N LEU D 69 7.85 -32.56 -10.26
CA LEU D 69 7.04 -31.64 -9.47
C LEU D 69 5.77 -32.33 -9.02
N TYR D 70 5.50 -32.27 -7.72
CA TYR D 70 4.30 -32.86 -7.13
C TYR D 70 3.42 -31.77 -6.55
N ALA D 71 2.12 -31.91 -6.73
CA ALA D 71 1.11 -31.07 -6.08
C ALA D 71 0.24 -31.96 -5.21
N VAL D 72 0.01 -31.53 -3.97
CA VAL D 72 -0.65 -32.36 -2.96
C VAL D 72 -1.82 -31.60 -2.36
N GLY D 73 -2.98 -32.25 -2.27
CA GLY D 73 -4.13 -31.68 -1.61
C GLY D 73 -4.63 -30.43 -2.31
N GLY D 74 -5.23 -29.54 -1.52
CA GLY D 74 -5.75 -28.27 -2.00
C GLY D 74 -7.26 -28.22 -1.96
N HIS D 75 -7.78 -27.08 -2.41
CA HIS D 75 -9.22 -26.82 -2.45
C HIS D 75 -9.58 -26.33 -3.85
N ASP D 76 -10.35 -27.12 -4.59
CA ASP D 76 -10.71 -26.74 -5.95
C ASP D 76 -11.83 -25.71 -6.01
N GLY D 77 -12.17 -25.09 -4.89
CA GLY D 77 -13.22 -24.10 -4.83
C GLY D 77 -14.56 -24.65 -4.38
N SER D 78 -14.78 -25.96 -4.48
CA SER D 78 -16.00 -26.58 -4.00
C SER D 78 -15.70 -27.53 -2.85
N SER D 79 -15.11 -28.68 -3.11
CA SER D 79 -14.77 -29.65 -2.07
C SER D 79 -13.26 -29.64 -1.83
N TYR D 80 -12.88 -30.26 -0.71
CA TYR D 80 -11.47 -30.43 -0.41
C TYR D 80 -10.91 -31.60 -1.19
N LEU D 81 -9.59 -31.60 -1.34
CA LEU D 81 -8.92 -32.53 -2.24
C LEU D 81 -7.93 -33.39 -1.46
N ASN D 82 -7.84 -34.66 -1.86
CA ASN D 82 -6.77 -35.55 -1.44
C ASN D 82 -5.89 -35.97 -2.59
N SER D 83 -6.33 -35.76 -3.83
CA SER D 83 -5.63 -36.21 -5.02
C SER D 83 -4.28 -35.50 -5.15
N VAL D 84 -3.43 -36.06 -6.02
CA VAL D 84 -2.10 -35.56 -6.26
C VAL D 84 -1.85 -35.55 -7.75
N GLU D 85 -1.08 -34.56 -8.22
CA GLU D 85 -0.66 -34.50 -9.62
C GLU D 85 0.84 -34.30 -9.70
N ARG D 86 1.46 -34.96 -10.67
CA ARG D 86 2.89 -34.86 -10.90
C ARG D 86 3.16 -34.14 -12.22
N TYR D 87 4.28 -33.42 -12.26
CA TYR D 87 4.69 -32.69 -13.44
C TYR D 87 6.08 -33.15 -13.85
N ASP D 88 6.26 -33.41 -15.15
CA ASP D 88 7.57 -33.69 -15.70
C ASP D 88 8.09 -32.43 -16.38
N PRO D 89 9.15 -31.81 -15.88
CA PRO D 89 9.64 -30.56 -16.50
C PRO D 89 10.14 -30.76 -17.92
N LYS D 90 10.47 -31.99 -18.31
CA LYS D 90 10.97 -32.23 -19.65
C LYS D 90 9.83 -32.31 -20.66
N THR D 91 8.78 -33.06 -20.34
CA THR D 91 7.68 -33.29 -21.28
C THR D 91 6.63 -32.19 -21.26
N ASN D 92 6.60 -31.33 -20.24
CA ASN D 92 5.51 -30.39 -20.04
C ASN D 92 4.17 -31.12 -20.04
N GLN D 93 4.05 -32.10 -19.15
CA GLN D 93 2.85 -32.91 -19.08
C GLN D 93 2.50 -33.19 -17.63
N TRP D 94 1.21 -33.05 -17.32
CA TRP D 94 0.69 -33.30 -15.99
C TRP D 94 0.06 -34.69 -16.01
N SER D 95 0.51 -35.56 -15.11
CA SER D 95 -0.06 -36.89 -14.94
C SER D 95 -0.76 -36.95 -13.59
N SER D 96 -1.98 -37.49 -13.59
CA SER D 96 -2.75 -37.67 -12.37
C SER D 96 -2.63 -39.08 -11.81
N ASP D 97 -1.51 -39.76 -12.07
CA ASP D 97 -1.36 -41.18 -11.75
C ASP D 97 -1.00 -41.42 -10.29
N VAL D 98 -0.40 -40.45 -9.61
CA VAL D 98 -0.01 -40.64 -8.21
C VAL D 98 -1.26 -40.79 -7.35
N ALA D 99 -1.17 -41.67 -6.34
CA ALA D 99 -2.28 -41.98 -5.43
C ALA D 99 -2.70 -40.74 -4.64
N PRO D 100 -3.85 -40.78 -3.95
CA PRO D 100 -4.23 -39.65 -3.08
C PRO D 100 -3.87 -39.88 -1.63
N THR D 101 -3.78 -38.80 -0.86
CA THR D 101 -3.54 -38.91 0.57
C THR D 101 -4.75 -39.54 1.26
N SER D 102 -4.53 -40.06 2.47
CA SER D 102 -5.61 -40.73 3.18
C SER D 102 -6.65 -39.73 3.71
N THR D 103 -6.27 -38.48 3.91
CA THR D 103 -7.21 -37.44 4.34
C THR D 103 -7.12 -36.27 3.36
N ALA D 104 -8.28 -35.66 3.10
CA ALA D 104 -8.32 -34.48 2.24
C ALA D 104 -7.75 -33.28 2.99
N ARG D 105 -6.74 -32.64 2.40
CA ARG D 105 -5.98 -31.61 3.10
C ARG D 105 -5.86 -30.36 2.23
N THR D 106 -5.91 -29.20 2.89
CA THR D 106 -5.75 -27.91 2.24
C THR D 106 -4.80 -27.06 3.08
N SER D 107 -4.04 -26.21 2.40
CA SER D 107 -3.01 -25.39 3.06
C SER D 107 -2.09 -26.28 3.90
N VAL D 108 -1.34 -27.11 3.18
CA VAL D 108 -0.50 -28.13 3.77
C VAL D 108 0.90 -27.99 3.21
N GLY D 109 1.89 -28.34 4.02
CA GLY D 109 3.29 -28.27 3.64
C GLY D 109 3.84 -29.65 3.32
N VAL D 110 4.71 -29.71 2.31
CA VAL D 110 5.32 -30.97 1.90
C VAL D 110 6.81 -30.73 1.64
N ALA D 111 7.58 -31.81 1.75
CA ALA D 111 9.03 -31.74 1.57
C ALA D 111 9.56 -33.13 1.25
N VAL D 112 10.84 -33.18 0.91
CA VAL D 112 11.50 -34.42 0.50
C VAL D 112 12.60 -34.74 1.51
N LEU D 113 12.67 -36.00 1.94
CA LEU D 113 13.63 -36.41 2.96
C LEU D 113 14.00 -37.87 2.72
N GLY D 114 15.22 -38.09 2.23
CA GLY D 114 15.69 -39.42 1.91
C GLY D 114 14.85 -40.07 0.83
N GLY D 115 14.71 -39.38 -0.30
CA GLY D 115 13.89 -39.87 -1.40
C GLY D 115 12.44 -40.14 -1.07
N PHE D 116 11.95 -39.78 0.10
CA PHE D 116 10.55 -39.99 0.47
C PHE D 116 9.86 -38.64 0.67
N LEU D 117 8.64 -38.53 0.16
CA LEU D 117 7.86 -37.30 0.28
C LEU D 117 6.96 -37.36 1.51
N TYR D 118 6.77 -36.21 2.15
CA TYR D 118 6.00 -36.12 3.38
C TYR D 118 5.00 -34.99 3.26
N ALA D 119 3.73 -35.26 3.58
CA ALA D 119 2.68 -34.25 3.63
C ALA D 119 2.30 -34.06 5.08
N VAL D 120 2.58 -32.87 5.61
CA VAL D 120 2.49 -32.62 7.05
C VAL D 120 1.61 -31.40 7.31
N GLY D 121 0.73 -31.52 8.29
CA GLY D 121 -0.14 -30.43 8.69
C GLY D 121 -1.46 -30.40 7.96
N GLY D 122 -1.89 -29.21 7.54
CA GLY D 122 -3.08 -29.07 6.72
C GLY D 122 -4.35 -28.85 7.50
N GLN D 123 -5.47 -28.94 6.78
CA GLN D 123 -6.79 -28.83 7.39
C GLN D 123 -7.80 -29.53 6.51
N ASP D 124 -8.92 -29.93 7.12
CA ASP D 124 -10.03 -30.54 6.43
C ASP D 124 -11.33 -29.74 6.61
N GLY D 125 -11.22 -28.47 6.97
CA GLY D 125 -12.37 -27.60 7.10
C GLY D 125 -13.24 -27.90 8.30
N VAL D 126 -12.96 -29.02 8.97
CA VAL D 126 -13.66 -29.39 10.19
C VAL D 126 -12.78 -29.03 11.38
N SER D 127 -11.46 -29.21 11.21
CA SER D 127 -10.50 -28.87 12.26
C SER D 127 -9.11 -28.86 11.66
N ALA D 128 -8.20 -28.20 12.37
CA ALA D 128 -6.80 -28.27 11.99
C ALA D 128 -6.30 -29.71 12.14
N LEU D 129 -5.18 -30.00 11.47
CA LEU D 129 -4.67 -31.36 11.40
C LEU D 129 -3.24 -31.43 11.92
N ASN D 130 -2.92 -32.55 12.58
CA ASN D 130 -1.56 -32.89 12.99
C ASN D 130 -1.08 -34.17 12.30
N ILE D 131 -1.78 -34.59 11.25
CA ILE D 131 -1.57 -35.89 10.61
C ILE D 131 -0.47 -35.76 9.57
N VAL D 132 0.57 -36.57 9.69
CA VAL D 132 1.67 -36.61 8.74
C VAL D 132 1.56 -37.89 7.92
N GLU D 133 1.84 -37.79 6.61
CA GLU D 133 1.80 -38.96 5.76
C GLU D 133 3.04 -39.01 4.87
N ARG D 134 3.46 -40.24 4.55
CA ARG D 134 4.71 -40.49 3.85
C ARG D 134 4.41 -41.15 2.51
N TYR D 135 4.90 -40.53 1.44
CA TYR D 135 4.80 -41.08 0.10
C TYR D 135 6.18 -41.50 -0.39
N ASP D 136 6.20 -42.42 -1.35
CA ASP D 136 7.44 -42.85 -2.00
C ASP D 136 7.14 -43.26 -3.44
N PRO D 137 7.94 -42.79 -4.41
CA PRO D 137 7.61 -43.06 -5.82
C PRO D 137 7.47 -44.53 -6.15
N LYS D 138 8.25 -45.40 -5.49
CA LYS D 138 8.31 -46.80 -5.87
C LYS D 138 7.03 -47.55 -5.52
N GLU D 139 6.72 -47.69 -4.22
CA GLU D 139 5.50 -48.40 -3.83
C GLU D 139 4.25 -47.63 -4.22
N ASN D 140 4.34 -46.30 -4.31
CA ASN D 140 3.25 -45.45 -4.80
C ASN D 140 1.99 -45.55 -3.93
N LYS D 141 2.18 -45.57 -2.61
CA LYS D 141 1.09 -45.44 -1.66
C LYS D 141 1.57 -44.60 -0.48
N TRP D 142 0.66 -44.32 0.45
CA TRP D 142 0.96 -43.54 1.65
C TRP D 142 0.91 -44.39 2.90
N THR D 143 1.83 -44.14 3.82
CA THR D 143 1.81 -44.76 5.14
C THR D 143 1.91 -43.64 6.17
N ARG D 144 0.83 -43.44 6.92
CA ARG D 144 0.83 -42.40 7.95
C ARG D 144 1.92 -42.67 8.97
N VAL D 145 2.83 -41.71 9.12
CA VAL D 145 3.89 -41.81 10.11
C VAL D 145 3.41 -41.17 11.41
N ALA D 146 4.31 -41.02 12.37
CA ALA D 146 3.94 -40.47 13.67
C ALA D 146 3.30 -39.10 13.50
N SER D 147 2.04 -38.99 13.91
CA SER D 147 1.35 -37.72 13.84
C SER D 147 1.99 -36.70 14.77
N MET D 148 1.66 -35.43 14.54
CA MET D 148 2.33 -34.31 15.17
C MET D 148 1.72 -34.02 16.55
N SER D 149 2.51 -33.34 17.39
CA SER D 149 2.07 -32.95 18.73
C SER D 149 0.94 -31.93 18.67
N THR D 150 1.22 -30.72 18.18
CA THR D 150 0.21 -29.70 18.04
C THR D 150 -0.26 -29.60 16.58
N ARG D 151 -1.54 -29.30 16.42
CA ARG D 151 -2.12 -29.23 15.08
C ARG D 151 -1.62 -28.00 14.34
N ARG D 152 -1.40 -28.16 13.02
CA ARG D 152 -0.83 -27.10 12.18
C ARG D 152 -1.63 -27.01 10.90
N LEU D 153 -2.23 -25.84 10.65
CA LEU D 153 -2.81 -25.53 9.35
C LEU D 153 -2.00 -24.39 8.73
N GLY D 154 -1.72 -24.49 7.44
CA GLY D 154 -0.88 -23.51 6.81
C GLY D 154 0.56 -23.51 7.28
N VAL D 155 1.01 -24.61 7.88
CA VAL D 155 2.40 -24.71 8.31
C VAL D 155 3.32 -24.71 7.09
N ALA D 156 4.57 -24.31 7.33
CA ALA D 156 5.63 -24.46 6.34
C ALA D 156 6.68 -25.41 6.87
N VAL D 157 7.43 -26.02 5.96
CA VAL D 157 8.43 -27.02 6.32
C VAL D 157 9.63 -26.89 5.40
N ALA D 158 10.80 -27.25 5.93
CA ALA D 158 12.02 -27.36 5.14
C ALA D 158 12.89 -28.43 5.79
N VAL D 159 13.75 -29.02 4.98
CA VAL D 159 14.58 -30.14 5.40
C VAL D 159 16.03 -29.66 5.48
N LEU D 160 16.69 -29.99 6.58
CA LEU D 160 18.09 -29.58 6.81
C LEU D 160 18.85 -30.74 7.43
N GLY D 161 19.68 -31.40 6.64
CA GLY D 161 20.54 -32.47 7.14
C GLY D 161 19.77 -33.63 7.74
N GLY D 162 18.89 -34.24 6.95
CA GLY D 162 18.14 -35.39 7.42
C GLY D 162 17.11 -35.10 8.49
N PHE D 163 16.75 -33.84 8.69
CA PHE D 163 15.82 -33.42 9.72
C PHE D 163 14.61 -32.74 9.08
N LEU D 164 13.42 -33.07 9.55
CA LEU D 164 12.18 -32.49 9.05
C LEU D 164 11.64 -31.51 10.09
N TYR D 165 11.77 -30.22 9.81
CA TYR D 165 11.31 -29.17 10.70
C TYR D 165 9.95 -28.64 10.24
N ALA D 166 9.06 -28.38 11.20
CA ALA D 166 7.73 -27.84 10.94
C ALA D 166 7.60 -26.49 11.61
N VAL D 167 7.57 -25.43 10.81
CA VAL D 167 7.68 -24.05 11.31
C VAL D 167 6.31 -23.40 11.23
N GLY D 168 5.86 -22.86 12.36
CA GLY D 168 4.66 -22.03 12.42
C GLY D 168 3.33 -22.73 12.22
N GLY D 169 2.51 -22.20 11.33
CA GLY D 169 1.17 -22.67 11.13
C GLY D 169 0.26 -22.33 12.31
N SER D 170 -1.03 -22.51 12.08
CA SER D 170 -2.06 -22.25 13.07
C SER D 170 -2.63 -23.57 13.58
N ASP D 171 -3.03 -23.57 14.85
CA ASP D 171 -3.58 -24.76 15.50
C ASP D 171 -5.09 -24.85 15.39
N GLY D 172 -5.69 -24.09 14.48
CA GLY D 172 -7.13 -24.00 14.43
C GLY D 172 -7.74 -23.14 15.51
N THR D 173 -6.93 -22.32 16.19
CA THR D 173 -7.43 -21.40 17.20
C THR D 173 -6.64 -20.10 17.16
N SER D 174 -5.31 -20.20 17.20
CA SER D 174 -4.44 -19.05 17.14
C SER D 174 -3.19 -19.43 16.37
N PRO D 175 -2.55 -18.48 15.68
CA PRO D 175 -1.25 -18.77 15.09
C PRO D 175 -0.28 -19.31 16.14
N LEU D 176 0.70 -20.09 15.68
CA LEU D 176 1.64 -20.77 16.56
C LEU D 176 3.05 -20.27 16.32
N ASN D 177 3.81 -20.09 17.39
CA ASN D 177 5.22 -19.74 17.33
C ASN D 177 6.12 -20.92 17.71
N THR D 178 5.62 -22.14 17.60
CA THR D 178 6.36 -23.34 17.96
C THR D 178 7.05 -23.93 16.74
N VAL D 179 8.05 -24.77 16.99
CA VAL D 179 8.77 -25.48 15.95
C VAL D 179 8.96 -26.93 16.41
N GLU D 180 8.52 -27.88 15.58
CA GLU D 180 8.67 -29.30 15.85
C GLU D 180 9.54 -29.94 14.78
N ARG D 181 10.17 -31.05 15.14
CA ARG D 181 11.07 -31.74 14.22
C ARG D 181 10.79 -33.22 14.22
N TYR D 182 10.88 -33.82 13.03
CA TYR D 182 10.71 -35.25 12.83
C TYR D 182 11.99 -35.81 12.25
N ASN D 183 12.38 -36.98 12.73
CA ASN D 183 13.51 -37.70 12.20
C ASN D 183 13.08 -39.09 11.78
N PRO D 184 13.33 -39.50 10.53
CA PRO D 184 12.85 -40.82 10.09
C PRO D 184 13.50 -41.96 10.82
N GLN D 185 14.65 -41.73 11.45
CA GLN D 185 15.30 -42.76 12.27
C GLN D 185 14.46 -43.07 13.50
N GLU D 186 14.11 -42.04 14.28
CA GLU D 186 13.40 -42.23 15.54
C GLU D 186 11.90 -42.36 15.34
N ASN D 187 11.34 -41.74 14.30
CA ASN D 187 9.90 -41.71 14.05
C ASN D 187 9.16 -41.08 15.22
N ARG D 188 9.58 -39.86 15.58
CA ARG D 188 8.93 -39.11 16.63
C ARG D 188 9.13 -37.62 16.40
N TRP D 189 8.21 -36.83 16.93
CA TRP D 189 8.23 -35.37 16.80
C TRP D 189 8.84 -34.77 18.06
N HIS D 190 9.95 -34.06 17.90
CA HIS D 190 10.66 -33.44 19.01
C HIS D 190 10.49 -31.93 18.96
N THR D 191 10.29 -31.32 20.13
CA THR D 191 10.00 -29.90 20.19
C THR D 191 11.28 -29.07 20.12
N ILE D 192 11.23 -27.98 19.34
CA ILE D 192 12.39 -27.15 19.02
C ILE D 192 12.06 -25.69 19.32
N ALA D 193 13.11 -24.90 19.57
CA ALA D 193 13.11 -23.48 19.92
C ALA D 193 11.94 -22.70 19.32
N PRO D 194 11.09 -22.10 20.16
CA PRO D 194 9.95 -21.34 19.64
C PRO D 194 10.38 -20.21 18.72
N MET D 195 9.50 -19.89 17.77
CA MET D 195 9.70 -18.78 16.86
C MET D 195 9.48 -17.45 17.59
N GLY D 196 10.08 -16.39 17.03
CA GLY D 196 10.01 -15.08 17.68
C GLY D 196 8.66 -14.40 17.54
N THR D 197 7.96 -14.65 16.43
CA THR D 197 6.62 -14.12 16.21
C THR D 197 5.73 -15.24 15.65
N ARG D 198 4.50 -15.32 16.15
CA ARG D 198 3.56 -16.31 15.67
C ARG D 198 3.23 -16.08 14.20
N ARG D 199 3.40 -17.12 13.38
CA ARG D 199 3.19 -17.00 11.95
C ARG D 199 2.11 -17.98 11.50
N LYS D 200 1.73 -17.85 10.23
CA LYS D 200 0.49 -18.46 9.72
C LYS D 200 0.45 -18.32 8.21
N HIS D 201 0.43 -19.43 7.50
CA HIS D 201 0.63 -19.45 6.05
C HIS D 201 1.93 -18.71 5.70
N LEU D 202 3.02 -19.18 6.28
CA LEU D 202 4.24 -18.38 6.26
C LEU D 202 5.16 -18.70 5.09
N GLY D 203 5.31 -19.98 4.72
CA GLY D 203 6.22 -20.34 3.66
C GLY D 203 7.67 -20.27 4.08
N CYS D 204 8.45 -21.30 3.75
CA CYS D 204 9.78 -21.41 4.34
C CYS D 204 10.62 -22.39 3.54
N ALA D 205 11.92 -22.11 3.45
CA ALA D 205 12.88 -22.99 2.82
C ALA D 205 14.26 -22.70 3.41
N VAL D 206 15.24 -23.49 3.02
CA VAL D 206 16.58 -23.43 3.59
C VAL D 206 17.47 -22.54 2.73
N TYR D 207 18.51 -21.99 3.36
CA TYR D 207 19.47 -21.12 2.68
C TYR D 207 20.75 -21.11 3.49
N GLN D 208 21.84 -21.61 2.90
CA GLN D 208 23.17 -21.54 3.50
C GLN D 208 23.23 -22.32 4.82
N ASP D 209 22.94 -23.62 4.72
CA ASP D 209 22.98 -24.53 5.87
C ASP D 209 22.19 -23.97 7.05
N MET D 210 21.08 -23.31 6.75
CA MET D 210 20.28 -22.65 7.77
C MET D 210 18.89 -22.43 7.19
N ILE D 211 17.89 -22.49 8.05
CA ILE D 211 16.48 -22.43 7.64
C ILE D 211 15.96 -21.02 7.86
N TYR D 212 15.59 -20.34 6.76
CA TYR D 212 15.06 -18.98 6.80
C TYR D 212 13.53 -19.04 6.78
N ALA D 213 12.91 -18.70 7.91
CA ALA D 213 11.46 -18.55 7.98
C ALA D 213 11.12 -17.10 7.71
N VAL D 214 10.27 -16.85 6.72
CA VAL D 214 9.96 -15.50 6.27
C VAL D 214 8.47 -15.40 6.00
N GLY D 215 7.91 -14.21 6.23
CA GLY D 215 6.54 -13.94 5.85
C GLY D 215 5.55 -14.38 6.91
N GLY D 216 4.32 -14.60 6.46
CA GLY D 216 3.28 -15.14 7.31
C GLY D 216 2.29 -14.08 7.76
N ARG D 217 1.32 -14.53 8.58
CA ARG D 217 0.25 -13.68 9.06
C ARG D 217 0.18 -13.77 10.58
N ASP D 218 0.37 -12.63 11.23
CA ASP D 218 0.18 -12.51 12.67
C ASP D 218 -1.28 -12.82 13.03
N ASP D 219 -1.53 -12.96 14.34
CA ASP D 219 -2.88 -13.14 14.84
C ASP D 219 -3.83 -12.08 14.28
N THR D 220 -3.35 -10.84 14.17
CA THR D 220 -4.16 -9.74 13.64
C THR D 220 -3.98 -9.61 12.13
N THR D 221 -2.92 -8.91 11.72
CA THR D 221 -2.70 -8.55 10.32
C THR D 221 -1.47 -9.25 9.76
N GLU D 222 -1.29 -9.12 8.45
CA GLU D 222 -0.18 -9.75 7.75
C GLU D 222 1.16 -9.25 8.29
N LEU D 223 2.23 -9.94 7.88
CA LEU D 223 3.56 -9.65 8.38
C LEU D 223 4.54 -9.53 7.21
N SER D 224 5.55 -8.69 7.40
CA SER D 224 6.68 -8.60 6.48
C SER D 224 8.00 -8.90 7.16
N SER D 225 7.99 -9.25 8.44
CA SER D 225 9.20 -9.56 9.19
C SER D 225 9.75 -10.92 8.80
N ALA D 226 11.02 -11.14 9.11
CA ALA D 226 11.71 -12.38 8.78
C ALA D 226 12.68 -12.74 9.89
N GLU D 227 12.86 -14.04 10.12
CA GLU D 227 13.82 -14.51 11.11
C GLU D 227 14.21 -15.95 10.80
N ARG D 228 15.48 -16.26 10.99
CA ARG D 228 16.07 -17.53 10.62
C ARG D 228 16.45 -18.33 11.85
N TYR D 229 16.61 -19.65 11.65
CA TYR D 229 16.95 -20.59 12.73
C TYR D 229 18.21 -21.34 12.35
N ASN D 230 19.22 -21.28 13.21
CA ASN D 230 20.43 -22.06 13.01
C ASN D 230 20.25 -23.42 13.67
N PRO D 231 20.35 -24.52 12.92
CA PRO D 231 20.15 -25.83 13.55
C PRO D 231 21.11 -26.10 14.70
N ARG D 232 22.34 -25.60 14.59
CA ARG D 232 23.34 -25.85 15.63
C ARG D 232 22.99 -25.07 16.90
N THR D 233 22.95 -23.74 16.81
CA THR D 233 22.84 -22.91 18.00
C THR D 233 21.47 -23.04 18.67
N ASN D 234 20.46 -23.54 17.94
CA ASN D 234 19.12 -23.75 18.46
C ASN D 234 18.49 -22.44 18.93
N GLN D 235 18.62 -21.40 18.12
CA GLN D 235 18.04 -20.10 18.42
C GLN D 235 17.51 -19.45 17.15
N TRP D 236 16.51 -18.59 17.31
CA TRP D 236 15.87 -17.88 16.21
C TRP D 236 16.41 -16.45 16.20
N SER D 237 17.30 -16.16 15.24
CA SER D 237 17.91 -14.85 15.14
C SER D 237 17.17 -14.01 14.11
N PRO D 238 16.63 -12.83 14.49
CA PRO D 238 15.88 -11.99 13.53
C PRO D 238 16.66 -11.65 12.26
N VAL D 239 15.92 -11.24 11.21
CA VAL D 239 16.47 -10.88 9.91
C VAL D 239 15.80 -9.59 9.47
N VAL D 240 16.49 -8.85 8.58
CA VAL D 240 15.88 -7.66 7.98
C VAL D 240 14.54 -8.04 7.36
N ALA D 241 13.54 -7.18 7.57
CA ALA D 241 12.18 -7.49 7.18
C ALA D 241 11.96 -7.25 5.69
N MET D 242 10.95 -7.93 5.15
CA MET D 242 10.63 -7.82 3.73
C MET D 242 10.08 -6.44 3.41
N THR D 243 10.17 -6.08 2.13
CA THR D 243 9.66 -4.79 1.69
C THR D 243 8.14 -4.78 1.59
N SER D 244 7.50 -5.94 1.54
CA SER D 244 6.04 -6.00 1.48
C SER D 244 5.51 -7.08 2.42
N ARG D 245 4.45 -6.74 3.16
CA ARG D 245 3.70 -7.74 3.90
C ARG D 245 3.35 -8.89 2.97
N ARG D 246 3.56 -10.12 3.44
CA ARG D 246 3.21 -11.29 2.63
C ARG D 246 2.70 -12.42 3.53
N SER D 247 1.46 -12.83 3.30
CA SER D 247 0.87 -14.01 3.92
C SER D 247 0.52 -15.00 2.82
N GLY D 248 0.67 -16.29 3.11
CA GLY D 248 0.50 -17.30 2.09
C GLY D 248 1.55 -17.20 1.00
N VAL D 249 2.79 -16.86 1.38
CA VAL D 249 3.85 -16.56 0.43
C VAL D 249 4.79 -17.76 0.33
N GLY D 250 4.95 -18.29 -0.88
CA GLY D 250 5.93 -19.33 -1.09
C GLY D 250 7.34 -18.82 -0.89
N LEU D 251 8.26 -19.77 -0.66
CA LEU D 251 9.65 -19.42 -0.48
C LEU D 251 10.54 -20.58 -0.91
N ALA D 252 11.67 -20.25 -1.53
CA ALA D 252 12.59 -21.25 -2.04
C ALA D 252 13.90 -20.54 -2.41
N VAL D 253 14.91 -21.35 -2.73
CA VAL D 253 16.22 -20.86 -3.12
C VAL D 253 16.55 -21.43 -4.48
N VAL D 254 16.77 -20.56 -5.46
CA VAL D 254 17.22 -20.96 -6.79
C VAL D 254 18.66 -20.51 -6.93
N ASN D 255 19.48 -21.36 -7.57
CA ASN D 255 20.90 -21.13 -7.88
C ASN D 255 21.57 -20.06 -7.02
N GLY D 256 21.44 -20.17 -5.70
CA GLY D 256 22.12 -19.29 -4.78
C GLY D 256 21.39 -18.01 -4.42
N GLN D 257 20.13 -17.87 -4.79
CA GLN D 257 19.35 -16.65 -4.53
C GLN D 257 18.08 -17.03 -3.78
N LEU D 258 17.98 -16.59 -2.53
CA LEU D 258 16.80 -16.84 -1.71
C LEU D 258 15.74 -15.80 -2.04
N MET D 259 14.62 -16.25 -2.62
CA MET D 259 13.58 -15.34 -3.06
C MET D 259 12.23 -15.77 -2.50
N ALA D 260 11.46 -14.78 -2.05
CA ALA D 260 10.05 -14.98 -1.75
C ALA D 260 9.22 -14.72 -3.00
N VAL D 261 7.98 -15.23 -2.99
CA VAL D 261 7.18 -15.27 -4.22
C VAL D 261 5.70 -15.23 -3.87
N GLY D 262 4.96 -14.40 -4.60
CA GLY D 262 3.51 -14.33 -4.42
C GLY D 262 3.14 -13.75 -3.07
N GLY D 263 1.97 -14.16 -2.58
CA GLY D 263 1.53 -13.82 -1.24
C GLY D 263 0.36 -12.84 -1.25
N PHE D 264 -0.01 -12.43 -0.04
CA PHE D 264 -1.11 -11.50 0.19
C PHE D 264 -0.66 -10.45 1.19
N ASP D 265 -0.73 -9.17 0.79
CA ASP D 265 -0.23 -8.08 1.61
C ASP D 265 -1.25 -7.52 2.59
N GLY D 266 -2.52 -7.88 2.44
CA GLY D 266 -3.57 -7.34 3.28
C GLY D 266 -4.57 -6.49 2.55
N THR D 267 -4.28 -6.11 1.30
CA THR D 267 -5.24 -5.35 0.51
C THR D 267 -5.45 -6.00 -0.86
N THR D 268 -4.41 -6.61 -1.44
CA THR D 268 -4.55 -7.28 -2.72
C THR D 268 -3.58 -8.44 -2.83
N TYR D 269 -3.93 -9.37 -3.72
CA TYR D 269 -3.07 -10.52 -4.03
C TYR D 269 -1.85 -10.07 -4.81
N LEU D 270 -0.72 -10.71 -4.53
CA LEU D 270 0.58 -10.25 -5.00
C LEU D 270 1.09 -11.15 -6.11
N LYS D 271 1.57 -10.54 -7.19
CA LYS D 271 2.35 -11.25 -8.20
C LYS D 271 3.79 -10.78 -8.25
N THR D 272 4.19 -9.89 -7.35
CA THR D 272 5.59 -9.49 -7.24
C THR D 272 6.41 -10.54 -6.51
N ILE D 273 7.73 -10.47 -6.66
CA ILE D 273 8.65 -11.36 -5.96
C ILE D 273 9.79 -10.53 -5.39
N GLU D 274 10.38 -11.01 -4.31
CA GLU D 274 11.47 -10.30 -3.62
C GLU D 274 12.63 -11.24 -3.37
N VAL D 275 13.85 -10.74 -3.62
CA VAL D 275 15.07 -11.51 -3.43
C VAL D 275 15.91 -10.82 -2.36
N PHE D 276 16.81 -11.59 -1.76
CA PHE D 276 17.62 -11.11 -0.65
C PHE D 276 19.07 -11.53 -0.82
N ASP D 277 19.98 -10.57 -0.75
CA ASP D 277 21.41 -10.86 -0.74
C ASP D 277 21.99 -10.39 0.60
N PRO D 278 22.53 -11.29 1.42
CA PRO D 278 23.20 -10.85 2.65
C PRO D 278 24.33 -9.86 2.43
N ASP D 279 24.85 -9.78 1.19
CA ASP D 279 25.88 -8.79 0.88
C ASP D 279 25.36 -7.37 1.14
N ALA D 280 24.12 -7.10 0.76
CA ALA D 280 23.47 -5.83 1.04
C ALA D 280 22.63 -5.85 2.31
N ASN D 281 22.20 -7.03 2.77
CA ASN D 281 21.33 -7.17 3.93
C ASN D 281 20.04 -6.36 3.78
N THR D 282 19.55 -6.25 2.55
CA THR D 282 18.27 -5.61 2.26
C THR D 282 17.47 -6.49 1.31
N TRP D 283 16.16 -6.54 1.54
CA TRP D 283 15.26 -7.18 0.59
C TRP D 283 15.10 -6.30 -0.63
N ARG D 284 14.99 -6.92 -1.80
CA ARG D 284 14.98 -6.17 -3.04
C ARG D 284 13.90 -6.71 -3.98
N LEU D 285 13.13 -5.80 -4.57
CA LEU D 285 12.12 -6.17 -5.53
C LEU D 285 12.74 -6.42 -6.90
N TYR D 286 12.23 -7.44 -7.59
CA TYR D 286 12.51 -7.62 -9.01
C TYR D 286 11.23 -8.06 -9.71
N GLY D 287 11.33 -8.25 -11.03
CA GLY D 287 10.20 -8.54 -11.87
C GLY D 287 9.29 -9.65 -11.39
N GLY D 288 8.06 -9.31 -11.05
CA GLY D 288 7.10 -10.29 -10.59
C GLY D 288 6.62 -11.19 -11.72
N MET D 289 5.68 -12.06 -11.36
CA MET D 289 5.13 -13.04 -12.29
C MET D 289 3.82 -12.52 -12.88
N ASN D 290 3.08 -13.41 -13.54
CA ASN D 290 1.88 -12.98 -14.25
C ASN D 290 0.63 -13.16 -13.40
N TYR D 291 0.47 -14.32 -12.78
CA TYR D 291 -0.67 -14.61 -11.93
C TYR D 291 -0.44 -14.12 -10.51
N ARG D 292 -1.45 -13.47 -9.93
CA ARG D 292 -1.42 -13.08 -8.53
C ARG D 292 -1.76 -14.31 -7.70
N ARG D 293 -0.75 -14.94 -7.10
CA ARG D 293 -0.93 -16.22 -6.41
C ARG D 293 -0.89 -16.03 -4.91
N LEU D 294 -1.93 -16.53 -4.24
CA LEU D 294 -2.04 -16.48 -2.78
C LEU D 294 -2.04 -17.91 -2.27
N GLY D 295 -1.04 -18.26 -1.46
CA GLY D 295 -0.96 -19.61 -0.92
C GLY D 295 -0.73 -20.67 -1.96
N GLY D 296 0.09 -20.37 -2.97
CA GLY D 296 0.47 -21.37 -3.94
C GLY D 296 1.64 -22.19 -3.44
N GLY D 297 2.19 -22.99 -4.35
CA GLY D 297 3.38 -23.76 -4.09
C GLY D 297 4.54 -23.29 -4.94
N VAL D 298 5.72 -23.87 -4.65
CA VAL D 298 6.93 -23.62 -5.42
C VAL D 298 7.71 -24.92 -5.54
N GLY D 299 8.52 -25.00 -6.60
CA GLY D 299 9.37 -26.15 -6.82
C GLY D 299 10.65 -25.76 -7.51
N VAL D 300 11.78 -26.30 -7.06
CA VAL D 300 13.09 -26.05 -7.66
C VAL D 300 13.58 -27.35 -8.26
N ILE D 301 13.82 -27.34 -9.58
CA ILE D 301 14.27 -28.53 -10.29
C ILE D 301 15.50 -28.18 -11.11
N LYS D 302 16.36 -29.17 -11.31
CA LYS D 302 17.48 -29.02 -12.23
C LYS D 302 16.96 -29.06 -13.66
N MET D 303 17.56 -28.26 -14.53
CA MET D 303 17.16 -28.25 -15.93
C MET D 303 18.17 -27.48 -16.78
N GLY E 19 -11.56 -4.55 -50.52
CA GLY E 19 -11.63 -4.31 -49.09
C GLY E 19 -10.40 -4.76 -48.32
N GLU E 20 -10.41 -4.55 -47.01
CA GLU E 20 -9.28 -4.90 -46.15
C GLU E 20 -9.77 -5.75 -44.98
N VAL E 21 -8.99 -6.78 -44.64
CA VAL E 21 -9.34 -7.70 -43.57
C VAL E 21 -8.14 -7.93 -42.66
N LEU E 22 -8.43 -8.41 -41.45
CA LEU E 22 -7.44 -8.61 -40.40
C LEU E 22 -7.39 -10.07 -39.98
N PHE E 23 -6.18 -10.59 -39.81
CA PHE E 23 -5.98 -11.95 -39.36
C PHE E 23 -5.44 -11.98 -37.93
N ALA E 24 -5.47 -13.18 -37.34
CA ALA E 24 -5.00 -13.40 -35.99
C ALA E 24 -4.40 -14.80 -35.91
N VAL E 25 -3.17 -14.89 -35.42
CA VAL E 25 -2.39 -16.12 -35.52
C VAL E 25 -1.78 -16.48 -34.16
N GLY E 26 -1.95 -17.73 -33.76
CA GLY E 26 -1.15 -18.30 -32.68
C GLY E 26 -1.59 -17.82 -31.31
N GLY E 27 -0.60 -17.69 -30.43
CA GLY E 27 -0.81 -17.28 -29.06
C GLY E 27 -0.88 -18.46 -28.10
N TRP E 28 -0.85 -18.12 -26.82
CA TRP E 28 -0.96 -19.10 -25.74
C TRP E 28 -2.23 -18.81 -24.96
N ALA E 29 -2.87 -19.86 -24.47
CA ALA E 29 -4.16 -19.71 -23.79
C ALA E 29 -4.48 -20.98 -23.01
N SER E 30 -4.38 -20.91 -21.68
CA SER E 30 -4.92 -21.91 -20.78
C SER E 30 -4.28 -23.28 -21.00
N GLY E 31 -3.10 -23.50 -20.42
CA GLY E 31 -2.47 -24.81 -20.45
C GLY E 31 -1.75 -25.19 -21.73
N ASP E 32 -2.29 -24.81 -22.88
CA ASP E 32 -1.70 -25.14 -24.17
C ASP E 32 -1.57 -23.90 -25.03
N ALA E 33 -0.63 -23.96 -25.97
CA ALA E 33 -0.50 -22.91 -26.97
C ALA E 33 -1.59 -23.05 -28.03
N ILE E 34 -1.75 -22.01 -28.84
CA ILE E 34 -2.80 -21.95 -29.84
C ILE E 34 -2.18 -22.13 -31.22
N SER E 35 -2.76 -23.02 -32.02
CA SER E 35 -2.44 -23.13 -33.44
C SER E 35 -3.55 -22.58 -34.32
N SER E 36 -4.62 -22.07 -33.73
CA SER E 36 -5.81 -21.67 -34.48
C SER E 36 -5.63 -20.28 -35.09
N VAL E 37 -6.37 -20.04 -36.17
CA VAL E 37 -6.31 -18.79 -36.93
C VAL E 37 -7.73 -18.31 -37.18
N GLU E 38 -7.92 -16.99 -37.12
CA GLU E 38 -9.23 -16.42 -37.41
C GLU E 38 -9.04 -15.05 -38.04
N ARG E 39 -9.98 -14.71 -38.93
CA ARG E 39 -9.93 -13.50 -39.76
C ARG E 39 -11.09 -12.58 -39.39
N TYR E 40 -10.80 -11.31 -39.19
CA TYR E 40 -11.83 -10.31 -38.95
C TYR E 40 -12.26 -9.69 -40.28
N ASP E 41 -13.54 -9.78 -40.58
CA ASP E 41 -14.10 -9.18 -41.79
C ASP E 41 -14.90 -7.94 -41.40
N PRO E 42 -14.35 -6.72 -41.57
CA PRO E 42 -15.15 -5.53 -41.25
C PRO E 42 -16.36 -5.38 -42.13
N GLN E 43 -16.37 -6.02 -43.30
CA GLN E 43 -17.53 -5.99 -44.18
C GLN E 43 -18.79 -6.42 -43.44
N THR E 44 -18.66 -7.39 -42.54
CA THR E 44 -19.70 -7.80 -41.60
C THR E 44 -18.97 -8.09 -40.29
N ASN E 45 -18.77 -7.04 -39.48
CA ASN E 45 -17.82 -7.05 -38.36
C ASN E 45 -17.90 -8.30 -37.48
N GLU E 46 -17.61 -9.46 -38.08
CA GLU E 46 -17.58 -10.73 -37.37
C GLU E 46 -16.21 -11.38 -37.58
N TRP E 47 -16.01 -12.49 -36.89
CA TRP E 47 -14.75 -13.23 -36.93
C TRP E 47 -15.03 -14.61 -37.50
N ARG E 48 -14.52 -14.88 -38.70
CA ARG E 48 -14.58 -16.21 -39.27
C ARG E 48 -13.46 -17.07 -38.70
N MET E 49 -13.66 -18.37 -38.74
CA MET E 49 -12.62 -19.30 -38.37
C MET E 49 -11.79 -19.65 -39.60
N VAL E 50 -10.47 -19.64 -39.44
CA VAL E 50 -9.54 -19.88 -40.53
C VAL E 50 -8.81 -21.19 -40.27
N ALA E 51 -8.46 -21.88 -41.36
CA ALA E 51 -7.64 -23.07 -41.28
C ALA E 51 -6.45 -22.85 -40.35
N SER E 52 -6.31 -23.73 -39.36
CA SER E 52 -5.31 -23.56 -38.34
C SER E 52 -3.91 -23.77 -38.92
N MET E 53 -2.91 -23.70 -38.05
CA MET E 53 -1.52 -23.76 -38.46
C MET E 53 -1.00 -25.19 -38.34
N SER E 54 0.21 -25.41 -38.88
CA SER E 54 0.79 -26.74 -38.80
C SER E 54 1.27 -27.06 -37.40
N LYS E 55 1.59 -26.04 -36.60
CA LYS E 55 2.01 -26.29 -35.22
C LYS E 55 1.55 -25.13 -34.33
N ARG E 56 1.22 -25.46 -33.08
CA ARG E 56 0.87 -24.45 -32.10
C ARG E 56 2.07 -23.55 -31.83
N ARG E 57 1.84 -22.23 -31.82
CA ARG E 57 2.93 -21.27 -31.65
C ARG E 57 2.54 -20.19 -30.66
N CYS E 58 3.17 -20.23 -29.48
CA CYS E 58 3.13 -19.15 -28.50
C CYS E 58 4.25 -18.17 -28.77
N GLY E 59 3.95 -16.88 -28.68
CA GLY E 59 4.95 -15.88 -29.00
C GLY E 59 5.39 -15.92 -30.44
N VAL E 60 4.45 -16.04 -31.35
CA VAL E 60 4.77 -16.09 -32.78
C VAL E 60 4.74 -14.68 -33.34
N GLY E 61 5.64 -14.41 -34.28
CA GLY E 61 5.70 -13.14 -34.98
C GLY E 61 5.15 -13.30 -36.39
N VAL E 62 4.37 -12.32 -36.83
CA VAL E 62 3.69 -12.39 -38.12
C VAL E 62 3.68 -11.03 -38.77
N SER E 63 3.78 -11.03 -40.10
CA SER E 63 3.75 -9.80 -40.87
C SER E 63 3.13 -10.09 -42.24
N VAL E 64 3.20 -9.12 -43.13
CA VAL E 64 2.42 -9.11 -44.37
C VAL E 64 3.38 -8.80 -45.53
N LEU E 65 3.93 -9.84 -46.14
CA LEU E 65 4.82 -9.72 -47.29
C LEU E 65 4.13 -10.32 -48.51
N ASP E 66 3.95 -9.49 -49.54
CA ASP E 66 3.42 -9.93 -50.83
C ASP E 66 1.98 -10.45 -50.68
N ASP E 67 1.22 -9.80 -49.81
CA ASP E 67 -0.17 -10.19 -49.52
C ASP E 67 -0.26 -11.64 -49.03
N LEU E 68 0.72 -12.04 -48.22
CA LEU E 68 0.78 -13.37 -47.64
C LEU E 68 1.16 -13.24 -46.17
N LEU E 69 0.37 -13.85 -45.28
CA LEU E 69 0.76 -13.94 -43.89
C LEU E 69 2.00 -14.83 -43.77
N TYR E 70 2.90 -14.46 -42.87
CA TYR E 70 4.02 -15.31 -42.51
C TYR E 70 4.02 -15.48 -41.00
N ALA E 71 4.55 -16.61 -40.53
CA ALA E 71 4.68 -16.87 -39.10
C ALA E 71 6.05 -17.49 -38.83
N VAL E 72 6.70 -17.05 -37.75
CA VAL E 72 8.10 -17.37 -37.51
C VAL E 72 8.30 -17.81 -36.08
N GLY E 73 9.19 -18.78 -35.88
CA GLY E 73 9.61 -19.17 -34.55
C GLY E 73 8.46 -19.65 -33.69
N GLY E 74 8.49 -19.24 -32.42
CA GLY E 74 7.43 -19.56 -31.49
C GLY E 74 7.80 -20.70 -30.55
N HIS E 75 6.91 -20.93 -29.59
CA HIS E 75 6.98 -22.04 -28.65
C HIS E 75 5.78 -22.94 -28.90
N ASP E 76 6.03 -24.24 -29.07
CA ASP E 76 4.95 -25.16 -29.37
C ASP E 76 4.40 -25.85 -28.13
N GLY E 77 4.95 -25.57 -26.96
CA GLY E 77 4.51 -26.21 -25.73
C GLY E 77 5.66 -26.83 -24.96
N SER E 78 6.42 -27.69 -25.63
CA SER E 78 7.56 -28.35 -25.02
C SER E 78 8.90 -27.92 -25.60
N SER E 79 8.91 -27.22 -26.74
CA SER E 79 10.16 -26.92 -27.44
C SER E 79 10.06 -25.55 -28.09
N TYR E 80 11.23 -25.01 -28.41
CA TYR E 80 11.31 -23.77 -29.17
C TYR E 80 11.26 -24.08 -30.66
N LEU E 81 10.69 -23.16 -31.42
CA LEU E 81 10.46 -23.36 -32.85
C LEU E 81 11.33 -22.43 -33.67
N ASN E 82 11.86 -22.96 -34.77
CA ASN E 82 12.60 -22.21 -35.78
C ASN E 82 11.92 -22.21 -37.14
N SER E 83 11.16 -23.25 -37.45
CA SER E 83 10.47 -23.34 -38.73
C SER E 83 9.53 -22.16 -38.92
N VAL E 84 9.12 -21.97 -40.17
CA VAL E 84 8.18 -20.91 -40.51
C VAL E 84 7.16 -21.46 -41.52
N GLU E 85 5.99 -20.82 -41.53
CA GLU E 85 4.94 -21.12 -42.50
C GLU E 85 4.33 -19.82 -42.98
N ARG E 86 3.76 -19.86 -44.19
CA ARG E 86 3.04 -18.73 -44.73
C ARG E 86 1.66 -19.18 -45.18
N TYR E 87 0.71 -18.24 -45.17
CA TYR E 87 -0.69 -18.55 -45.43
C TYR E 87 -1.19 -17.72 -46.60
N ASP E 88 -2.07 -18.30 -47.41
CA ASP E 88 -2.63 -17.62 -48.56
C ASP E 88 -4.13 -17.41 -48.35
N PRO E 89 -4.61 -16.17 -48.29
CA PRO E 89 -6.05 -15.94 -48.04
C PRO E 89 -6.97 -16.51 -49.12
N LYS E 90 -6.65 -16.31 -50.40
CA LYS E 90 -7.60 -16.64 -51.45
C LYS E 90 -7.73 -18.14 -51.69
N THR E 91 -6.77 -18.94 -51.22
CA THR E 91 -6.90 -20.39 -51.26
C THR E 91 -7.22 -21.00 -49.92
N ASN E 92 -6.89 -20.32 -48.82
CA ASN E 92 -7.07 -20.82 -47.46
C ASN E 92 -6.32 -22.13 -47.27
N GLN E 93 -4.99 -22.00 -47.20
CA GLN E 93 -4.15 -23.14 -46.86
C GLN E 93 -2.78 -22.63 -46.42
N TRP E 94 -2.27 -23.22 -45.34
CA TRP E 94 -0.95 -22.87 -44.85
C TRP E 94 0.12 -23.61 -45.65
N SER E 95 1.24 -22.93 -45.85
CA SER E 95 2.35 -23.45 -46.65
C SER E 95 3.62 -23.46 -45.79
N SER E 96 4.15 -24.65 -45.53
CA SER E 96 5.34 -24.79 -44.70
C SER E 96 6.59 -25.05 -45.55
N ASP E 97 6.58 -24.62 -46.81
CA ASP E 97 7.73 -24.80 -47.69
C ASP E 97 8.77 -23.70 -47.56
N VAL E 98 8.53 -22.69 -46.73
CA VAL E 98 9.48 -21.61 -46.55
C VAL E 98 10.59 -22.06 -45.62
N ALA E 99 11.82 -21.63 -45.93
CA ALA E 99 13.00 -22.07 -45.19
C ALA E 99 12.90 -21.66 -43.72
N PRO E 100 13.65 -22.34 -42.83
CA PRO E 100 13.59 -21.98 -41.42
C PRO E 100 14.58 -20.89 -41.04
N THR E 101 14.63 -20.54 -39.76
CA THR E 101 15.57 -19.56 -39.25
C THR E 101 16.84 -20.24 -38.73
N SER E 102 17.87 -19.43 -38.49
CA SER E 102 19.16 -19.98 -38.07
C SER E 102 19.06 -20.65 -36.71
N THR E 103 18.32 -20.05 -35.78
CA THR E 103 18.17 -20.58 -34.43
C THR E 103 16.69 -20.61 -34.06
N ALA E 104 16.38 -21.40 -33.03
CA ALA E 104 15.01 -21.56 -32.55
C ALA E 104 14.69 -20.41 -31.61
N ARG E 105 14.19 -19.32 -32.18
CA ARG E 105 13.84 -18.12 -31.44
C ARG E 105 12.33 -17.99 -31.31
N THR E 106 11.89 -17.39 -30.20
CA THR E 106 10.47 -17.18 -29.91
C THR E 106 10.27 -15.75 -29.42
N SER E 107 8.99 -15.37 -29.32
CA SER E 107 8.58 -14.02 -28.94
C SER E 107 9.42 -12.97 -29.66
N VAL E 108 9.40 -13.07 -30.98
CA VAL E 108 10.22 -12.26 -31.87
C VAL E 108 9.31 -11.45 -32.78
N GLY E 109 9.77 -10.24 -33.13
CA GLY E 109 9.00 -9.35 -33.97
C GLY E 109 9.50 -9.36 -35.40
N VAL E 110 8.58 -9.12 -36.34
CA VAL E 110 8.88 -9.14 -37.76
C VAL E 110 8.09 -8.05 -38.47
N ALA E 111 8.61 -7.63 -39.63
CA ALA E 111 7.96 -6.59 -40.42
C ALA E 111 8.49 -6.64 -41.84
N VAL E 112 7.73 -6.04 -42.76
CA VAL E 112 8.06 -6.01 -44.17
C VAL E 112 8.54 -4.61 -44.53
N LEU E 113 9.58 -4.56 -45.36
CA LEU E 113 10.16 -3.28 -45.80
C LEU E 113 10.63 -3.45 -47.24
N GLY E 114 9.82 -2.98 -48.19
CA GLY E 114 10.12 -3.08 -49.60
C GLY E 114 10.34 -4.52 -50.05
N GLY E 115 9.33 -5.37 -49.85
CA GLY E 115 9.41 -6.76 -50.25
C GLY E 115 10.44 -7.59 -49.52
N PHE E 116 11.04 -7.06 -48.45
CA PHE E 116 12.10 -7.72 -47.70
C PHE E 116 11.67 -7.81 -46.24
N LEU E 117 11.56 -9.04 -45.72
CA LEU E 117 11.04 -9.29 -44.38
C LEU E 117 12.18 -9.56 -43.40
N TYR E 118 12.14 -8.86 -42.26
CA TYR E 118 13.17 -8.95 -41.24
C TYR E 118 12.60 -9.61 -39.98
N ALA E 119 13.50 -10.14 -39.14
CA ALA E 119 13.14 -10.79 -37.88
C ALA E 119 14.07 -10.31 -36.78
N VAL E 120 13.52 -9.57 -35.82
CA VAL E 120 14.32 -8.76 -34.90
C VAL E 120 14.24 -9.35 -33.49
N GLY E 121 15.40 -9.76 -32.96
CA GLY E 121 15.54 -10.12 -31.56
C GLY E 121 14.96 -11.46 -31.19
N GLY E 122 14.26 -11.52 -30.07
CA GLY E 122 13.51 -12.71 -29.73
C GLY E 122 14.20 -13.55 -28.66
N GLN E 123 13.38 -14.24 -27.87
CA GLN E 123 13.86 -15.16 -26.85
C GLN E 123 14.35 -16.46 -27.49
N ASP E 124 15.37 -17.06 -26.89
CA ASP E 124 15.93 -18.30 -27.41
C ASP E 124 16.59 -19.02 -26.23
N GLY E 125 15.79 -19.80 -25.50
CA GLY E 125 16.26 -20.66 -24.44
C GLY E 125 17.40 -20.15 -23.57
N VAL E 126 18.55 -19.88 -24.18
CA VAL E 126 19.73 -19.46 -23.43
C VAL E 126 19.65 -17.98 -23.06
N SER E 127 19.24 -17.13 -23.99
CA SER E 127 19.22 -15.69 -23.72
C SER E 127 18.43 -14.97 -24.80
N ALA E 128 17.95 -13.78 -24.46
CA ALA E 128 17.54 -12.83 -25.47
C ALA E 128 18.71 -12.55 -26.41
N LEU E 129 18.41 -12.33 -27.67
CA LEU E 129 19.44 -12.27 -28.69
C LEU E 129 19.48 -10.91 -29.36
N ASN E 130 20.69 -10.46 -29.69
CA ASN E 130 20.92 -9.27 -30.50
C ASN E 130 21.13 -9.63 -31.96
N ILE E 131 20.17 -10.38 -32.52
CA ILE E 131 20.29 -11.00 -33.83
C ILE E 131 19.18 -10.48 -34.72
N VAL E 132 19.51 -10.26 -36.00
CA VAL E 132 18.54 -9.86 -37.01
C VAL E 132 18.78 -10.70 -38.25
N GLU E 133 17.69 -11.10 -38.92
CA GLU E 133 17.77 -11.89 -40.14
C GLU E 133 16.76 -11.37 -41.15
N ARG E 134 16.94 -11.76 -42.41
CA ARG E 134 16.10 -11.28 -43.50
C ARG E 134 15.79 -12.44 -44.44
N TYR E 135 14.71 -12.30 -45.19
CA TYR E 135 14.22 -13.34 -46.09
C TYR E 135 13.91 -12.72 -47.45
N ASP E 136 14.47 -13.30 -48.51
CA ASP E 136 14.16 -12.84 -49.86
C ASP E 136 13.10 -13.77 -50.45
N PRO E 137 11.90 -13.27 -50.76
CA PRO E 137 10.87 -14.18 -51.30
C PRO E 137 11.27 -14.87 -52.59
N LYS E 138 11.76 -14.11 -53.57
CA LYS E 138 12.11 -14.70 -54.86
C LYS E 138 13.31 -15.64 -54.77
N GLU E 139 14.14 -15.51 -53.73
CA GLU E 139 15.30 -16.38 -53.56
C GLU E 139 15.03 -17.56 -52.62
N ASN E 140 14.08 -17.42 -51.69
CA ASN E 140 13.71 -18.47 -50.74
C ASN E 140 14.88 -18.89 -49.86
N LYS E 141 15.80 -17.97 -49.60
CA LYS E 141 16.89 -18.17 -48.65
C LYS E 141 16.83 -17.10 -47.57
N TRP E 142 17.56 -17.34 -46.49
CA TRP E 142 17.58 -16.43 -45.35
C TRP E 142 18.77 -15.49 -45.45
N THR E 143 18.49 -14.20 -45.57
CA THR E 143 19.54 -13.18 -45.54
C THR E 143 19.94 -12.89 -44.11
N ARG E 144 21.24 -12.83 -43.86
CA ARG E 144 21.78 -12.52 -42.53
C ARG E 144 22.30 -11.08 -42.55
N VAL E 145 21.72 -10.23 -41.70
CA VAL E 145 22.08 -8.81 -41.69
C VAL E 145 22.75 -8.45 -40.36
N ALA E 146 22.78 -7.15 -40.05
CA ALA E 146 23.60 -6.65 -38.94
C ALA E 146 23.02 -7.07 -37.59
N SER E 147 23.94 -7.34 -36.65
CA SER E 147 23.53 -7.66 -35.29
C SER E 147 22.85 -6.46 -34.63
N MET E 148 22.07 -6.75 -33.59
CA MET E 148 21.37 -5.72 -32.84
C MET E 148 22.28 -5.10 -31.78
N SER E 149 22.02 -3.83 -31.46
CA SER E 149 22.83 -3.15 -30.45
C SER E 149 22.46 -3.59 -29.04
N THR E 150 21.23 -4.04 -28.81
CA THR E 150 20.80 -4.49 -27.50
C THR E 150 19.96 -5.76 -27.64
N ARG E 151 20.30 -6.78 -26.85
CA ARG E 151 19.58 -8.05 -26.87
C ARG E 151 18.11 -7.85 -26.53
N ARG E 152 17.27 -7.61 -27.53
CA ARG E 152 15.86 -7.32 -27.32
C ARG E 152 15.00 -8.57 -27.57
N LEU E 153 14.29 -9.01 -26.54
CA LEU E 153 13.29 -10.06 -26.66
C LEU E 153 11.94 -9.52 -26.21
N GLY E 154 10.87 -10.10 -26.75
CA GLY E 154 9.55 -9.54 -26.50
C GLY E 154 9.43 -8.13 -27.04
N VAL E 155 9.95 -7.89 -28.24
CA VAL E 155 10.04 -6.56 -28.82
C VAL E 155 9.24 -6.54 -30.12
N ALA E 156 8.24 -5.67 -30.19
CA ALA E 156 7.51 -5.47 -31.44
C ALA E 156 8.30 -4.54 -32.36
N VAL E 157 7.89 -4.49 -33.63
CA VAL E 157 8.59 -3.69 -34.64
C VAL E 157 7.58 -3.04 -35.55
N ALA E 158 7.95 -1.87 -36.07
CA ALA E 158 7.16 -1.15 -37.07
C ALA E 158 8.12 -0.54 -38.09
N VAL E 159 7.58 -0.16 -39.24
CA VAL E 159 8.39 0.36 -40.34
C VAL E 159 7.70 1.57 -40.95
N LEU E 160 8.49 2.61 -41.25
CA LEU E 160 7.97 3.82 -41.87
C LEU E 160 9.11 4.55 -42.58
N GLY E 161 8.94 4.78 -43.88
CA GLY E 161 9.91 5.53 -44.65
C GLY E 161 11.25 4.86 -44.82
N GLY E 162 11.26 3.57 -45.16
CA GLY E 162 12.50 2.84 -45.36
C GLY E 162 13.26 2.49 -44.11
N PHE E 163 12.74 2.86 -42.93
CA PHE E 163 13.40 2.57 -41.66
C PHE E 163 12.46 1.77 -40.79
N LEU E 164 12.96 0.68 -40.20
CA LEU E 164 12.19 -0.13 -39.27
C LEU E 164 12.73 0.07 -37.86
N TYR E 165 11.82 0.10 -36.89
CA TYR E 165 12.14 0.43 -35.50
C TYR E 165 11.80 -0.78 -34.63
N ALA E 166 12.79 -1.26 -33.87
CA ALA E 166 12.55 -2.31 -32.88
C ALA E 166 12.25 -1.64 -31.54
N VAL E 167 11.01 -1.74 -31.10
CA VAL E 167 10.46 -0.88 -30.05
C VAL E 167 10.37 -1.66 -28.74
N GLY E 168 11.15 -1.22 -27.75
CA GLY E 168 10.97 -1.75 -26.40
C GLY E 168 11.51 -3.15 -26.25
N GLY E 169 10.81 -3.95 -25.44
CA GLY E 169 11.22 -5.30 -25.13
C GLY E 169 11.93 -5.40 -23.80
N SER E 170 12.66 -6.50 -23.63
CA SER E 170 13.50 -6.72 -22.46
C SER E 170 14.89 -7.10 -22.96
N ASP E 171 15.87 -7.06 -22.05
CA ASP E 171 17.27 -7.28 -22.43
C ASP E 171 17.84 -8.53 -21.76
N GLY E 172 17.03 -9.59 -21.67
CA GLY E 172 17.45 -10.83 -21.06
C GLY E 172 17.63 -10.80 -19.56
N THR E 173 17.53 -9.62 -18.93
CA THR E 173 17.62 -9.50 -17.48
C THR E 173 16.61 -8.54 -16.87
N SER E 174 16.10 -7.55 -17.61
CA SER E 174 15.05 -6.62 -17.19
C SER E 174 14.46 -5.88 -18.39
N PRO E 175 13.21 -5.45 -18.33
CA PRO E 175 12.63 -4.70 -19.46
C PRO E 175 13.42 -3.43 -19.74
N LEU E 176 13.21 -2.88 -20.92
CA LEU E 176 13.83 -1.61 -21.27
C LEU E 176 12.86 -0.77 -22.09
N ASN E 177 13.22 0.50 -22.26
CA ASN E 177 12.42 1.46 -22.99
C ASN E 177 13.14 2.05 -24.21
N THR E 178 14.36 1.60 -24.49
CA THR E 178 15.12 2.15 -25.59
C THR E 178 14.60 1.63 -26.93
N VAL E 179 14.68 2.49 -27.94
CA VAL E 179 14.22 2.15 -29.29
C VAL E 179 15.42 2.26 -30.21
N GLU E 180 15.36 1.56 -31.34
CA GLU E 180 16.46 1.51 -32.29
C GLU E 180 15.91 1.57 -33.70
N ARG E 181 16.65 2.23 -34.59
CA ARG E 181 16.28 2.36 -36.00
C ARG E 181 17.33 1.66 -36.86
N TYR E 182 16.87 1.04 -37.95
CA TYR E 182 17.76 0.36 -38.90
C TYR E 182 17.60 0.96 -40.29
N ASN E 183 18.68 0.93 -41.05
CA ASN E 183 18.68 1.39 -42.43
C ASN E 183 19.19 0.28 -43.33
N PRO E 184 18.35 -0.31 -44.19
CA PRO E 184 18.85 -1.28 -45.18
C PRO E 184 19.97 -0.70 -46.03
N GLU E 185 20.01 0.62 -46.15
CA GLU E 185 21.08 1.28 -46.91
C GLU E 185 22.41 1.19 -46.18
N GLU E 186 22.46 1.72 -44.95
CA GLU E 186 23.74 1.85 -44.25
C GLU E 186 24.16 0.59 -43.52
N ASN E 187 23.27 -0.41 -43.38
CA ASN E 187 23.61 -1.70 -42.78
C ASN E 187 24.16 -1.54 -41.36
N ARG E 188 23.47 -0.73 -40.55
CA ARG E 188 23.85 -0.54 -39.16
C ARG E 188 22.63 -0.05 -38.38
N TRP E 189 22.73 -0.13 -37.05
CA TRP E 189 21.63 0.19 -36.15
C TRP E 189 21.91 1.51 -35.45
N HIS E 190 21.14 2.53 -35.82
CA HIS E 190 21.21 3.85 -35.18
C HIS E 190 20.13 3.93 -34.11
N THR E 191 20.54 4.14 -32.87
CA THR E 191 19.59 4.15 -31.75
C THR E 191 18.78 5.44 -31.75
N ILE E 192 17.45 5.31 -31.86
CA ILE E 192 16.54 6.46 -31.89
C ILE E 192 16.03 6.72 -30.48
N ALA E 193 15.29 7.82 -30.28
CA ALA E 193 14.87 8.30 -28.99
C ALA E 193 14.14 7.20 -28.19
N PRO E 194 14.65 6.81 -27.02
CA PRO E 194 13.97 5.80 -26.21
C PRO E 194 12.57 6.24 -25.80
N MET E 195 11.82 5.27 -25.27
CA MET E 195 10.43 5.45 -24.87
C MET E 195 10.34 6.17 -23.52
N GLY E 196 9.10 6.41 -23.09
CA GLY E 196 8.84 7.01 -21.79
C GLY E 196 8.75 5.97 -20.69
N THR E 197 8.17 4.81 -20.99
CA THR E 197 8.02 3.74 -20.02
C THR E 197 8.53 2.43 -20.62
N ARG E 198 9.16 1.62 -19.77
CA ARG E 198 9.65 0.31 -20.20
C ARG E 198 8.48 -0.62 -20.48
N ARG E 199 8.40 -1.14 -21.69
CA ARG E 199 7.26 -1.96 -22.11
C ARG E 199 7.74 -3.26 -22.72
N LYS E 200 7.27 -4.38 -22.16
CA LYS E 200 7.75 -5.71 -22.51
C LYS E 200 6.61 -6.48 -23.18
N HIS E 201 6.93 -7.16 -24.28
CA HIS E 201 5.93 -7.81 -25.13
C HIS E 201 4.86 -6.82 -25.59
N LEU E 202 5.29 -5.60 -25.89
CA LEU E 202 4.35 -4.59 -26.35
C LEU E 202 3.91 -4.89 -27.79
N GLY E 203 3.03 -4.05 -28.31
CA GLY E 203 2.63 -4.14 -29.70
C GLY E 203 2.54 -2.76 -30.31
N CYS E 204 3.00 -2.61 -31.55
CA CYS E 204 3.01 -1.31 -32.21
C CYS E 204 2.83 -1.45 -33.71
N ALA E 205 2.29 -0.41 -34.33
CA ALA E 205 2.07 -0.37 -35.76
C ALA E 205 2.17 1.08 -36.22
N VAL E 206 1.83 1.33 -37.49
CA VAL E 206 1.94 2.65 -38.10
C VAL E 206 0.54 3.15 -38.44
N TYR E 207 0.16 4.29 -37.86
CA TYR E 207 -1.16 4.86 -38.04
C TYR E 207 -1.03 6.35 -38.30
N GLN E 208 -1.72 6.84 -39.34
CA GLN E 208 -1.72 8.25 -39.74
C GLN E 208 -0.31 8.84 -39.78
N ASP E 209 0.61 8.07 -40.39
CA ASP E 209 2.01 8.45 -40.56
C ASP E 209 2.74 8.57 -39.23
N MET E 210 2.28 7.85 -38.22
CA MET E 210 2.84 7.91 -36.87
C MET E 210 2.93 6.49 -36.31
N ILE E 211 3.90 6.28 -35.43
CA ILE E 211 4.07 4.98 -34.77
C ILE E 211 3.40 5.02 -33.41
N TYR E 212 2.37 4.19 -33.24
CA TYR E 212 1.67 4.03 -31.97
C TYR E 212 2.12 2.71 -31.35
N ALA E 213 2.54 2.76 -30.09
CA ALA E 213 2.89 1.57 -29.33
C ALA E 213 2.00 1.50 -28.09
N VAL E 214 1.50 0.30 -27.79
CA VAL E 214 0.51 0.10 -26.74
C VAL E 214 0.90 -1.12 -25.91
N GLY E 215 0.07 -1.42 -24.91
CA GLY E 215 0.24 -2.63 -24.13
C GLY E 215 1.51 -2.61 -23.30
N GLY E 216 2.23 -3.72 -23.31
CA GLY E 216 3.50 -3.81 -22.60
C GLY E 216 3.37 -4.41 -21.22
N ARG E 217 4.51 -4.40 -20.52
CA ARG E 217 4.57 -4.92 -19.15
C ARG E 217 5.68 -4.18 -18.41
N ASP E 218 5.29 -3.40 -17.39
CA ASP E 218 6.21 -2.54 -16.64
C ASP E 218 6.91 -3.35 -15.56
N ASP E 219 7.99 -4.02 -15.96
CA ASP E 219 8.83 -4.77 -15.04
C ASP E 219 8.01 -5.84 -14.32
N THR E 220 7.11 -5.40 -13.43
CA THR E 220 6.39 -6.31 -12.55
C THR E 220 4.87 -6.17 -12.66
N THR E 221 4.36 -5.66 -13.79
CA THR E 221 2.93 -5.47 -13.94
C THR E 221 2.57 -5.26 -15.41
N GLU E 222 1.39 -5.74 -15.78
CA GLU E 222 0.88 -5.55 -17.13
C GLU E 222 0.42 -4.10 -17.32
N LEU E 223 0.55 -3.62 -18.54
CA LEU E 223 0.44 -2.19 -18.84
C LEU E 223 -0.77 -1.86 -19.69
N SER E 224 -1.27 -0.63 -19.51
CA SER E 224 -2.32 -0.07 -20.34
C SER E 224 -1.93 1.27 -20.96
N SER E 225 -0.79 1.83 -20.58
CA SER E 225 -0.33 3.10 -21.12
C SER E 225 0.09 2.94 -22.58
N ALA E 226 -0.06 4.03 -23.34
CA ALA E 226 0.29 4.05 -24.75
C ALA E 226 0.96 5.36 -25.10
N GLU E 227 2.01 5.28 -25.92
CA GLU E 227 2.74 6.46 -26.40
C GLU E 227 2.93 6.37 -27.91
N ARG E 228 2.64 7.48 -28.59
CA ARG E 228 2.88 7.57 -30.02
C ARG E 228 4.27 8.17 -30.27
N TYR E 229 4.65 8.25 -31.54
CA TYR E 229 5.94 8.83 -31.92
C TYR E 229 5.85 9.35 -33.34
N ASN E 230 6.56 10.45 -33.60
CA ASN E 230 6.62 11.08 -34.91
C ASN E 230 8.08 11.13 -35.37
N PRO E 231 8.37 10.78 -36.63
CA PRO E 231 9.78 10.63 -37.04
C PRO E 231 10.57 11.94 -37.06
N ARG E 232 10.00 12.97 -37.69
CA ARG E 232 10.73 14.23 -37.83
C ARG E 232 10.85 14.99 -36.51
N THR E 233 10.05 14.67 -35.50
CA THR E 233 10.16 15.35 -34.21
C THR E 233 11.09 14.65 -33.24
N ASN E 234 11.20 13.32 -33.32
CA ASN E 234 12.09 12.52 -32.47
C ASN E 234 11.63 12.50 -31.01
N GLN E 235 10.33 12.71 -30.76
CA GLN E 235 9.80 12.71 -29.40
C GLN E 235 8.62 11.75 -29.28
N TRP E 236 8.54 11.08 -28.14
CA TRP E 236 7.44 10.17 -27.83
C TRP E 236 6.33 10.94 -27.12
N SER E 237 5.16 11.01 -27.77
CA SER E 237 4.02 11.72 -27.21
C SER E 237 3.08 10.73 -26.54
N PRO E 238 2.90 10.79 -25.21
CA PRO E 238 1.90 9.93 -24.58
C PRO E 238 0.51 10.13 -25.16
N VAL E 239 -0.13 9.02 -25.53
CA VAL E 239 -1.52 9.03 -25.99
C VAL E 239 -2.40 8.39 -24.93
N VAL E 240 -3.72 8.55 -25.12
CA VAL E 240 -4.68 8.07 -24.12
C VAL E 240 -4.47 6.60 -23.86
N ALA E 241 -4.46 6.22 -22.59
CA ALA E 241 -4.33 4.83 -22.22
C ALA E 241 -5.60 4.06 -22.55
N MET E 242 -5.44 2.79 -22.88
CA MET E 242 -6.59 1.97 -23.25
C MET E 242 -7.39 1.55 -22.01
N THR E 243 -8.54 0.93 -22.28
CA THR E 243 -9.45 0.52 -21.23
C THR E 243 -8.84 -0.59 -20.37
N SER E 244 -8.43 -1.68 -21.00
CA SER E 244 -7.89 -2.83 -20.28
C SER E 244 -6.40 -2.97 -20.55
N ARG E 245 -5.65 -3.28 -19.50
CA ARG E 245 -4.22 -3.53 -19.65
C ARG E 245 -4.00 -4.82 -20.42
N ARG E 246 -3.11 -4.79 -21.41
CA ARG E 246 -2.89 -5.92 -22.31
C ARG E 246 -1.39 -6.10 -22.54
N SER E 247 -0.77 -7.07 -21.84
CA SER E 247 0.59 -7.47 -22.12
C SER E 247 0.58 -8.59 -23.18
N GLY E 248 1.52 -8.52 -24.11
CA GLY E 248 1.50 -9.43 -25.23
C GLY E 248 0.46 -9.11 -26.28
N VAL E 249 0.09 -7.83 -26.40
CA VAL E 249 -0.98 -7.40 -27.29
C VAL E 249 -0.51 -7.49 -28.73
N GLY E 250 -1.44 -7.40 -29.68
CA GLY E 250 -1.12 -7.22 -31.08
C GLY E 250 -1.76 -5.95 -31.58
N LEU E 251 -1.03 -5.21 -32.42
CA LEU E 251 -1.49 -3.92 -32.92
C LEU E 251 -1.36 -3.87 -34.43
N ALA E 252 -2.41 -3.37 -35.09
CA ALA E 252 -2.39 -3.15 -36.52
C ALA E 252 -3.54 -2.21 -36.87
N VAL E 253 -3.54 -1.74 -38.11
CA VAL E 253 -4.57 -0.86 -38.62
C VAL E 253 -5.28 -1.54 -39.78
N VAL E 254 -6.59 -1.57 -39.72
CA VAL E 254 -7.41 -2.28 -40.70
C VAL E 254 -8.51 -1.34 -41.18
N ASN E 255 -8.59 -1.14 -42.49
CA ASN E 255 -9.63 -0.33 -43.11
C ASN E 255 -9.66 1.09 -42.55
N GLY E 256 -8.53 1.58 -42.02
CA GLY E 256 -8.38 2.94 -41.56
C GLY E 256 -8.30 3.10 -40.06
N GLN E 257 -8.93 2.21 -39.30
CA GLN E 257 -9.03 2.33 -37.85
C GLN E 257 -7.97 1.48 -37.16
N LEU E 258 -7.41 2.02 -36.08
CA LEU E 258 -6.45 1.31 -35.26
C LEU E 258 -7.15 0.43 -34.24
N MET E 259 -6.61 -0.76 -33.99
CA MET E 259 -7.21 -1.64 -32.98
C MET E 259 -6.14 -2.50 -32.30
N ALA E 260 -6.25 -2.59 -30.99
CA ALA E 260 -5.45 -3.51 -30.20
C ALA E 260 -6.21 -4.81 -30.01
N VAL E 261 -5.47 -5.90 -29.87
CA VAL E 261 -6.08 -7.22 -29.90
C VAL E 261 -5.26 -8.18 -29.05
N GLY E 262 -5.95 -9.10 -28.38
CA GLY E 262 -5.28 -10.14 -27.60
C GLY E 262 -4.87 -9.67 -26.22
N GLY E 263 -3.76 -10.23 -25.75
CA GLY E 263 -3.14 -9.75 -24.53
C GLY E 263 -3.66 -10.32 -23.23
N PHE E 264 -2.77 -10.43 -22.24
CA PHE E 264 -3.10 -10.87 -20.89
C PHE E 264 -3.33 -9.67 -20.00
N ASP E 265 -4.25 -9.82 -19.04
CA ASP E 265 -4.76 -8.72 -18.24
C ASP E 265 -4.13 -8.65 -16.86
N GLY E 266 -3.36 -9.65 -16.46
CA GLY E 266 -3.09 -9.87 -15.07
C GLY E 266 -4.16 -10.68 -14.37
N THR E 267 -5.15 -11.16 -15.12
CA THR E 267 -6.21 -12.00 -14.59
C THR E 267 -6.47 -13.18 -15.52
N THR E 268 -6.93 -12.91 -16.75
CA THR E 268 -7.15 -13.97 -17.72
C THR E 268 -6.71 -13.51 -19.10
N TYR E 269 -6.53 -14.48 -19.98
CA TYR E 269 -6.18 -14.22 -21.37
C TYR E 269 -7.38 -13.63 -22.09
N LEU E 270 -7.23 -12.42 -22.59
CA LEU E 270 -8.37 -11.69 -23.14
C LEU E 270 -8.62 -12.06 -24.60
N LYS E 271 -9.88 -11.96 -25.00
CA LYS E 271 -10.29 -12.18 -26.38
C LYS E 271 -10.99 -10.96 -26.98
N THR E 272 -11.03 -9.86 -26.24
CA THR E 272 -11.70 -8.66 -26.72
C THR E 272 -10.74 -7.84 -27.59
N ILE E 273 -11.32 -6.88 -28.30
CA ILE E 273 -10.56 -5.98 -29.17
C ILE E 273 -10.89 -4.54 -28.78
N GLU E 274 -9.92 -3.66 -28.98
CA GLU E 274 -10.09 -2.25 -28.65
C GLU E 274 -9.70 -1.41 -29.86
N VAL E 275 -10.68 -0.79 -30.49
CA VAL E 275 -10.45 0.14 -31.59
C VAL E 275 -10.20 1.51 -31.00
N PHE E 276 -9.34 2.29 -31.66
CA PHE E 276 -9.06 3.65 -31.23
C PHE E 276 -9.96 4.62 -31.99
N ASP E 277 -10.61 5.50 -31.26
CA ASP E 277 -11.43 6.55 -31.86
C ASP E 277 -10.79 7.88 -31.54
N PRO E 278 -10.18 8.57 -32.52
CA PRO E 278 -9.45 9.80 -32.21
C PRO E 278 -10.33 11.00 -31.93
N ASP E 279 -11.62 10.95 -32.33
CA ASP E 279 -12.50 12.09 -32.10
C ASP E 279 -12.91 12.22 -30.63
N ALA E 280 -12.98 11.11 -29.90
CA ALA E 280 -13.26 11.14 -28.47
C ALA E 280 -12.01 10.96 -27.63
N ASN E 281 -10.88 10.65 -28.25
CA ASN E 281 -9.62 10.40 -27.56
C ASN E 281 -9.80 9.33 -26.47
N THR E 282 -10.48 8.25 -26.84
CA THR E 282 -10.72 7.10 -25.96
C THR E 282 -10.44 5.81 -26.73
N TRP E 283 -10.56 4.71 -26.01
CA TRP E 283 -10.40 3.37 -26.56
C TRP E 283 -11.72 2.64 -26.38
N ARG E 284 -12.30 2.19 -27.49
CA ARG E 284 -13.61 1.55 -27.48
C ARG E 284 -13.43 0.05 -27.67
N LEU E 285 -13.80 -0.73 -26.66
CA LEU E 285 -13.60 -2.17 -26.70
C LEU E 285 -14.88 -2.88 -27.09
N TYR E 286 -14.72 -4.03 -27.75
CA TYR E 286 -15.83 -4.88 -28.17
C TYR E 286 -15.47 -6.33 -27.89
N GLY E 287 -16.50 -7.19 -27.89
CA GLY E 287 -16.27 -8.60 -27.65
C GLY E 287 -15.23 -9.18 -28.60
N GLY E 288 -15.41 -8.93 -29.89
CA GLY E 288 -14.37 -9.26 -30.84
C GLY E 288 -14.25 -10.76 -31.05
N MET E 289 -13.01 -11.24 -31.00
CA MET E 289 -12.64 -12.51 -31.58
C MET E 289 -13.02 -13.69 -30.68
N ASN E 290 -13.03 -14.88 -31.29
CA ASN E 290 -13.49 -16.09 -30.62
C ASN E 290 -12.45 -16.62 -29.64
N TYR E 291 -11.26 -16.92 -30.14
CA TYR E 291 -10.20 -17.47 -29.32
C TYR E 291 -9.59 -16.38 -28.45
N ARG E 292 -8.92 -16.81 -27.38
CA ARG E 292 -8.23 -15.92 -26.47
C ARG E 292 -6.74 -16.03 -26.73
N ARG E 293 -6.08 -14.91 -27.01
CA ARG E 293 -4.72 -14.92 -27.53
C ARG E 293 -3.79 -14.17 -26.59
N LEU E 294 -2.81 -14.87 -26.03
CA LEU E 294 -1.70 -14.26 -25.30
C LEU E 294 -0.43 -14.46 -26.13
N GLY E 295 0.22 -13.35 -26.49
CA GLY E 295 1.40 -13.43 -27.30
C GLY E 295 1.13 -13.87 -28.72
N GLY E 296 -0.06 -13.60 -29.25
CA GLY E 296 -0.38 -13.89 -30.63
C GLY E 296 -0.36 -12.60 -31.44
N GLY E 297 0.29 -12.66 -32.60
CA GLY E 297 0.37 -11.53 -33.50
C GLY E 297 -0.74 -11.50 -34.53
N VAL E 298 -0.71 -10.46 -35.37
CA VAL E 298 -1.73 -10.24 -36.40
C VAL E 298 -1.07 -9.75 -37.69
N GLY E 299 -1.88 -9.71 -38.75
CA GLY E 299 -1.47 -9.15 -40.02
C GLY E 299 -2.68 -8.70 -40.79
N VAL E 300 -2.48 -7.74 -41.69
CA VAL E 300 -3.57 -7.13 -42.45
C VAL E 300 -3.31 -7.34 -43.94
N ILE E 301 -4.31 -7.87 -44.65
CA ILE E 301 -4.19 -8.17 -46.06
C ILE E 301 -5.34 -7.54 -46.82
N LYS E 302 -5.03 -6.83 -47.90
CA LYS E 302 -6.05 -6.31 -48.78
C LYS E 302 -6.68 -7.45 -49.57
N MET E 303 -8.00 -7.49 -49.62
CA MET E 303 -8.69 -8.49 -50.44
C MET E 303 -9.87 -7.87 -51.16
N THR E 304 -9.92 -8.09 -52.47
CA THR E 304 -10.99 -7.57 -53.32
C THR E 304 -12.35 -8.16 -52.94
#